data_4RF7
#
_entry.id   4RF7
#
_cell.length_a   78.500
_cell.length_b   59.271
_cell.length_c   162.256
_cell.angle_alpha   90.00
_cell.angle_beta   91.31
_cell.angle_gamma   90.00
#
_symmetry.space_group_name_H-M   'P 1 21 1'
#
loop_
_entity.id
_entity.type
_entity.pdbx_description
1 polymer 'Arginine kinase'
2 non-polymer 'ACETATE ION'
3 non-polymer ARGININE
4 water water
#
_entity_poly.entity_id   1
_entity_poly.type   'polypeptide(L)'
_entity_poly.pdbx_seq_one_letter_code
;GPHMADPETAAKFKSKNAFPDPLNDPKCNPKSLVKKYLTPKVFESLKNKKTKLGITLWDCINSGVVNLDSGVGVYAGDEE
SYTLFGPLFDAIIEDYHSPYKLATGHNSDMNPAHVKAPDLDPANRYIRSTRIRVARSLKGYGLAPGVTKAHRLEIEKKVV
GVLTSLTGDLAGKYYPLSGMDEKTRQQLVDDHFLFKKGDRFLEAAGINKEWPEGRGIYHNNDKTFLVWLNEEDHLRIISM
EKGSDIGSVFSRLCRAVNEIDKKLGFQHTKKHGYLTSCPSNLGTGMRASVHVKIPHAKEHPDFENILTKYHIQARGIHGE
HSESTGEDAGVYDISNRRRLGLSEVQCVQDMYDGVKALMELEKEAIAKKRSVFPEVLKNPEVKSLLRKYLTPELFDSLKD
KKTAKGISLYDCINSGVENLDSSCGVYAGDEECYTLFAPLFDKIVEDYHSPYKLANKHTSDMNPEKVDAPNLDPEGTYIR
STRIRVARNVKGYALTPGLTRNERLDIERKVVGVLSSLTGDLAGQYYPLTGMDEATRQKLVNDHFLFKKGDRFLEAAGVN
KLWPEGRGIFHNNDKTFLVWINEEDQLRIISMEKGSDIGSVFGRLCRAVNEIDKQLGFQHTDAHGYLSGCPTNLGTGMRA
SVHVKIPKASAHPDFQKICDEFHIQARGIHGEHSVSTGEDAGVFDISNRRRLGLSEVQCVQDMYNGVKKLLEIEKSTK
;
_entity_poly.pdbx_strand_id   A,B
#
# COMPACT_ATOMS: atom_id res chain seq x y z
N MET A 4 40.31 64.63 -12.45
CA MET A 4 40.99 65.86 -12.84
C MET A 4 40.85 66.94 -11.77
N ALA A 5 41.30 66.63 -10.56
CA ALA A 5 41.25 67.61 -9.47
C ALA A 5 42.52 68.45 -9.43
N ASP A 6 42.35 69.77 -9.41
CA ASP A 6 43.50 70.69 -9.29
C ASP A 6 43.32 71.62 -8.09
N PRO A 7 43.60 71.10 -6.89
CA PRO A 7 43.50 71.92 -5.67
C PRO A 7 44.62 72.93 -5.57
N GLU A 8 45.77 72.64 -6.19
CA GLU A 8 46.92 73.55 -6.16
C GLU A 8 46.61 74.91 -6.78
N THR A 9 45.92 74.89 -7.93
CA THR A 9 45.54 76.11 -8.63
C THR A 9 44.46 76.88 -7.86
N ALA A 10 43.46 76.13 -7.37
CA ALA A 10 42.37 76.72 -6.60
C ALA A 10 42.87 77.43 -5.34
N ALA A 11 43.84 76.83 -4.66
CA ALA A 11 44.38 77.41 -3.43
C ALA A 11 45.03 78.77 -3.65
N LYS A 12 45.63 78.96 -4.83
CA LYS A 12 46.22 80.24 -5.20
C LYS A 12 45.20 81.36 -5.14
N PHE A 13 44.01 81.10 -5.68
CA PHE A 13 42.95 82.09 -5.72
C PHE A 13 42.25 82.20 -4.37
N LYS A 14 42.08 81.07 -3.69
CA LYS A 14 41.41 81.05 -2.39
C LYS A 14 42.16 81.85 -1.34
N SER A 15 43.48 81.67 -1.27
CA SER A 15 44.29 82.38 -0.28
C SER A 15 44.32 83.89 -0.51
N LYS A 16 43.98 84.31 -1.73
CA LYS A 16 43.88 85.73 -2.05
C LYS A 16 42.44 86.22 -1.90
N ASN A 17 41.52 85.28 -1.65
CA ASN A 17 40.09 85.59 -1.67
C ASN A 17 39.72 86.28 -2.97
N ALA A 18 40.24 85.75 -4.08
CA ALA A 18 40.02 86.35 -5.40
C ALA A 18 39.11 85.46 -6.23
N PHE A 19 38.54 86.03 -7.30
CA PHE A 19 37.63 85.28 -8.17
C PHE A 19 38.31 84.05 -8.76
N PRO A 20 37.61 82.92 -8.76
CA PRO A 20 38.17 81.68 -9.32
C PRO A 20 38.23 81.70 -10.84
N ASP A 21 39.35 82.19 -11.38
CA ASP A 21 39.62 82.14 -12.81
C ASP A 21 39.51 80.74 -13.48
N PRO A 22 39.82 79.65 -12.74
CA PRO A 22 39.62 78.32 -13.37
C PRO A 22 38.19 78.06 -13.85
N LEU A 23 37.20 78.78 -13.34
CA LEU A 23 35.82 78.62 -13.79
C LEU A 23 35.65 79.10 -15.24
N ASN A 24 36.62 79.87 -15.71
CA ASN A 24 36.63 80.35 -17.09
C ASN A 24 37.58 79.53 -17.97
N ASP A 25 38.18 78.49 -17.39
CA ASP A 25 38.96 77.51 -18.14
C ASP A 25 38.00 76.73 -19.04
N PRO A 26 38.33 76.60 -20.32
CA PRO A 26 37.51 75.85 -21.27
C PRO A 26 37.35 74.37 -20.89
N LYS A 27 38.20 73.89 -19.98
CA LYS A 27 38.08 72.51 -19.49
C LYS A 27 36.89 72.37 -18.54
N CYS A 28 36.43 73.49 -17.99
CA CYS A 28 35.33 73.47 -17.04
C CYS A 28 34.06 72.93 -17.68
N ASN A 29 33.31 72.15 -16.91
CA ASN A 29 32.00 71.65 -17.32
C ASN A 29 31.11 72.83 -17.68
N PRO A 30 30.63 72.87 -18.95
CA PRO A 30 29.73 73.93 -19.42
C PRO A 30 28.46 73.96 -18.59
N LYS A 31 28.05 72.79 -18.10
CA LYS A 31 26.83 72.63 -17.32
C LYS A 31 26.98 73.00 -15.85
N SER A 32 28.22 73.27 -15.42
CA SER A 32 28.51 73.57 -14.02
C SER A 32 27.68 74.73 -13.47
N LEU A 33 26.92 74.46 -12.41
CA LEU A 33 26.05 75.47 -11.81
C LEU A 33 26.84 76.56 -11.09
N VAL A 34 27.99 76.21 -10.51
CA VAL A 34 28.82 77.23 -9.88
C VAL A 34 29.43 78.17 -10.93
N LYS A 35 29.85 77.61 -12.06
CA LYS A 35 30.38 78.42 -13.15
C LYS A 35 29.27 79.32 -13.69
N LYS A 36 28.07 78.76 -13.82
CA LYS A 36 26.93 79.47 -14.39
C LYS A 36 26.50 80.66 -13.53
N TYR A 37 26.53 80.49 -12.21
CA TYR A 37 25.94 81.49 -11.31
C TYR A 37 26.92 82.28 -10.44
N LEU A 38 28.16 81.82 -10.31
CA LEU A 38 29.15 82.65 -9.61
C LEU A 38 29.79 83.64 -10.58
N THR A 39 29.14 84.78 -10.76
CA THR A 39 29.65 85.86 -11.59
C THR A 39 30.57 86.73 -10.73
N PRO A 40 31.47 87.49 -11.39
CA PRO A 40 32.35 88.43 -10.68
C PRO A 40 31.60 89.34 -9.70
N LYS A 41 30.40 89.77 -10.08
CA LYS A 41 29.58 90.62 -9.21
C LYS A 41 29.07 89.88 -7.98
N VAL A 42 28.62 88.65 -8.17
CA VAL A 42 28.22 87.79 -7.06
C VAL A 42 29.40 87.55 -6.11
N PHE A 43 30.56 87.27 -6.68
CA PHE A 43 31.76 87.06 -5.88
C PHE A 43 32.10 88.28 -5.05
N GLU A 44 32.22 89.44 -5.71
CA GLU A 44 32.54 90.69 -5.01
C GLU A 44 31.56 91.02 -3.89
N SER A 45 30.29 90.73 -4.12
CA SER A 45 29.23 91.05 -3.17
C SER A 45 29.24 90.18 -1.92
N LEU A 46 29.80 88.97 -2.03
CA LEU A 46 29.74 87.99 -0.96
C LEU A 46 31.11 87.53 -0.42
N LYS A 47 32.19 87.93 -1.09
CA LYS A 47 33.52 87.41 -0.77
C LYS A 47 34.04 87.75 0.63
N ASN A 48 33.47 88.79 1.25
CA ASN A 48 33.92 89.23 2.57
C ASN A 48 32.97 88.83 3.69
N LYS A 49 31.89 88.12 3.34
CA LYS A 49 30.89 87.70 4.32
C LYS A 49 31.21 86.35 4.96
N LYS A 50 30.89 86.22 6.24
CA LYS A 50 31.11 84.97 6.97
C LYS A 50 29.89 84.62 7.82
N THR A 51 29.61 83.33 7.95
CA THR A 51 28.56 82.86 8.86
C THR A 51 29.12 82.80 10.29
N LYS A 52 28.25 82.55 11.26
CA LYS A 52 28.66 82.45 12.65
C LYS A 52 29.66 81.31 12.87
N LEU A 53 29.63 80.32 11.98
CA LEU A 53 30.59 79.22 12.04
C LEU A 53 31.83 79.54 11.19
N GLY A 54 31.89 80.75 10.67
CA GLY A 54 33.04 81.22 9.92
C GLY A 54 33.10 80.74 8.48
N ILE A 55 31.98 80.19 7.99
CA ILE A 55 31.93 79.70 6.61
C ILE A 55 32.00 80.86 5.62
N THR A 56 32.90 80.76 4.64
CA THR A 56 33.06 81.79 3.62
C THR A 56 32.44 81.35 2.31
N LEU A 57 32.30 82.29 1.38
CA LEU A 57 31.84 81.96 0.03
C LEU A 57 32.83 81.00 -0.62
N TRP A 58 34.12 81.25 -0.40
CA TRP A 58 35.16 80.41 -0.97
C TRP A 58 35.08 78.98 -0.43
N ASP A 59 34.70 78.82 0.84
CA ASP A 59 34.52 77.50 1.42
C ASP A 59 33.44 76.73 0.66
N CYS A 60 32.36 77.44 0.31
CA CYS A 60 31.22 76.80 -0.33
C CYS A 60 31.48 76.42 -1.79
N ILE A 61 32.22 77.26 -2.50
CA ILE A 61 32.46 77.05 -3.93
C ILE A 61 33.71 76.24 -4.25
N ASN A 62 34.52 75.95 -3.23
CA ASN A 62 35.85 75.38 -3.47
C ASN A 62 35.89 74.07 -4.26
N SER A 63 34.97 73.16 -3.96
CA SER A 63 34.97 71.87 -4.63
C SER A 63 34.71 72.01 -6.13
N GLY A 64 33.89 72.99 -6.50
CA GLY A 64 33.57 73.24 -7.89
C GLY A 64 34.70 73.92 -8.65
N VAL A 65 35.65 74.49 -7.91
CA VAL A 65 36.82 75.12 -8.51
C VAL A 65 37.98 74.12 -8.62
N VAL A 66 38.14 73.30 -7.59
CA VAL A 66 39.14 72.24 -7.60
C VAL A 66 38.76 71.20 -8.64
N ASN A 67 37.49 70.82 -8.63
CA ASN A 67 36.96 69.83 -9.56
C ASN A 67 36.09 70.48 -10.64
N LEU A 68 36.73 70.93 -11.72
CA LEU A 68 36.06 71.71 -12.75
C LEU A 68 35.00 70.92 -13.53
N ASP A 69 35.05 69.59 -13.43
CA ASP A 69 34.05 68.74 -14.06
C ASP A 69 32.76 68.67 -13.26
N SER A 70 32.72 69.39 -12.14
CA SER A 70 31.55 69.39 -11.25
C SER A 70 30.27 69.80 -11.97
N GLY A 71 29.18 69.11 -11.65
CA GLY A 71 27.87 69.47 -12.19
C GLY A 71 27.23 70.58 -11.37
N VAL A 72 27.37 70.47 -10.05
CA VAL A 72 26.84 71.48 -9.13
C VAL A 72 27.97 72.39 -8.66
N GLY A 73 28.86 71.86 -7.82
CA GLY A 73 30.09 72.55 -7.48
C GLY A 73 30.08 73.42 -6.24
N VAL A 74 29.00 73.36 -5.46
CA VAL A 74 28.96 74.05 -4.18
C VAL A 74 28.47 73.14 -3.05
N TYR A 75 28.95 73.40 -1.85
CA TYR A 75 28.46 72.72 -0.65
C TYR A 75 28.18 73.77 0.40
N ALA A 76 27.13 73.57 1.20
CA ALA A 76 26.84 74.51 2.28
C ALA A 76 27.52 74.05 3.56
N GLY A 77 28.27 74.96 4.20
CA GLY A 77 28.93 74.66 5.45
C GLY A 77 27.96 74.63 6.62
N ASP A 78 26.85 75.35 6.46
CA ASP A 78 25.81 75.41 7.50
C ASP A 78 24.51 75.93 6.91
N GLU A 79 23.46 75.95 7.74
CA GLU A 79 22.17 76.50 7.34
C GLU A 79 22.28 77.94 6.88
N GLU A 80 23.03 78.74 7.65
CA GLU A 80 23.18 80.17 7.37
C GLU A 80 23.76 80.41 5.99
N SER A 81 24.64 79.51 5.55
CA SER A 81 25.23 79.59 4.21
C SER A 81 24.17 79.72 3.12
N TYR A 82 23.06 79.01 3.29
CA TYR A 82 22.00 79.04 2.28
C TYR A 82 21.35 80.41 2.13
N THR A 83 21.38 81.19 3.19
CA THR A 83 20.79 82.54 3.18
C THR A 83 21.86 83.60 2.94
N LEU A 84 22.96 83.50 3.67
CA LEU A 84 24.03 84.50 3.59
C LEU A 84 24.63 84.55 2.19
N PHE A 85 24.74 83.38 1.56
CA PHE A 85 25.23 83.32 0.19
C PHE A 85 24.08 82.99 -0.74
N GLY A 86 22.87 83.33 -0.29
CA GLY A 86 21.64 83.18 -1.05
C GLY A 86 21.66 83.55 -2.52
N PRO A 87 22.19 84.73 -2.86
CA PRO A 87 22.27 85.13 -4.28
C PRO A 87 22.93 84.07 -5.17
N LEU A 88 23.81 83.26 -4.59
CA LEU A 88 24.42 82.14 -5.32
C LEU A 88 23.60 80.85 -5.21
N PHE A 89 23.23 80.50 -3.98
CA PHE A 89 22.52 79.24 -3.72
C PHE A 89 21.10 79.19 -4.30
N ASP A 90 20.36 80.30 -4.17
CA ASP A 90 18.99 80.37 -4.70
C ASP A 90 18.99 80.05 -6.20
N ALA A 91 19.89 80.69 -6.92
CA ALA A 91 20.01 80.50 -8.36
C ALA A 91 20.37 79.05 -8.72
N ILE A 92 21.33 78.48 -7.99
CA ILE A 92 21.74 77.09 -8.19
C ILE A 92 20.60 76.12 -7.88
N ILE A 93 19.88 76.38 -6.79
CA ILE A 93 18.77 75.52 -6.36
C ILE A 93 17.62 75.54 -7.36
N GLU A 94 17.23 76.73 -7.81
CA GLU A 94 16.09 76.86 -8.72
C GLU A 94 16.41 76.43 -10.14
N ASP A 95 17.70 76.31 -10.44
CA ASP A 95 18.13 75.71 -11.71
C ASP A 95 18.03 74.18 -11.59
N TYR A 96 18.82 73.63 -10.66
CA TYR A 96 18.87 72.19 -10.43
C TYR A 96 17.50 71.58 -10.21
N HIS A 97 16.67 72.25 -9.41
CA HIS A 97 15.37 71.70 -9.03
C HIS A 97 14.21 72.32 -9.80
N SER A 98 14.50 72.93 -10.95
CA SER A 98 13.45 73.47 -11.81
C SER A 98 12.42 72.37 -12.06
N PRO A 99 11.12 72.72 -12.04
CA PRO A 99 10.60 74.09 -11.96
C PRO A 99 10.30 74.56 -10.53
N TYR A 100 10.92 73.98 -9.51
CA TYR A 100 10.63 74.43 -8.14
C TYR A 100 11.04 75.88 -7.89
N LYS A 101 10.19 76.62 -7.17
CA LYS A 101 10.52 77.97 -6.73
C LYS A 101 10.57 78.04 -5.21
N LEU A 102 11.61 78.68 -4.69
CA LEU A 102 11.77 78.84 -3.25
C LEU A 102 10.58 79.59 -2.65
N ALA A 103 10.01 80.50 -3.43
CA ALA A 103 8.86 81.29 -2.99
C ALA A 103 7.63 80.40 -2.75
N THR A 104 7.52 79.32 -3.52
CA THR A 104 6.37 78.42 -3.41
C THR A 104 6.37 77.70 -2.06
N GLY A 105 7.55 77.37 -1.55
CA GLY A 105 7.65 76.65 -0.29
C GLY A 105 7.64 75.15 -0.49
N HIS A 106 8.15 74.41 0.51
CA HIS A 106 8.21 72.95 0.43
C HIS A 106 7.37 72.30 1.53
N ASN A 107 6.76 71.15 1.21
CA ASN A 107 6.00 70.41 2.21
C ASN A 107 6.56 68.99 2.43
N SER A 108 6.93 68.70 3.67
CA SER A 108 7.46 67.40 4.04
C SER A 108 6.35 66.52 4.58
N ASP A 109 6.49 65.21 4.41
CA ASP A 109 5.50 64.26 4.92
C ASP A 109 6.15 62.88 5.04
N MET A 110 6.36 62.45 6.28
CA MET A 110 6.98 61.17 6.55
C MET A 110 6.01 60.24 7.29
N ASN A 111 4.73 60.35 6.94
CA ASN A 111 3.71 59.43 7.45
C ASN A 111 3.42 58.35 6.43
N PRO A 112 3.93 57.13 6.67
CA PRO A 112 3.81 56.02 5.71
C PRO A 112 2.37 55.57 5.47
N ALA A 113 1.44 55.96 6.35
CA ALA A 113 0.03 55.61 6.17
C ALA A 113 -0.60 56.40 5.03
N HIS A 114 0.00 57.54 4.70
CA HIS A 114 -0.46 58.38 3.60
C HIS A 114 -0.19 57.73 2.24
N VAL A 115 0.63 56.68 2.25
CA VAL A 115 0.99 55.97 1.02
C VAL A 115 0.11 54.74 0.82
N LYS A 116 -0.53 54.66 -0.35
CA LYS A 116 -1.35 53.50 -0.68
C LYS A 116 -0.60 52.62 -1.67
N ALA A 117 0.08 51.60 -1.17
CA ALA A 117 0.95 50.79 -2.02
C ALA A 117 0.81 49.29 -1.78
N PRO A 118 -0.30 48.70 -2.25
CA PRO A 118 -0.42 47.24 -2.21
C PRO A 118 0.74 46.60 -2.97
N ASP A 119 1.33 45.55 -2.43
CA ASP A 119 2.53 44.94 -3.02
C ASP A 119 2.32 44.59 -4.51
N LEU A 120 3.13 45.19 -5.37
CA LEU A 120 2.95 45.10 -6.82
C LEU A 120 3.28 43.74 -7.42
N ASP A 121 4.35 43.12 -6.93
CA ASP A 121 4.90 41.94 -7.58
C ASP A 121 5.45 40.92 -6.57
N PRO A 122 4.56 40.35 -5.73
CA PRO A 122 4.98 39.35 -4.74
C PRO A 122 5.65 38.15 -5.39
N ALA A 123 5.20 37.80 -6.59
CA ALA A 123 5.72 36.63 -7.31
C ALA A 123 7.05 36.93 -8.00
N ASN A 124 7.45 38.21 -7.97
CA ASN A 124 8.72 38.64 -8.52
C ASN A 124 8.86 38.31 -10.02
N ARG A 125 7.79 38.58 -10.77
CA ARG A 125 7.77 38.35 -12.21
C ARG A 125 8.51 39.46 -12.96
N TYR A 126 8.62 40.63 -12.34
CA TYR A 126 9.16 41.80 -13.03
C TYR A 126 10.12 42.62 -12.16
N ILE A 127 9.73 42.87 -10.92
CA ILE A 127 10.53 43.71 -10.02
C ILE A 127 11.55 42.87 -9.26
N ARG A 128 12.78 43.37 -9.18
CA ARG A 128 13.86 42.61 -8.55
C ARG A 128 14.26 43.16 -7.18
N SER A 129 14.18 44.48 -7.02
CA SER A 129 14.56 45.10 -5.75
C SER A 129 13.99 46.51 -5.60
N THR A 130 13.91 46.96 -4.35
CA THR A 130 13.36 48.28 -4.02
C THR A 130 14.28 48.96 -3.00
N ARG A 131 14.46 50.28 -3.13
CA ARG A 131 15.38 51.01 -2.27
C ARG A 131 14.91 52.44 -2.04
N ILE A 132 14.93 52.88 -0.79
CA ILE A 132 14.63 54.27 -0.46
C ILE A 132 15.68 54.86 0.47
N ARG A 133 16.29 55.95 0.03
CA ARG A 133 17.33 56.63 0.79
C ARG A 133 16.89 58.05 1.11
N VAL A 134 17.21 58.53 2.31
CA VAL A 134 17.06 59.95 2.64
C VAL A 134 18.33 60.49 3.29
N ALA A 135 18.61 61.77 3.05
CA ALA A 135 19.72 62.45 3.72
C ALA A 135 19.14 63.41 4.75
N ARG A 136 19.74 63.45 5.94
CA ARG A 136 19.25 64.30 7.03
C ARG A 136 20.41 64.88 7.84
N SER A 137 20.16 66.02 8.49
CA SER A 137 21.14 66.62 9.37
C SER A 137 20.48 67.08 10.67
N LEU A 138 21.17 66.90 11.80
CA LEU A 138 20.61 67.22 13.11
C LEU A 138 20.57 68.72 13.40
N LYS A 139 19.59 69.16 14.20
CA LYS A 139 19.51 70.54 14.65
C LYS A 139 20.68 70.90 15.56
N GLY A 140 21.15 72.14 15.45
CA GLY A 140 22.11 72.67 16.42
C GLY A 140 23.57 72.57 16.03
N TYR A 141 23.84 72.04 14.83
CA TYR A 141 25.21 71.85 14.38
C TYR A 141 25.40 72.40 12.97
N GLY A 142 26.66 72.58 12.57
CA GLY A 142 26.97 72.91 11.19
C GLY A 142 26.71 71.69 10.32
N LEU A 143 26.64 71.92 9.01
CA LEU A 143 26.53 70.80 8.08
C LEU A 143 27.91 70.16 7.93
N ALA A 144 27.97 69.03 7.25
CA ALA A 144 29.22 68.25 7.12
C ALA A 144 30.49 69.06 6.76
N PRO A 145 30.39 70.01 5.81
CA PRO A 145 31.61 70.76 5.51
C PRO A 145 32.01 71.73 6.61
N GLY A 146 31.09 72.03 7.53
CA GLY A 146 31.35 73.02 8.56
C GLY A 146 31.36 72.53 9.99
N VAL A 147 30.81 71.33 10.21
CA VAL A 147 30.71 70.76 11.55
C VAL A 147 32.07 70.70 12.26
N THR A 148 32.10 71.10 13.52
CA THR A 148 33.33 71.05 14.29
C THR A 148 33.69 69.62 14.67
N LYS A 149 34.91 69.44 15.17
CA LYS A 149 35.42 68.13 15.58
C LYS A 149 34.62 67.54 16.74
N ALA A 150 34.34 68.38 17.74
CA ALA A 150 33.56 67.95 18.90
C ALA A 150 32.10 67.71 18.55
N HIS A 151 31.55 68.53 17.64
CA HIS A 151 30.16 68.38 17.24
C HIS A 151 29.92 67.11 16.43
N ARG A 152 30.85 66.77 15.55
CA ARG A 152 30.76 65.53 14.77
C ARG A 152 30.72 64.34 15.73
N LEU A 153 31.54 64.41 16.79
CA LEU A 153 31.57 63.37 17.82
C LEU A 153 30.25 63.31 18.57
N GLU A 154 29.73 64.47 18.93
CA GLU A 154 28.46 64.58 19.65
C GLU A 154 27.30 64.06 18.80
N ILE A 155 27.37 64.32 17.49
CA ILE A 155 26.38 63.83 16.55
C ILE A 155 26.39 62.30 16.52
N GLU A 156 27.58 61.72 16.48
CA GLU A 156 27.74 60.27 16.49
C GLU A 156 27.13 59.68 17.77
N LYS A 157 27.50 60.26 18.91
CA LYS A 157 27.02 59.81 20.20
C LYS A 157 25.49 59.82 20.29
N LYS A 158 24.88 60.94 19.89
CA LYS A 158 23.43 61.10 19.93
C LYS A 158 22.70 60.12 19.00
N VAL A 159 23.18 60.04 17.76
CA VAL A 159 22.59 59.15 16.76
C VAL A 159 22.67 57.69 17.19
N VAL A 160 23.86 57.24 17.59
CA VAL A 160 24.07 55.87 18.02
C VAL A 160 23.18 55.51 19.22
N GLY A 161 22.99 56.48 20.11
CA GLY A 161 22.09 56.31 21.24
C GLY A 161 20.68 55.95 20.78
N VAL A 162 20.18 56.66 19.78
CA VAL A 162 18.86 56.39 19.23
C VAL A 162 18.83 55.06 18.47
N LEU A 163 19.81 54.87 17.58
CA LEU A 163 19.84 53.68 16.72
C LEU A 163 19.93 52.37 17.52
N THR A 164 20.75 52.36 18.57
CA THR A 164 20.93 51.15 19.38
C THR A 164 19.73 50.87 20.29
N SER A 165 18.79 51.80 20.35
CA SER A 165 17.57 51.61 21.12
C SER A 165 16.42 51.08 20.23
N LEU A 166 16.68 51.02 18.94
CA LEU A 166 15.68 50.54 17.98
C LEU A 166 15.34 49.07 18.19
N THR A 167 14.04 48.75 18.12
CA THR A 167 13.54 47.40 18.37
C THR A 167 12.89 46.80 17.13
N GLY A 168 12.50 45.54 17.22
CA GLY A 168 11.85 44.86 16.10
C GLY A 168 12.78 44.61 14.93
N ASP A 169 12.27 44.85 13.72
CA ASP A 169 13.05 44.64 12.50
C ASP A 169 14.12 45.71 12.30
N LEU A 170 14.12 46.73 13.16
CA LEU A 170 15.12 47.80 13.07
C LEU A 170 16.32 47.54 13.98
N ALA A 171 16.20 46.53 14.84
CA ALA A 171 17.27 46.16 15.75
C ALA A 171 18.50 45.71 14.99
N GLY A 172 19.67 46.14 15.46
CA GLY A 172 20.93 45.83 14.81
C GLY A 172 22.12 46.32 15.61
N LYS A 173 23.22 46.60 14.92
CA LYS A 173 24.45 46.99 15.59
C LYS A 173 25.13 48.17 14.90
N TYR A 174 25.80 49.01 15.67
CA TYR A 174 26.58 50.12 15.13
C TYR A 174 28.05 49.74 15.03
N TYR A 175 28.67 50.06 13.89
CA TYR A 175 30.09 49.81 13.69
C TYR A 175 30.81 51.11 13.38
N PRO A 176 31.48 51.71 14.38
CA PRO A 176 32.21 52.95 14.09
C PRO A 176 33.40 52.69 13.16
N LEU A 177 33.73 53.65 12.30
CA LEU A 177 34.87 53.48 11.41
C LEU A 177 36.18 53.55 12.18
N SER A 178 36.23 54.40 13.20
CA SER A 178 37.43 54.57 14.01
C SER A 178 37.65 53.39 14.94
N GLY A 179 38.73 52.64 14.71
CA GLY A 179 39.04 51.48 15.51
C GLY A 179 38.50 50.19 14.92
N MET A 180 37.85 50.30 13.76
CA MET A 180 37.33 49.12 13.07
C MET A 180 38.45 48.15 12.74
N ASP A 181 38.26 46.86 13.07
CA ASP A 181 39.27 45.87 12.73
C ASP A 181 39.09 45.30 11.32
N GLU A 182 40.08 44.54 10.87
CA GLU A 182 40.13 44.04 9.49
C GLU A 182 38.94 43.18 9.10
N LYS A 183 38.58 42.23 9.97
CA LYS A 183 37.48 41.31 9.68
C LYS A 183 36.14 42.02 9.53
N THR A 184 35.88 42.97 10.42
CA THR A 184 34.64 43.74 10.38
C THR A 184 34.57 44.58 9.11
N ARG A 185 35.70 45.20 8.77
CA ARG A 185 35.83 45.98 7.54
C ARG A 185 35.49 45.13 6.32
N GLN A 186 36.10 43.96 6.24
CA GLN A 186 35.87 43.01 5.15
C GLN A 186 34.40 42.57 5.05
N GLN A 187 33.78 42.31 6.20
CA GLN A 187 32.38 41.88 6.24
C GLN A 187 31.45 42.94 5.65
N LEU A 188 31.68 44.19 6.06
CA LEU A 188 30.88 45.32 5.56
C LEU A 188 31.13 45.56 4.07
N VAL A 189 32.34 45.25 3.61
CA VAL A 189 32.66 45.32 2.19
C VAL A 189 31.83 44.30 1.41
N ASP A 190 31.78 43.07 1.90
CA ASP A 190 31.02 42.00 1.25
C ASP A 190 29.53 42.31 1.21
N ASP A 191 29.04 43.00 2.25
CA ASP A 191 27.64 43.38 2.33
C ASP A 191 27.34 44.65 1.53
N HIS A 192 28.39 45.28 1.01
CA HIS A 192 28.28 46.56 0.31
C HIS A 192 27.69 47.63 1.23
N PHE A 193 28.16 47.65 2.48
CA PHE A 193 27.70 48.61 3.48
C PHE A 193 28.80 49.60 3.86
N LEU A 194 30.03 49.30 3.43
CA LEU A 194 31.17 50.12 3.83
C LEU A 194 31.30 51.37 2.97
N PHE A 195 31.67 52.48 3.60
CA PHE A 195 32.11 53.65 2.85
C PHE A 195 33.52 54.04 3.31
N LYS A 196 34.28 54.65 2.40
CA LYS A 196 35.67 55.02 2.69
C LYS A 196 35.83 56.52 2.67
N LYS A 197 37.08 56.99 2.78
CA LYS A 197 37.37 58.42 2.79
C LYS A 197 36.76 59.09 1.57
N GLY A 198 36.19 60.28 1.76
CA GLY A 198 35.49 60.96 0.69
C GLY A 198 36.33 61.20 -0.54
N ASP A 199 35.71 61.16 -1.72
CA ASP A 199 36.42 61.38 -2.97
C ASP A 199 36.92 62.82 -3.11
N ARG A 200 37.41 63.18 -4.29
CA ARG A 200 37.97 64.51 -4.53
C ARG A 200 36.95 65.64 -4.35
N PHE A 201 35.68 65.32 -4.56
CA PHE A 201 34.62 66.32 -4.39
C PHE A 201 34.39 66.61 -2.92
N LEU A 202 34.31 65.56 -2.12
CA LEU A 202 34.17 65.69 -0.67
C LEU A 202 35.42 66.29 -0.04
N GLU A 203 36.58 65.85 -0.51
CA GLU A 203 37.87 66.38 -0.04
C GLU A 203 37.94 67.89 -0.18
N ALA A 204 37.59 68.39 -1.36
CA ALA A 204 37.69 69.81 -1.65
C ALA A 204 36.59 70.61 -0.96
N ALA A 205 35.58 69.90 -0.45
CA ALA A 205 34.48 70.54 0.25
C ALA A 205 34.78 70.65 1.74
N GLY A 206 35.90 70.07 2.17
CA GLY A 206 36.28 70.12 3.58
C GLY A 206 35.56 69.08 4.40
N ILE A 207 34.86 68.17 3.71
CA ILE A 207 34.02 67.17 4.38
C ILE A 207 34.86 66.05 5.02
N ASN A 208 36.05 65.80 4.48
CA ASN A 208 36.94 64.77 5.01
C ASN A 208 37.69 65.14 6.29
N LYS A 209 37.40 66.31 6.86
CA LYS A 209 38.10 66.76 8.07
C LYS A 209 37.98 65.76 9.23
N GLU A 210 39.10 65.52 9.89
CA GLU A 210 39.19 64.60 11.03
C GLU A 210 38.86 63.15 10.67
N TRP A 211 39.00 62.78 9.39
CA TRP A 211 38.74 61.41 8.97
C TRP A 211 39.58 60.41 9.77
N PRO A 212 38.98 59.29 10.20
CA PRO A 212 37.59 58.85 10.04
C PRO A 212 36.79 59.05 11.32
N GLU A 213 37.26 59.93 12.19
CA GLU A 213 36.61 60.20 13.48
C GLU A 213 35.13 60.57 13.33
N GLY A 214 34.29 59.96 14.16
CA GLY A 214 32.87 60.29 14.18
C GLY A 214 32.06 59.63 13.08
N ARG A 215 32.74 58.95 12.16
CA ARG A 215 32.05 58.23 11.09
C ARG A 215 31.71 56.82 11.54
N GLY A 216 30.60 56.29 11.02
CA GLY A 216 30.14 54.97 11.41
C GLY A 216 29.07 54.38 10.51
N ILE A 217 28.79 53.10 10.72
CA ILE A 217 27.80 52.38 9.93
C ILE A 217 26.89 51.55 10.84
N TYR A 218 25.58 51.70 10.65
CA TYR A 218 24.61 50.90 11.39
C TYR A 218 23.76 50.12 10.40
N HIS A 219 23.46 48.86 10.73
CA HIS A 219 22.51 48.09 9.94
C HIS A 219 21.69 47.17 10.83
N ASN A 220 20.42 46.96 10.47
CA ASN A 220 19.59 46.03 11.21
C ASN A 220 20.02 44.59 10.92
N ASN A 221 19.59 43.65 11.75
CA ASN A 221 19.98 42.25 11.60
C ASN A 221 19.56 41.65 10.26
N ASP A 222 18.41 42.09 9.74
CA ASP A 222 17.91 41.62 8.46
C ASP A 222 18.70 42.19 7.29
N LYS A 223 19.50 43.22 7.57
CA LYS A 223 20.24 43.94 6.54
C LYS A 223 19.31 44.51 5.48
N THR A 224 18.18 45.05 5.94
CA THR A 224 17.24 45.74 5.07
C THR A 224 17.14 47.20 5.47
N PHE A 225 18.06 47.61 6.36
CA PHE A 225 18.13 48.97 6.85
C PHE A 225 19.59 49.33 7.11
N LEU A 226 20.01 50.49 6.61
CA LEU A 226 21.41 50.89 6.69
C LEU A 226 21.53 52.39 6.99
N VAL A 227 22.43 52.75 7.89
CA VAL A 227 22.71 54.16 8.18
C VAL A 227 24.19 54.45 8.04
N TRP A 228 24.53 55.43 7.21
CA TRP A 228 25.88 55.98 7.18
C TRP A 228 25.92 57.23 8.03
N LEU A 229 26.82 57.25 9.01
CA LEU A 229 26.88 58.34 9.96
C LEU A 229 28.04 59.28 9.62
N ASN A 230 27.72 60.55 9.43
CA ASN A 230 28.74 61.58 9.21
C ASN A 230 29.60 61.41 7.96
N GLU A 231 29.01 60.92 6.87
CA GLU A 231 29.69 60.86 5.59
C GLU A 231 29.57 62.22 4.88
N GLU A 232 28.70 62.30 3.88
CA GLU A 232 28.47 63.57 3.17
C GLU A 232 27.49 64.46 3.94
N ASP A 233 26.58 63.82 4.66
CA ASP A 233 25.70 64.53 5.58
C ASP A 233 25.80 63.81 6.92
N HIS A 234 25.22 64.39 7.96
CA HIS A 234 25.21 63.75 9.27
C HIS A 234 24.66 62.33 9.14
N LEU A 235 23.57 62.20 8.41
CA LEU A 235 22.87 60.93 8.27
C LEU A 235 22.53 60.64 6.82
N ARG A 236 22.87 59.44 6.38
CA ARG A 236 22.35 58.90 5.12
C ARG A 236 21.62 57.61 5.50
N ILE A 237 20.30 57.65 5.42
CA ILE A 237 19.48 56.57 5.95
C ILE A 237 18.80 55.81 4.82
N ILE A 238 19.04 54.51 4.75
CA ILE A 238 18.57 53.68 3.65
C ILE A 238 17.71 52.51 4.13
N SER A 239 16.55 52.33 3.49
CA SER A 239 15.74 51.14 3.69
C SER A 239 15.63 50.45 2.33
N MET A 240 15.98 49.17 2.27
CA MET A 240 16.04 48.47 1.00
C MET A 240 15.79 46.99 1.18
N GLU A 241 15.36 46.33 0.11
CA GLU A 241 15.18 44.88 0.12
C GLU A 241 14.90 44.39 -1.29
N LYS A 242 15.11 43.10 -1.53
CA LYS A 242 14.73 42.46 -2.79
C LYS A 242 13.21 42.44 -2.90
N GLY A 243 12.71 42.25 -4.12
CA GLY A 243 11.27 42.23 -4.32
C GLY A 243 10.69 43.62 -4.51
N SER A 244 9.38 43.74 -4.34
CA SER A 244 8.65 44.91 -4.82
C SER A 244 7.93 45.72 -3.75
N ASP A 245 7.98 45.29 -2.50
CA ASP A 245 7.15 45.89 -1.46
C ASP A 245 7.64 47.27 -1.01
N ILE A 246 7.42 48.29 -1.84
CA ILE A 246 7.90 49.64 -1.52
C ILE A 246 7.17 50.25 -0.31
N GLY A 247 5.91 49.88 -0.12
CA GLY A 247 5.13 50.35 1.02
C GLY A 247 5.74 49.93 2.34
N SER A 248 6.18 48.68 2.39
CA SER A 248 6.86 48.15 3.58
C SER A 248 8.24 48.78 3.78
N VAL A 249 8.97 48.94 2.68
CA VAL A 249 10.28 49.58 2.72
C VAL A 249 10.20 50.99 3.30
N PHE A 250 9.23 51.77 2.80
CA PHE A 250 9.03 53.15 3.23
C PHE A 250 8.57 53.22 4.68
N SER A 251 7.70 52.30 5.09
CA SER A 251 7.20 52.29 6.45
C SER A 251 8.33 52.04 7.44
N ARG A 252 9.21 51.09 7.10
CA ARG A 252 10.38 50.79 7.92
C ARG A 252 11.29 52.01 8.02
N LEU A 253 11.48 52.68 6.88
CA LEU A 253 12.30 53.88 6.83
C LEU A 253 11.74 54.97 7.75
N CYS A 254 10.44 55.22 7.61
CA CYS A 254 9.76 56.28 8.37
C CYS A 254 9.81 56.05 9.88
N ARG A 255 9.65 54.79 10.29
CA ARG A 255 9.67 54.45 11.70
C ARG A 255 11.03 54.78 12.33
N ALA A 256 12.10 54.54 11.59
CA ALA A 256 13.43 54.87 12.08
C ALA A 256 13.68 56.39 12.04
N VAL A 257 13.37 57.01 10.91
CA VAL A 257 13.63 58.44 10.73
C VAL A 257 12.80 59.31 11.70
N ASN A 258 11.53 58.97 11.87
CA ASN A 258 10.66 59.73 12.77
C ASN A 258 11.10 59.65 14.22
N GLU A 259 11.67 58.51 14.62
CA GLU A 259 12.19 58.35 15.97
C GLU A 259 13.40 59.24 16.19
N ILE A 260 14.33 59.23 15.24
CA ILE A 260 15.50 60.10 15.30
C ILE A 260 15.06 61.56 15.31
N ASP A 261 14.06 61.89 14.49
CA ASP A 261 13.50 63.23 14.44
C ASP A 261 12.93 63.60 15.81
N LYS A 262 12.12 62.69 16.36
CA LYS A 262 11.48 62.88 17.65
C LYS A 262 12.50 63.18 18.75
N LYS A 263 13.59 62.40 18.78
CA LYS A 263 14.56 62.50 19.86
C LYS A 263 15.60 63.60 19.67
N LEU A 264 15.93 63.91 18.41
CA LEU A 264 17.03 64.82 18.12
C LEU A 264 16.64 66.07 17.33
N GLY A 265 15.76 65.92 16.34
CA GLY A 265 15.37 67.03 15.50
C GLY A 265 16.28 67.24 14.31
N PHE A 266 15.70 67.61 13.17
CA PHE A 266 16.44 67.81 11.93
C PHE A 266 16.52 69.27 11.53
N GLN A 267 17.58 69.65 10.81
CA GLN A 267 17.63 70.96 10.17
C GLN A 267 16.65 70.97 9.00
N HIS A 268 15.73 71.94 9.01
CA HIS A 268 14.59 71.94 8.12
C HIS A 268 14.04 73.35 8.00
N THR A 269 13.76 73.78 6.77
CA THR A 269 13.09 75.07 6.56
C THR A 269 11.89 74.89 5.65
N LYS A 270 11.00 75.88 5.66
CA LYS A 270 9.85 75.90 4.76
C LYS A 270 10.32 75.92 3.31
N LYS A 271 11.34 76.74 3.07
CA LYS A 271 11.80 77.04 1.72
C LYS A 271 12.65 75.93 1.11
N HIS A 272 13.47 75.29 1.94
CA HIS A 272 14.44 74.31 1.46
C HIS A 272 14.06 72.87 1.79
N GLY A 273 13.07 72.69 2.66
CA GLY A 273 12.80 71.36 3.21
C GLY A 273 13.95 70.99 4.12
N TYR A 274 14.39 69.73 4.08
CA TYR A 274 15.51 69.29 4.90
C TYR A 274 16.85 69.75 4.33
N LEU A 275 17.66 70.40 5.18
CA LEU A 275 18.94 70.95 4.74
C LEU A 275 20.03 69.88 4.60
N THR A 276 20.78 69.97 3.49
CA THR A 276 21.87 69.03 3.22
C THR A 276 23.13 69.78 2.78
N SER A 277 24.26 69.08 2.76
CA SER A 277 25.54 69.67 2.36
C SER A 277 25.50 70.08 0.89
N CYS A 278 24.97 69.19 0.05
CA CYS A 278 24.80 69.49 -1.36
C CYS A 278 23.37 69.96 -1.63
N PRO A 279 23.22 71.09 -2.31
CA PRO A 279 21.87 71.61 -2.63
C PRO A 279 21.05 70.64 -3.48
N SER A 280 21.70 69.66 -4.10
CA SER A 280 21.00 68.64 -4.88
C SER A 280 20.11 67.76 -4.02
N ASN A 281 20.44 67.68 -2.73
CA ASN A 281 19.75 66.79 -1.80
C ASN A 281 18.75 67.50 -0.88
N LEU A 282 18.40 68.74 -1.21
CA LEU A 282 17.44 69.49 -0.39
C LEU A 282 16.02 68.95 -0.56
N GLY A 283 15.09 69.47 0.25
CA GLY A 283 13.69 69.07 0.15
C GLY A 283 13.39 67.76 0.86
N THR A 284 13.22 66.69 0.08
CA THR A 284 12.96 65.37 0.64
C THR A 284 14.27 64.70 1.06
N GLY A 285 15.37 65.10 0.43
CA GLY A 285 16.64 64.44 0.62
C GLY A 285 16.60 63.01 0.10
N MET A 286 15.59 62.72 -0.73
CA MET A 286 15.24 61.34 -1.06
C MET A 286 15.71 60.87 -2.44
N ARG A 287 16.19 59.62 -2.48
CA ARG A 287 16.29 58.88 -3.73
C ARG A 287 15.53 57.57 -3.56
N ALA A 288 14.36 57.49 -4.17
CA ALA A 288 13.59 56.24 -4.19
C ALA A 288 13.84 55.51 -5.50
N SER A 289 14.08 54.21 -5.43
CA SER A 289 14.41 53.45 -6.64
C SER A 289 13.90 52.01 -6.67
N VAL A 290 13.69 51.50 -7.88
CA VAL A 290 13.25 50.13 -8.10
C VAL A 290 14.01 49.55 -9.28
N HIS A 291 14.49 48.31 -9.15
CA HIS A 291 15.02 47.57 -10.29
C HIS A 291 13.90 46.71 -10.84
N VAL A 292 13.60 46.88 -12.13
CA VAL A 292 12.51 46.15 -12.76
C VAL A 292 12.89 45.76 -14.18
N LYS A 293 12.51 44.55 -14.57
CA LYS A 293 12.80 44.04 -15.92
C LYS A 293 11.59 44.30 -16.82
N ILE A 294 11.72 45.30 -17.68
CA ILE A 294 10.63 45.70 -18.57
C ILE A 294 11.11 45.91 -20.01
N PRO A 295 11.67 44.86 -20.64
CA PRO A 295 12.25 45.05 -21.99
C PRO A 295 11.23 45.45 -23.05
N HIS A 296 9.97 45.05 -22.88
CA HIS A 296 8.94 45.36 -23.86
C HIS A 296 8.35 46.76 -23.66
N ALA A 297 8.40 47.26 -22.43
CA ALA A 297 7.86 48.57 -22.11
C ALA A 297 8.64 49.70 -22.78
N LYS A 298 9.94 49.51 -22.91
CA LYS A 298 10.84 50.51 -23.48
C LYS A 298 10.44 50.93 -24.91
N GLU A 299 9.94 49.97 -25.67
CA GLU A 299 9.60 50.20 -27.08
C GLU A 299 8.17 50.72 -27.26
N HIS A 300 7.41 50.72 -26.17
CA HIS A 300 6.04 51.20 -26.19
C HIS A 300 5.98 52.72 -26.27
N PRO A 301 5.07 53.26 -27.11
CA PRO A 301 5.01 54.71 -27.35
C PRO A 301 4.62 55.54 -26.13
N ASP A 302 4.05 54.90 -25.12
CA ASP A 302 3.62 55.60 -23.91
C ASP A 302 4.67 55.52 -22.80
N PHE A 303 5.81 54.88 -23.10
CA PHE A 303 6.87 54.67 -22.11
C PHE A 303 7.39 55.97 -21.52
N GLU A 304 7.76 56.90 -22.40
CA GLU A 304 8.34 58.17 -21.98
C GLU A 304 7.32 59.11 -21.32
N ASN A 305 6.07 59.02 -21.75
CA ASN A 305 5.00 59.81 -21.16
C ASN A 305 4.73 59.40 -19.70
N ILE A 306 4.86 58.12 -19.42
CA ILE A 306 4.72 57.60 -18.06
C ILE A 306 5.81 58.18 -17.16
N LEU A 307 7.06 58.12 -17.62
CA LEU A 307 8.19 58.68 -16.87
C LEU A 307 8.00 60.17 -16.63
N THR A 308 7.63 60.90 -17.69
CA THR A 308 7.40 62.33 -17.59
C THR A 308 6.28 62.63 -16.59
N LYS A 309 5.17 61.91 -16.72
CA LYS A 309 3.99 62.11 -15.87
C LYS A 309 4.32 61.99 -14.38
N TYR A 310 5.15 61.01 -14.03
CA TYR A 310 5.44 60.74 -12.62
C TYR A 310 6.77 61.34 -12.17
N HIS A 311 7.39 62.13 -13.03
CA HIS A 311 8.66 62.79 -12.72
C HIS A 311 9.71 61.78 -12.27
N ILE A 312 9.75 60.64 -12.97
CA ILE A 312 10.73 59.60 -12.68
C ILE A 312 11.61 59.36 -13.90
N GLN A 313 12.68 58.59 -13.72
CA GLN A 313 13.63 58.34 -14.80
C GLN A 313 14.04 56.87 -14.83
N ALA A 314 14.38 56.38 -16.02
CA ALA A 314 14.75 54.98 -16.20
C ALA A 314 16.14 54.87 -16.80
N ARG A 315 17.03 54.15 -16.11
CA ARG A 315 18.40 53.98 -16.59
C ARG A 315 18.87 52.53 -16.47
N GLY A 316 20.00 52.22 -17.08
CA GLY A 316 20.61 50.90 -16.93
C GLY A 316 21.07 50.67 -15.50
N ILE A 317 21.36 49.43 -15.16
CA ILE A 317 21.79 49.07 -13.81
C ILE A 317 23.25 49.44 -13.53
N ASP A 328 20.64 40.82 -16.31
CA ASP A 328 20.33 42.24 -16.23
C ASP A 328 19.71 42.75 -17.53
N ALA A 329 19.54 41.86 -18.50
CA ALA A 329 18.99 42.23 -19.80
C ALA A 329 17.55 42.70 -19.70
N GLY A 330 17.32 43.97 -20.06
CA GLY A 330 16.00 44.56 -19.97
C GLY A 330 15.69 45.11 -18.59
N VAL A 331 16.66 45.05 -17.69
CA VAL A 331 16.48 45.54 -16.32
C VAL A 331 16.81 47.03 -16.21
N TYR A 332 15.87 47.81 -15.67
CA TYR A 332 16.07 49.24 -15.52
C TYR A 332 16.04 49.68 -14.06
N ASP A 333 16.90 50.63 -13.72
CA ASP A 333 16.83 51.26 -12.40
C ASP A 333 15.94 52.49 -12.53
N ILE A 334 14.72 52.38 -12.01
CA ILE A 334 13.79 53.49 -12.04
C ILE A 334 13.99 54.34 -10.78
N SER A 335 14.08 55.65 -10.93
CA SER A 335 14.27 56.53 -9.78
C SER A 335 13.56 57.85 -9.95
N ASN A 336 13.40 58.59 -8.86
CA ASN A 336 12.76 59.90 -8.88
C ASN A 336 13.69 60.99 -9.44
N ARG A 337 13.11 62.00 -10.07
CA ARG A 337 13.89 63.14 -10.54
C ARG A 337 13.83 64.31 -9.57
N ARG A 338 12.76 64.39 -8.78
CA ARG A 338 12.48 65.58 -7.98
C ARG A 338 12.61 65.38 -6.47
N ARG A 339 12.97 66.46 -5.77
CA ARG A 339 13.13 66.44 -4.31
C ARG A 339 12.53 67.66 -3.62
N LEU A 340 12.37 68.75 -4.37
CA LEU A 340 11.75 69.96 -3.84
C LEU A 340 10.40 70.21 -4.52
N GLY A 341 9.35 70.45 -3.72
CA GLY A 341 8.04 70.74 -4.28
C GLY A 341 7.08 69.57 -4.19
N LEU A 342 7.62 68.42 -3.78
CA LEU A 342 6.79 67.25 -3.52
C LEU A 342 7.23 66.61 -2.20
N SER A 343 6.29 66.05 -1.46
CA SER A 343 6.62 65.45 -0.16
C SER A 343 7.25 64.09 -0.36
N GLU A 344 7.78 63.52 0.73
CA GLU A 344 8.37 62.19 0.69
C GLU A 344 7.30 61.14 0.36
N VAL A 345 6.11 61.32 0.92
CA VAL A 345 4.98 60.45 0.63
C VAL A 345 4.61 60.50 -0.85
N GLN A 346 4.61 61.71 -1.41
CA GLN A 346 4.26 61.90 -2.82
C GLN A 346 5.31 61.30 -3.75
N CYS A 347 6.57 61.41 -3.36
CA CYS A 347 7.67 60.80 -4.11
C CYS A 347 7.49 59.28 -4.22
N VAL A 348 7.20 58.66 -3.08
CA VAL A 348 6.97 57.22 -3.03
C VAL A 348 5.73 56.83 -3.83
N GLN A 349 4.66 57.61 -3.68
CA GLN A 349 3.42 57.32 -4.38
C GLN A 349 3.58 57.45 -5.90
N ASP A 350 4.30 58.48 -6.34
CA ASP A 350 4.59 58.66 -7.77
C ASP A 350 5.39 57.46 -8.28
N MET A 351 6.34 57.03 -7.46
CA MET A 351 7.21 55.91 -7.78
C MET A 351 6.40 54.61 -7.92
N TYR A 352 5.53 54.36 -6.95
CA TYR A 352 4.64 53.20 -6.99
C TYR A 352 3.79 53.22 -8.25
N ASP A 353 3.11 54.34 -8.48
CA ASP A 353 2.21 54.47 -9.62
C ASP A 353 2.96 54.38 -10.95
N GLY A 354 4.12 55.03 -11.02
CA GLY A 354 4.95 54.97 -12.21
C GLY A 354 5.41 53.56 -12.55
N VAL A 355 5.97 52.86 -11.57
CA VAL A 355 6.42 51.49 -11.77
C VAL A 355 5.25 50.58 -12.14
N LYS A 356 4.11 50.79 -11.49
CA LYS A 356 2.88 50.06 -11.79
C LYS A 356 2.48 50.22 -13.26
N ALA A 357 2.56 51.45 -13.76
CA ALA A 357 2.18 51.74 -15.14
C ALA A 357 3.17 51.11 -16.13
N LEU A 358 4.45 51.15 -15.78
CA LEU A 358 5.49 50.54 -16.63
C LEU A 358 5.33 49.02 -16.67
N MET A 359 5.07 48.43 -15.52
CA MET A 359 4.91 46.98 -15.40
C MET A 359 3.71 46.50 -16.22
N GLU A 360 2.62 47.25 -16.17
CA GLU A 360 1.40 46.89 -16.91
C GLU A 360 1.65 46.85 -18.41
N LEU A 361 2.52 47.75 -18.88
CA LEU A 361 2.92 47.77 -20.27
C LEU A 361 3.70 46.50 -20.64
N GLU A 362 4.59 46.09 -19.74
CA GLU A 362 5.32 44.83 -19.92
C GLU A 362 4.37 43.65 -19.91
N LYS A 363 3.38 43.70 -19.01
CA LYS A 363 2.40 42.62 -18.87
C LYS A 363 1.52 42.46 -20.11
N GLU A 364 1.12 43.58 -20.72
CA GLU A 364 0.30 43.55 -21.94
C GLU A 364 1.04 42.88 -23.09
N ALA A 365 2.30 43.27 -23.26
CA ALA A 365 3.13 42.71 -24.34
C ALA A 365 3.35 41.19 -24.18
N ILE A 366 3.57 40.76 -22.94
CA ILE A 366 3.73 39.34 -22.65
C ILE A 366 2.42 38.57 -22.84
N ALA A 367 1.32 39.16 -22.37
CA ALA A 367 -0.01 38.57 -22.54
C ALA A 367 -0.36 38.35 -24.00
N LYS A 368 -0.15 39.38 -24.82
CA LYS A 368 -0.38 39.28 -26.26
C LYS A 368 0.45 38.17 -26.89
N LYS A 369 1.74 38.13 -26.54
CA LYS A 369 2.66 37.12 -27.05
C LYS A 369 2.22 35.71 -26.63
N ARG A 370 1.65 35.61 -25.42
CA ARG A 370 1.23 34.34 -24.86
C ARG A 370 -0.21 33.98 -25.21
N SER A 371 -0.88 34.86 -25.94
CA SER A 371 -2.28 34.65 -26.31
C SER A 371 -2.42 33.61 -27.42
N VAL A 372 -1.30 33.28 -28.06
CA VAL A 372 -1.31 32.41 -29.23
C VAL A 372 -0.45 31.16 -28.98
N PHE A 373 -0.75 30.08 -29.70
CA PHE A 373 0.07 28.86 -29.67
C PHE A 373 1.52 29.20 -29.98
N PRO A 374 2.45 28.67 -29.19
CA PRO A 374 3.87 28.94 -29.41
C PRO A 374 4.33 28.39 -30.76
N GLU A 375 4.46 29.28 -31.75
CA GLU A 375 4.79 28.89 -33.12
C GLU A 375 6.05 28.03 -33.22
N VAL A 376 6.99 28.26 -32.31
CA VAL A 376 8.26 27.54 -32.29
C VAL A 376 8.08 26.05 -31.99
N LEU A 377 6.90 25.69 -31.48
CA LEU A 377 6.59 24.29 -31.18
C LEU A 377 6.10 23.54 -32.42
N LYS A 378 6.08 24.22 -33.57
CA LYS A 378 5.59 23.60 -34.80
C LYS A 378 6.68 22.90 -35.59
N ASN A 379 7.92 23.31 -35.36
CA ASN A 379 9.09 22.60 -35.90
C ASN A 379 9.04 21.13 -35.44
N PRO A 380 8.96 20.21 -36.42
CA PRO A 380 8.87 18.77 -36.12
C PRO A 380 10.18 18.20 -35.58
N GLU A 381 11.25 18.99 -35.57
CA GLU A 381 12.53 18.56 -35.01
C GLU A 381 12.63 18.84 -33.51
N VAL A 382 11.65 19.58 -32.97
CA VAL A 382 11.52 19.74 -31.53
C VAL A 382 10.89 18.46 -30.97
N LYS A 383 11.67 17.70 -30.20
CA LYS A 383 11.23 16.40 -29.72
C LYS A 383 10.97 16.39 -28.21
N SER A 384 10.62 17.54 -27.65
CA SER A 384 10.29 17.60 -26.23
C SER A 384 8.95 16.94 -25.96
N LEU A 385 8.74 16.46 -24.74
CA LEU A 385 7.45 15.89 -24.34
C LEU A 385 6.39 16.99 -24.38
N LEU A 386 6.83 18.23 -24.16
CA LEU A 386 5.97 19.39 -24.31
C LEU A 386 5.36 19.44 -25.70
N ARG A 387 6.22 19.36 -26.71
CA ARG A 387 5.76 19.43 -28.11
C ARG A 387 4.89 18.23 -28.45
N LYS A 388 5.29 17.07 -27.93
CA LYS A 388 4.59 15.82 -28.20
C LYS A 388 3.12 15.85 -27.75
N TYR A 389 2.88 16.45 -26.59
CA TYR A 389 1.55 16.39 -25.98
C TYR A 389 0.75 17.71 -26.03
N LEU A 390 1.44 18.83 -26.24
CA LEU A 390 0.74 20.11 -26.35
C LEU A 390 0.21 20.32 -27.76
N THR A 391 -0.99 19.81 -28.02
CA THR A 391 -1.67 20.07 -29.28
C THR A 391 -2.27 21.47 -29.22
N PRO A 392 -2.49 22.11 -30.38
CA PRO A 392 -3.14 23.43 -30.41
C PRO A 392 -4.50 23.38 -29.73
N GLU A 393 -5.25 22.29 -29.93
CA GLU A 393 -6.55 22.13 -29.29
C GLU A 393 -6.42 22.11 -27.77
N LEU A 394 -5.43 21.40 -27.26
CA LEU A 394 -5.16 21.36 -25.82
C LEU A 394 -4.74 22.74 -25.33
N PHE A 395 -3.98 23.47 -26.14
CA PHE A 395 -3.51 24.80 -25.77
C PHE A 395 -4.69 25.75 -25.57
N ASP A 396 -5.55 25.84 -26.58
CA ASP A 396 -6.71 26.73 -26.54
C ASP A 396 -7.66 26.41 -25.38
N SER A 397 -7.74 25.12 -25.02
CA SER A 397 -8.65 24.70 -23.96
C SER A 397 -8.13 25.04 -22.56
N LEU A 398 -6.83 25.26 -22.44
CA LEU A 398 -6.21 25.47 -21.12
C LEU A 398 -5.59 26.85 -20.95
N LYS A 399 -5.39 27.58 -22.04
CA LYS A 399 -4.59 28.82 -22.04
C LYS A 399 -5.12 29.94 -21.14
N ASP A 400 -6.39 29.85 -20.74
CA ASP A 400 -7.03 30.96 -20.04
C ASP A 400 -7.30 30.67 -18.56
N LYS A 401 -6.83 29.52 -18.10
CA LYS A 401 -6.99 29.15 -16.69
C LYS A 401 -5.75 29.55 -15.89
N LYS A 402 -5.97 29.89 -14.62
CA LYS A 402 -4.87 30.18 -13.71
C LYS A 402 -5.15 29.54 -12.36
N THR A 403 -4.11 29.05 -11.70
CA THR A 403 -4.26 28.48 -10.37
C THR A 403 -4.59 29.59 -9.37
N ALA A 404 -4.93 29.21 -8.14
CA ALA A 404 -5.23 30.17 -7.09
C ALA A 404 -4.01 31.06 -6.79
N LYS A 405 -2.83 30.57 -7.13
CA LYS A 405 -1.58 31.31 -6.94
C LYS A 405 -1.17 32.08 -8.19
N GLY A 406 -2.02 32.06 -9.21
CA GLY A 406 -1.79 32.82 -10.43
C GLY A 406 -0.89 32.16 -11.47
N ILE A 407 -0.75 30.84 -11.40
CA ILE A 407 0.08 30.12 -12.38
C ILE A 407 -0.74 29.77 -13.63
N SER A 408 -0.20 30.12 -14.80
CA SER A 408 -0.86 29.82 -16.07
C SER A 408 -0.23 28.59 -16.72
N LEU A 409 -0.89 28.06 -17.75
CA LEU A 409 -0.32 26.98 -18.54
C LEU A 409 1.01 27.45 -19.13
N TYR A 410 1.04 28.69 -19.60
CA TYR A 410 2.23 29.23 -20.25
C TYR A 410 3.40 29.34 -19.28
N ASP A 411 3.12 29.68 -18.02
CA ASP A 411 4.15 29.66 -16.98
C ASP A 411 4.75 28.27 -16.87
N CYS A 412 3.90 27.26 -16.99
CA CYS A 412 4.33 25.87 -16.85
C CYS A 412 5.18 25.38 -18.01
N ILE A 413 4.84 25.82 -19.22
CA ILE A 413 5.52 25.34 -20.42
C ILE A 413 6.62 26.31 -20.89
N ASN A 414 6.78 27.42 -20.17
CA ASN A 414 7.70 28.48 -20.60
C ASN A 414 9.12 28.00 -20.91
N SER A 415 9.67 27.17 -20.02
CA SER A 415 11.03 26.65 -20.20
C SER A 415 11.18 25.78 -21.46
N GLY A 416 10.13 25.02 -21.80
CA GLY A 416 10.16 24.20 -22.99
C GLY A 416 9.98 25.01 -24.26
N VAL A 417 9.41 26.20 -24.11
CA VAL A 417 9.29 27.14 -25.23
C VAL A 417 10.62 27.86 -25.43
N GLU A 418 11.17 28.40 -24.35
CA GLU A 418 12.42 29.13 -24.41
C GLU A 418 13.60 28.21 -24.73
N ASN A 419 13.56 26.99 -24.21
CA ASN A 419 14.59 26.01 -24.46
C ASN A 419 14.03 24.83 -25.25
N LEU A 420 14.08 24.93 -26.57
CA LEU A 420 13.48 23.94 -27.46
C LEU A 420 14.15 22.57 -27.37
N ASP A 421 15.39 22.56 -26.91
CA ASP A 421 16.14 21.31 -26.75
C ASP A 421 15.81 20.62 -25.44
N SER A 422 14.73 21.06 -24.79
CA SER A 422 14.25 20.43 -23.57
C SER A 422 13.86 18.99 -23.81
N SER A 423 14.14 18.12 -22.84
CA SER A 423 13.66 16.74 -22.90
C SER A 423 12.18 16.73 -22.56
N CYS A 424 11.82 17.47 -21.52
CA CYS A 424 10.45 17.56 -21.06
C CYS A 424 9.88 18.95 -21.40
N GLY A 425 10.34 19.95 -20.66
CA GLY A 425 9.98 21.33 -20.95
C GLY A 425 8.76 21.85 -20.23
N VAL A 426 8.32 21.13 -19.20
CA VAL A 426 7.16 21.55 -18.42
C VAL A 426 7.43 21.47 -16.92
N TYR A 427 7.13 22.56 -16.21
CA TYR A 427 7.31 22.62 -14.77
C TYR A 427 6.00 23.00 -14.09
N ALA A 428 5.78 22.53 -12.87
CA ALA A 428 4.58 22.92 -12.12
C ALA A 428 4.91 24.06 -11.17
N GLY A 429 4.08 25.10 -11.17
CA GLY A 429 4.29 26.24 -10.31
C GLY A 429 3.73 26.00 -8.92
N ASP A 430 2.68 25.18 -8.84
CA ASP A 430 2.13 24.75 -7.56
C ASP A 430 1.42 23.40 -7.71
N GLU A 431 0.89 22.89 -6.60
CA GLU A 431 0.17 21.62 -6.61
C GLU A 431 -1.01 21.62 -7.57
N GLU A 432 -1.75 22.74 -7.59
CA GLU A 432 -2.96 22.86 -8.41
C GLU A 432 -2.67 22.65 -9.91
N CYS A 433 -1.44 22.94 -10.33
CA CYS A 433 -1.05 22.77 -11.73
C CYS A 433 -1.25 21.33 -12.21
N TYR A 434 -0.94 20.36 -11.34
CA TYR A 434 -1.05 18.96 -11.70
C TYR A 434 -2.50 18.52 -11.94
N THR A 435 -3.45 19.29 -11.39
CA THR A 435 -4.87 19.05 -11.61
C THR A 435 -5.44 19.98 -12.67
N LEU A 436 -5.21 21.28 -12.51
CA LEU A 436 -5.78 22.28 -13.41
C LEU A 436 -5.27 22.07 -14.84
N PHE A 437 -4.02 21.64 -14.96
CA PHE A 437 -3.45 21.36 -16.27
C PHE A 437 -3.21 19.88 -16.48
N ALA A 438 -4.01 19.05 -15.80
CA ALA A 438 -3.96 17.59 -15.93
C ALA A 438 -3.89 17.07 -17.38
N PRO A 439 -4.70 17.63 -18.31
CA PRO A 439 -4.62 17.10 -19.68
C PRO A 439 -3.20 17.15 -20.26
N LEU A 440 -2.36 18.08 -19.80
CA LEU A 440 -0.97 18.09 -20.20
C LEU A 440 -0.10 17.26 -19.26
N PHE A 441 -0.22 17.52 -17.96
CA PHE A 441 0.67 16.92 -16.97
C PHE A 441 0.51 15.40 -16.85
N ASP A 442 -0.73 14.90 -16.93
CA ASP A 442 -0.97 13.46 -16.86
C ASP A 442 -0.21 12.72 -17.96
N LYS A 443 -0.28 13.27 -19.17
CA LYS A 443 0.37 12.66 -20.33
C LYS A 443 1.89 12.69 -20.19
N ILE A 444 2.41 13.79 -19.66
CA ILE A 444 3.84 13.94 -19.47
C ILE A 444 4.36 13.02 -18.35
N VAL A 445 3.62 12.96 -17.25
CA VAL A 445 3.99 12.10 -16.13
C VAL A 445 4.01 10.64 -16.53
N GLU A 446 2.94 10.20 -17.21
CA GLU A 446 2.83 8.80 -17.61
C GLU A 446 3.79 8.42 -18.73
N ASP A 447 4.25 9.42 -19.48
CA ASP A 447 5.26 9.17 -20.50
C ASP A 447 6.63 8.98 -19.86
N TYR A 448 7.09 9.99 -19.12
CA TYR A 448 8.41 9.93 -18.51
C TYR A 448 8.51 8.81 -17.48
N HIS A 449 7.46 8.62 -16.70
CA HIS A 449 7.46 7.61 -15.65
C HIS A 449 6.83 6.28 -16.07
N SER A 450 6.75 6.05 -17.37
CA SER A 450 6.26 4.77 -17.90
C SER A 450 6.99 3.62 -17.23
N PRO A 451 6.27 2.52 -16.89
CA PRO A 451 4.88 2.22 -17.23
C PRO A 451 3.84 2.68 -16.20
N TYR A 452 4.21 3.54 -15.25
CA TYR A 452 3.25 3.98 -14.22
C TYR A 452 2.01 4.65 -14.80
N LYS A 453 0.86 4.31 -14.23
CA LYS A 453 -0.40 4.97 -14.56
C LYS A 453 -0.90 5.68 -13.30
N LEU A 454 -1.50 6.85 -13.46
CA LEU A 454 -1.92 7.65 -12.31
C LEU A 454 -3.08 6.99 -11.55
N ALA A 455 -3.86 6.18 -12.26
CA ALA A 455 -4.92 5.41 -11.63
C ALA A 455 -4.36 4.41 -10.61
N ASN A 456 -3.15 3.92 -10.86
CA ASN A 456 -2.49 3.00 -9.94
C ASN A 456 -2.29 3.61 -8.57
N LYS A 457 -2.05 4.93 -8.57
CA LYS A 457 -1.67 5.67 -7.37
C LYS A 457 -0.33 5.22 -6.79
N HIS A 458 0.17 5.98 -5.82
CA HIS A 458 1.54 5.81 -5.35
C HIS A 458 1.56 5.64 -3.84
N THR A 459 2.46 4.77 -3.37
CA THR A 459 2.59 4.51 -1.94
C THR A 459 3.97 4.95 -1.44
N SER A 460 3.99 5.89 -0.50
CA SER A 460 5.23 6.31 0.13
C SER A 460 5.50 5.41 1.34
N ASP A 461 6.77 5.25 1.68
CA ASP A 461 7.16 4.41 2.80
C ASP A 461 8.57 4.78 3.24
N MET A 462 8.67 5.47 4.36
CA MET A 462 9.97 5.87 4.90
C MET A 462 10.24 5.16 6.22
N ASN A 463 9.88 3.88 6.28
CA ASN A 463 10.23 3.03 7.42
C ASN A 463 11.42 2.14 7.06
N PRO A 464 12.62 2.53 7.51
CA PRO A 464 13.87 1.86 7.16
C PRO A 464 13.97 0.43 7.69
N GLU A 465 13.11 0.06 8.65
CA GLU A 465 13.10 -1.30 9.18
C GLU A 465 12.50 -2.29 8.18
N LYS A 466 11.74 -1.79 7.21
CA LYS A 466 11.14 -2.65 6.20
C LYS A 466 12.14 -3.01 5.09
N VAL A 467 13.34 -2.46 5.19
CA VAL A 467 14.44 -2.81 4.30
C VAL A 467 15.36 -3.84 4.97
N ASP A 468 15.53 -5.00 4.32
CA ASP A 468 16.42 -6.05 4.83
C ASP A 468 17.73 -5.98 4.05
N ALA A 469 18.74 -5.32 4.62
CA ALA A 469 19.97 -5.07 3.90
C ALA A 469 21.25 -5.32 4.70
N PRO A 470 21.58 -6.60 4.93
CA PRO A 470 22.87 -6.92 5.56
C PRO A 470 24.02 -6.37 4.72
N ASN A 471 25.01 -5.73 5.36
CA ASN A 471 26.09 -5.06 4.64
C ASN A 471 26.79 -5.97 3.60
N LEU A 472 26.71 -5.55 2.34
CA LEU A 472 27.20 -6.34 1.21
C LEU A 472 28.71 -6.51 1.19
N ASP A 473 29.45 -5.42 1.44
CA ASP A 473 30.90 -5.45 1.38
C ASP A 473 31.49 -4.52 2.43
N PRO A 474 31.49 -4.96 3.71
CA PRO A 474 32.02 -4.16 4.82
C PRO A 474 33.51 -3.89 4.69
N GLU A 475 34.19 -4.69 3.87
CA GLU A 475 35.59 -4.45 3.54
C GLU A 475 35.76 -3.05 2.94
N GLY A 476 35.24 -2.87 1.73
CA GLY A 476 35.44 -1.63 0.99
C GLY A 476 36.06 -1.95 -0.37
N THR A 477 36.05 -3.23 -0.70
CA THR A 477 36.68 -3.74 -1.92
C THR A 477 36.02 -3.18 -3.18
N TYR A 478 34.72 -3.39 -3.30
CA TYR A 478 33.99 -3.09 -4.54
C TYR A 478 33.17 -1.81 -4.47
N ILE A 479 32.43 -1.63 -3.38
CA ILE A 479 31.56 -0.47 -3.23
C ILE A 479 32.28 0.68 -2.53
N ARG A 480 32.68 1.67 -3.33
CA ARG A 480 33.45 2.81 -2.86
C ARG A 480 32.61 3.77 -2.03
N SER A 481 31.33 3.90 -2.38
CA SER A 481 30.43 4.79 -1.66
C SER A 481 28.95 4.45 -1.88
N THR A 482 28.10 5.00 -1.02
CA THR A 482 26.66 4.80 -1.10
C THR A 482 25.96 6.14 -0.85
N ARG A 483 24.97 6.46 -1.67
CA ARG A 483 24.29 7.75 -1.59
C ARG A 483 22.81 7.62 -1.86
N ILE A 484 21.99 8.24 -1.01
CA ILE A 484 20.54 8.26 -1.23
C ILE A 484 20.00 9.68 -1.04
N ARG A 485 19.40 10.21 -2.10
CA ARG A 485 18.84 11.56 -2.07
C ARG A 485 17.32 11.48 -2.17
N VAL A 486 16.63 12.39 -1.49
CA VAL A 486 15.21 12.59 -1.73
C VAL A 486 14.93 14.08 -1.92
N ALA A 487 14.12 14.39 -2.92
CA ALA A 487 13.63 15.75 -3.11
C ALA A 487 12.29 15.88 -2.41
N ARG A 488 12.09 16.99 -1.71
CA ARG A 488 10.84 17.22 -0.99
C ARG A 488 10.46 18.69 -1.07
N ASN A 489 9.17 18.97 -0.97
CA ASN A 489 8.71 20.36 -0.91
C ASN A 489 7.80 20.55 0.30
N VAL A 490 7.94 21.70 0.97
CA VAL A 490 7.23 21.94 2.22
C VAL A 490 5.73 22.20 1.98
N LYS A 491 4.89 21.51 2.76
CA LYS A 491 3.44 21.65 2.62
C LYS A 491 2.98 23.06 3.00
N GLY A 492 1.97 23.57 2.29
CA GLY A 492 1.40 24.87 2.59
C GLY A 492 1.87 25.97 1.66
N TYR A 493 2.79 25.63 0.75
CA TYR A 493 3.37 26.61 -0.15
C TYR A 493 3.20 26.24 -1.62
N ALA A 494 3.55 27.17 -2.49
CA ALA A 494 3.66 26.89 -3.91
C ALA A 494 4.84 25.96 -4.12
N LEU A 495 5.03 25.50 -5.36
CA LEU A 495 6.25 24.77 -5.68
C LEU A 495 7.32 25.80 -6.04
N THR A 496 8.56 25.35 -6.20
CA THR A 496 9.68 26.25 -6.46
C THR A 496 9.45 27.30 -7.57
N PRO A 497 8.96 26.89 -8.76
CA PRO A 497 8.82 27.91 -9.81
C PRO A 497 7.78 28.99 -9.49
N GLY A 498 6.84 28.72 -8.60
CA GLY A 498 5.77 29.66 -8.32
C GLY A 498 5.87 30.35 -6.97
N LEU A 499 7.00 30.16 -6.29
CA LEU A 499 7.23 30.76 -4.98
C LEU A 499 7.23 32.28 -5.05
N THR A 500 6.57 32.92 -4.08
CA THR A 500 6.71 34.36 -3.87
C THR A 500 7.93 34.60 -2.99
N ARG A 501 8.37 35.85 -2.90
CA ARG A 501 9.54 36.19 -2.09
C ARG A 501 9.37 35.76 -0.64
N ASN A 502 8.22 36.07 -0.05
CA ASN A 502 7.98 35.77 1.36
C ASN A 502 7.80 34.28 1.66
N GLU A 503 7.28 33.52 0.69
CA GLU A 503 7.18 32.07 0.86
C GLU A 503 8.57 31.47 0.99
N ARG A 504 9.44 31.80 0.04
CA ARG A 504 10.80 31.28 0.01
C ARG A 504 11.53 31.59 1.33
N LEU A 505 11.39 32.83 1.80
CA LEU A 505 12.01 33.24 3.08
C LEU A 505 11.42 32.47 4.26
N ASP A 506 10.10 32.28 4.25
CA ASP A 506 9.43 31.51 5.29
C ASP A 506 9.90 30.05 5.30
N ILE A 507 10.06 29.48 4.11
CA ILE A 507 10.56 28.10 3.99
C ILE A 507 11.97 27.96 4.57
N GLU A 508 12.87 28.86 4.19
CA GLU A 508 14.23 28.84 4.73
C GLU A 508 14.22 28.92 6.25
N ARG A 509 13.43 29.85 6.79
CA ARG A 509 13.34 30.06 8.23
C ARG A 509 12.83 28.80 8.94
N LYS A 510 11.73 28.24 8.44
CA LYS A 510 11.13 27.05 9.03
C LYS A 510 12.07 25.85 8.95
N VAL A 511 12.64 25.61 7.78
CA VAL A 511 13.54 24.48 7.58
C VAL A 511 14.79 24.57 8.47
N VAL A 512 15.47 25.73 8.45
CA VAL A 512 16.65 25.93 9.29
C VAL A 512 16.29 25.73 10.76
N GLY A 513 15.10 26.19 11.15
CA GLY A 513 14.62 26.00 12.51
C GLY A 513 14.57 24.53 12.89
N VAL A 514 14.06 23.70 11.99
CA VAL A 514 14.00 22.26 12.22
C VAL A 514 15.40 21.63 12.23
N LEU A 515 16.21 21.97 11.23
CA LEU A 515 17.55 21.41 11.09
C LEU A 515 18.46 21.75 12.27
N SER A 516 18.25 22.92 12.86
CA SER A 516 19.07 23.37 14.00
C SER A 516 18.76 22.55 15.25
N SER A 517 17.57 21.94 15.29
CA SER A 517 17.14 21.16 16.44
C SER A 517 17.52 19.70 16.31
N LEU A 518 18.14 19.36 15.18
CA LEU A 518 18.58 17.98 14.94
C LEU A 518 19.74 17.62 15.87
N THR A 519 19.54 16.59 16.69
CA THR A 519 20.55 16.16 17.66
C THR A 519 21.24 14.87 17.19
N GLY A 520 22.24 14.43 17.94
CA GLY A 520 22.96 13.22 17.59
C GLY A 520 23.82 13.38 16.35
N ASP A 521 23.84 12.34 15.51
CA ASP A 521 24.69 12.33 14.32
C ASP A 521 24.14 13.22 13.22
N LEU A 522 22.96 13.81 13.44
CA LEU A 522 22.33 14.68 12.48
C LEU A 522 22.59 16.16 12.81
N ALA A 523 23.24 16.39 13.95
CA ALA A 523 23.58 17.75 14.36
C ALA A 523 24.60 18.37 13.41
N GLY A 524 24.36 19.62 13.05
CA GLY A 524 25.25 20.36 12.16
C GLY A 524 24.96 21.83 12.17
N GLN A 525 25.40 22.55 11.14
CA GLN A 525 25.12 23.98 11.04
C GLN A 525 24.71 24.41 9.64
N TYR A 526 24.10 25.59 9.56
CA TYR A 526 23.53 26.08 8.32
C TYR A 526 24.40 27.16 7.67
N TYR A 527 24.66 27.01 6.38
CA TYR A 527 25.42 27.99 5.63
C TYR A 527 24.56 28.60 4.51
N PRO A 528 24.03 29.81 4.74
CA PRO A 528 23.22 30.49 3.73
C PRO A 528 24.10 31.00 2.60
N LEU A 529 23.59 30.99 1.37
CA LEU A 529 24.34 31.51 0.23
C LEU A 529 24.44 33.03 0.28
N THR A 530 23.43 33.67 0.86
CA THR A 530 23.41 35.12 1.00
C THR A 530 24.40 35.56 2.06
N GLY A 531 25.42 36.30 1.65
CA GLY A 531 26.43 36.79 2.58
C GLY A 531 27.54 35.80 2.86
N MET A 532 27.63 34.74 2.05
CA MET A 532 28.68 33.74 2.21
C MET A 532 30.05 34.29 1.80
N ASP A 533 31.00 34.27 2.73
CA ASP A 533 32.38 34.66 2.40
C ASP A 533 33.07 33.59 1.57
N GLU A 534 34.14 33.96 0.87
CA GLU A 534 34.83 33.06 -0.05
C GLU A 534 35.46 31.84 0.64
N ALA A 535 35.97 32.04 1.85
CA ALA A 535 36.57 30.94 2.62
C ALA A 535 35.55 29.83 2.86
N THR A 536 34.40 30.20 3.43
CA THR A 536 33.31 29.26 3.67
C THR A 536 32.86 28.59 2.38
N ARG A 537 32.86 29.38 1.29
CA ARG A 537 32.47 28.88 -0.01
C ARG A 537 33.43 27.78 -0.48
N GLN A 538 34.71 28.10 -0.49
CA GLN A 538 35.74 27.15 -0.92
C GLN A 538 35.74 25.90 -0.04
N LYS A 539 35.45 26.08 1.26
CA LYS A 539 35.31 24.97 2.17
C LYS A 539 34.22 24.01 1.68
N LEU A 540 33.08 24.59 1.31
CA LEU A 540 31.95 23.81 0.82
C LEU A 540 32.22 23.17 -0.54
N VAL A 541 32.88 23.91 -1.43
CA VAL A 541 33.24 23.41 -2.76
C VAL A 541 34.10 22.15 -2.65
N ASN A 542 35.05 22.18 -1.72
CA ASN A 542 35.97 21.07 -1.51
C ASN A 542 35.30 19.82 -0.94
N ASP A 543 34.24 20.01 -0.16
CA ASP A 543 33.46 18.88 0.35
C ASP A 543 32.36 18.48 -0.64
N HIS A 544 32.33 19.14 -1.79
CA HIS A 544 31.30 18.94 -2.82
C HIS A 544 29.90 19.19 -2.27
N PHE A 545 29.77 20.21 -1.42
CA PHE A 545 28.50 20.55 -0.78
C PHE A 545 27.81 21.75 -1.43
N LEU A 546 28.56 22.51 -2.21
CA LEU A 546 28.03 23.73 -2.80
C LEU A 546 27.14 23.47 -4.00
N PHE A 547 26.10 24.29 -4.15
CA PHE A 547 25.33 24.34 -5.38
C PHE A 547 25.32 25.78 -5.86
N LYS A 548 24.97 25.98 -7.13
CA LYS A 548 24.96 27.31 -7.70
C LYS A 548 23.64 27.59 -8.41
N LYS A 549 23.52 28.79 -8.99
CA LYS A 549 22.31 29.21 -9.70
C LYS A 549 21.92 28.18 -10.77
N GLY A 550 20.63 27.97 -10.94
CA GLY A 550 20.13 27.00 -11.90
C GLY A 550 20.45 27.38 -13.33
N ASP A 551 20.48 26.38 -14.22
CA ASP A 551 20.77 26.62 -15.63
C ASP A 551 19.63 27.35 -16.36
N ARG A 552 19.74 27.44 -17.68
CA ARG A 552 18.74 28.12 -18.50
C ARG A 552 17.34 27.48 -18.43
N PHE A 553 17.28 26.19 -18.15
CA PHE A 553 15.98 25.51 -18.06
C PHE A 553 15.26 25.93 -16.78
N LEU A 554 16.00 25.98 -15.67
CA LEU A 554 15.46 26.44 -14.40
C LEU A 554 15.16 27.93 -14.43
N GLU A 555 16.05 28.69 -15.07
CA GLU A 555 15.86 30.13 -15.24
C GLU A 555 14.54 30.43 -15.94
N ALA A 556 14.29 29.73 -17.04
CA ALA A 556 13.08 29.94 -17.81
C ALA A 556 11.84 29.43 -17.08
N ALA A 557 12.03 28.52 -16.13
CA ALA A 557 10.92 27.98 -15.35
C ALA A 557 10.56 28.88 -14.19
N GLY A 558 11.45 29.83 -13.87
CA GLY A 558 11.20 30.77 -12.80
C GLY A 558 11.79 30.33 -11.47
N VAL A 559 12.71 29.36 -11.53
CA VAL A 559 13.32 28.80 -10.34
C VAL A 559 14.36 29.74 -9.71
N ASN A 560 15.09 30.47 -10.55
CA ASN A 560 16.22 31.29 -10.08
C ASN A 560 15.85 32.63 -9.44
N LYS A 561 14.55 32.90 -9.29
CA LYS A 561 14.09 34.20 -8.80
C LYS A 561 14.76 34.68 -7.52
N LEU A 562 15.30 35.89 -7.57
CA LEU A 562 15.91 36.55 -6.40
C LEU A 562 17.14 35.84 -5.84
N TRP A 563 17.86 35.13 -6.70
CA TRP A 563 19.07 34.41 -6.29
C TRP A 563 20.06 35.36 -5.61
N PRO A 564 20.67 34.92 -4.49
CA PRO A 564 20.55 33.62 -3.82
C PRO A 564 19.69 33.69 -2.56
N GLU A 565 18.81 34.69 -2.47
CA GLU A 565 17.99 34.88 -1.28
C GLU A 565 17.16 33.64 -0.93
N GLY A 566 17.27 33.19 0.31
CA GLY A 566 16.49 32.05 0.77
C GLY A 566 17.17 30.72 0.51
N ARG A 567 18.31 30.75 -0.19
CA ARG A 567 19.05 29.52 -0.48
C ARG A 567 20.12 29.31 0.58
N GLY A 568 20.36 28.05 0.93
CA GLY A 568 21.38 27.73 1.91
C GLY A 568 21.70 26.26 1.98
N ILE A 569 22.73 25.93 2.75
CA ILE A 569 23.24 24.57 2.84
C ILE A 569 23.41 24.15 4.30
N PHE A 570 22.97 22.94 4.61
CA PHE A 570 23.17 22.36 5.94
C PHE A 570 23.88 21.02 5.80
N HIS A 571 24.82 20.74 6.70
CA HIS A 571 25.41 19.42 6.77
C HIS A 571 25.76 19.06 8.21
N ASN A 572 25.77 17.77 8.53
CA ASN A 572 26.19 17.35 9.86
C ASN A 572 27.71 17.28 9.97
N ASN A 573 28.22 17.21 11.21
CA ASN A 573 29.65 17.24 11.45
C ASN A 573 30.41 16.07 10.82
N ASP A 574 29.70 14.95 10.60
CA ASP A 574 30.32 13.74 10.06
C ASP A 574 30.36 13.69 8.53
N LYS A 575 29.87 14.74 7.88
CA LYS A 575 29.82 14.80 6.41
C LYS A 575 29.09 13.61 5.79
N THR A 576 28.03 13.17 6.46
CA THR A 576 27.26 12.02 6.00
C THR A 576 25.80 12.40 5.75
N PHE A 577 25.50 13.67 5.99
CA PHE A 577 24.14 14.19 5.80
C PHE A 577 24.19 15.60 5.26
N LEU A 578 23.48 15.84 4.16
CA LEU A 578 23.53 17.12 3.46
C LEU A 578 22.12 17.58 3.07
N VAL A 579 21.82 18.86 3.34
CA VAL A 579 20.57 19.45 2.90
C VAL A 579 20.81 20.72 2.09
N TRP A 580 20.24 20.77 0.90
CA TRP A 580 20.21 21.99 0.11
C TRP A 580 18.83 22.61 0.29
N ILE A 581 18.78 23.91 0.57
CA ILE A 581 17.51 24.58 0.76
C ILE A 581 17.20 25.53 -0.40
N ASN A 582 16.03 25.35 -1.00
CA ASN A 582 15.52 26.23 -2.06
C ASN A 582 16.40 26.32 -3.31
N GLU A 583 17.09 25.23 -3.63
CA GLU A 583 17.78 25.12 -4.91
C GLU A 583 16.73 24.83 -5.99
N GLU A 584 16.74 23.60 -6.51
CA GLU A 584 15.78 23.18 -7.53
C GLU A 584 14.43 22.86 -6.89
N ASP A 585 14.47 22.13 -5.79
CA ASP A 585 13.29 21.95 -4.94
C ASP A 585 13.56 22.67 -3.62
N GLN A 586 12.53 22.83 -2.80
CA GLN A 586 12.68 23.51 -1.52
C GLN A 586 13.58 22.73 -0.58
N LEU A 587 13.55 21.40 -0.71
CA LEU A 587 14.40 20.54 0.09
C LEU A 587 15.05 19.47 -0.78
N ARG A 588 16.37 19.44 -0.80
CA ARG A 588 17.06 18.26 -1.31
C ARG A 588 17.85 17.63 -0.17
N ILE A 589 17.42 16.44 0.23
CA ILE A 589 17.95 15.78 1.40
C ILE A 589 18.79 14.57 1.00
N ILE A 590 20.04 14.56 1.45
CA ILE A 590 21.02 13.57 1.00
C ILE A 590 21.70 12.86 2.17
N SER A 591 21.69 11.54 2.13
CA SER A 591 22.42 10.74 3.10
C SER A 591 23.48 9.96 2.35
N MET A 592 24.67 9.85 2.94
CA MET A 592 25.83 9.35 2.19
C MET A 592 26.90 8.82 3.13
N GLU A 593 27.53 7.71 2.75
CA GLU A 593 28.64 7.15 3.51
C GLU A 593 29.67 6.57 2.55
N LYS A 594 30.92 6.53 2.99
CA LYS A 594 31.90 5.70 2.30
C LYS A 594 31.54 4.26 2.62
N GLY A 595 31.80 3.36 1.69
CA GLY A 595 31.50 1.96 1.91
C GLY A 595 30.21 1.52 1.24
N SER A 596 29.58 0.50 1.83
CA SER A 596 28.49 -0.22 1.17
C SER A 596 27.19 -0.27 1.97
N ASP A 597 27.18 0.30 3.17
CA ASP A 597 26.02 0.13 4.06
C ASP A 597 24.80 0.95 3.62
N ILE A 598 24.15 0.50 2.55
CA ILE A 598 22.90 1.08 2.07
C ILE A 598 21.88 1.22 3.21
N GLY A 599 21.76 0.15 4.00
CA GLY A 599 20.84 0.13 5.13
C GLY A 599 21.07 1.26 6.12
N SER A 600 22.33 1.51 6.46
CA SER A 600 22.69 2.58 7.38
C SER A 600 22.37 3.95 6.80
N VAL A 601 22.74 4.14 5.54
CA VAL A 601 22.49 5.41 4.83
C VAL A 601 21.00 5.74 4.83
N PHE A 602 20.17 4.76 4.46
CA PHE A 602 18.73 4.94 4.38
C PHE A 602 18.10 5.14 5.76
N GLY A 603 18.63 4.44 6.77
CA GLY A 603 18.16 4.61 8.13
C GLY A 603 18.39 6.02 8.63
N ARG A 604 19.55 6.59 8.30
CA ARG A 604 19.87 7.96 8.66
C ARG A 604 18.96 8.93 7.91
N LEU A 605 18.73 8.64 6.62
CA LEU A 605 17.86 9.49 5.79
C LEU A 605 16.45 9.57 6.36
N CYS A 606 15.87 8.40 6.68
CA CYS A 606 14.52 8.33 7.20
C CYS A 606 14.38 9.09 8.52
N ARG A 607 15.36 8.94 9.40
CA ARG A 607 15.34 9.63 10.69
C ARG A 607 15.28 11.14 10.49
N ALA A 608 16.05 11.66 9.53
CA ALA A 608 16.05 13.09 9.26
C ALA A 608 14.76 13.52 8.55
N VAL A 609 14.39 12.79 7.49
CA VAL A 609 13.22 13.16 6.68
C VAL A 609 11.91 13.04 7.47
N ASN A 610 11.77 11.97 8.24
CA ASN A 610 10.58 11.79 9.06
C ASN A 610 10.39 12.89 10.11
N GLU A 611 11.50 13.37 10.66
CA GLU A 611 11.45 14.43 11.66
C GLU A 611 11.05 15.77 11.04
N ILE A 612 11.67 16.09 9.90
CA ILE A 612 11.29 17.27 9.13
C ILE A 612 9.82 17.17 8.72
N ASP A 613 9.41 15.98 8.32
CA ASP A 613 8.03 15.72 7.94
C ASP A 613 7.09 16.04 9.09
N LYS A 614 7.35 15.45 10.26
CA LYS A 614 6.55 15.67 11.45
C LYS A 614 6.40 17.15 11.81
N GLN A 615 7.48 17.91 11.66
CA GLN A 615 7.49 19.31 12.06
C GLN A 615 6.86 20.25 11.02
N LEU A 616 7.05 19.94 9.74
CA LEU A 616 6.67 20.86 8.68
C LEU A 616 5.57 20.33 7.74
N GLY A 617 5.66 19.05 7.39
CA GLY A 617 4.76 18.49 6.40
C GLY A 617 5.32 18.67 5.00
N PHE A 618 4.98 17.73 4.11
CA PHE A 618 5.45 17.75 2.73
C PHE A 618 4.27 17.83 1.75
N GLN A 619 4.50 18.40 0.58
CA GLN A 619 3.50 18.39 -0.49
C GLN A 619 3.42 17.00 -1.09
N HIS A 620 2.21 16.46 -1.20
CA HIS A 620 2.03 15.04 -1.50
C HIS A 620 0.62 14.76 -2.01
N THR A 621 0.50 13.83 -2.97
CA THR A 621 -0.82 13.34 -3.39
C THR A 621 -0.78 11.83 -3.55
N ASP A 622 -1.94 11.19 -3.52
CA ASP A 622 -2.01 9.75 -3.73
C ASP A 622 -1.51 9.38 -5.12
N ALA A 623 -1.83 10.21 -6.11
CA ALA A 623 -1.52 9.91 -7.51
C ALA A 623 -0.08 10.24 -7.91
N HIS A 624 0.50 11.28 -7.31
CA HIS A 624 1.83 11.74 -7.71
C HIS A 624 2.90 11.48 -6.66
N GLY A 625 2.50 11.02 -5.48
CA GLY A 625 3.43 10.86 -4.38
C GLY A 625 3.89 12.24 -3.94
N TYR A 626 5.18 12.39 -3.64
CA TYR A 626 5.70 13.69 -3.25
C TYR A 626 5.79 14.64 -4.46
N LEU A 627 5.24 15.83 -4.30
CA LEU A 627 5.16 16.81 -5.37
C LEU A 627 6.48 17.58 -5.55
N SER A 628 6.84 17.82 -6.80
CA SER A 628 8.00 18.64 -7.14
C SER A 628 7.64 19.54 -8.31
N GLY A 629 8.35 20.65 -8.44
CA GLY A 629 8.17 21.54 -9.57
C GLY A 629 8.56 20.82 -10.84
N CYS A 630 9.43 19.82 -10.69
N CYS A 630 9.48 19.87 -10.73
CA CYS A 630 9.90 19.00 -11.80
CA CYS A 630 9.85 19.05 -11.88
C CYS A 630 9.19 17.64 -11.80
C CYS A 630 9.19 17.68 -11.82
N PRO A 631 8.33 17.40 -12.80
CA PRO A 631 7.56 16.14 -12.92
C PRO A 631 8.44 14.88 -12.90
N THR A 632 9.71 15.03 -13.27
CA THR A 632 10.66 13.93 -13.22
C THR A 632 11.01 13.54 -11.78
N ASN A 633 10.73 14.43 -10.82
CA ASN A 633 11.08 14.19 -9.43
C ASN A 633 9.89 13.82 -8.54
N LEU A 634 8.84 13.28 -9.14
CA LEU A 634 7.63 12.92 -8.41
C LEU A 634 7.79 11.58 -7.67
N GLY A 635 6.71 11.11 -7.06
CA GLY A 635 6.72 9.83 -6.37
C GLY A 635 7.63 9.79 -5.15
N THR A 636 8.74 9.08 -5.26
CA THR A 636 9.71 8.99 -4.19
C THR A 636 10.59 10.24 -4.17
N GLY A 637 10.72 10.88 -5.33
CA GLY A 637 11.64 11.98 -5.49
C GLY A 637 13.04 11.54 -5.11
N MET A 638 13.32 10.26 -5.31
CA MET A 638 14.53 9.64 -4.79
C MET A 638 15.54 9.28 -5.88
N ARG A 639 16.81 9.46 -5.55
CA ARG A 639 17.90 8.87 -6.32
C ARG A 639 18.76 8.09 -5.34
N ALA A 640 18.72 6.77 -5.43
CA ALA A 640 19.59 5.91 -4.63
C ALA A 640 20.80 5.52 -5.47
N SER A 641 22.00 5.75 -4.94
CA SER A 641 23.23 5.61 -5.74
C SER A 641 24.31 4.77 -5.06
N VAL A 642 25.05 4.01 -5.88
CA VAL A 642 26.10 3.14 -5.38
C VAL A 642 27.33 3.17 -6.30
N HIS A 643 28.45 3.73 -5.83
CA HIS A 643 29.68 3.74 -6.61
C HIS A 643 30.42 2.41 -6.47
N VAL A 644 30.36 1.59 -7.51
CA VAL A 644 30.87 0.22 -7.44
C VAL A 644 31.91 -0.05 -8.53
N LYS A 645 32.66 -1.15 -8.38
CA LYS A 645 33.62 -1.59 -9.39
C LYS A 645 33.24 -2.95 -9.94
N ILE A 646 32.71 -2.99 -11.16
CA ILE A 646 32.18 -4.22 -11.74
C ILE A 646 32.50 -4.37 -13.24
N PRO A 647 33.54 -5.14 -13.59
CA PRO A 647 33.69 -5.59 -14.99
C PRO A 647 33.19 -7.04 -15.22
N LYS A 648 33.41 -7.94 -14.26
CA LYS A 648 32.99 -9.33 -14.41
C LYS A 648 31.48 -9.48 -14.61
N ALA A 649 30.70 -8.99 -13.66
CA ALA A 649 29.25 -9.00 -13.79
C ALA A 649 28.77 -8.06 -14.91
N SER A 650 29.55 -7.01 -15.19
CA SER A 650 29.24 -6.09 -16.27
C SER A 650 29.15 -6.83 -17.61
N ALA A 651 30.15 -7.66 -17.85
CA ALA A 651 30.23 -8.47 -19.06
C ALA A 651 29.33 -9.71 -19.00
N HIS A 652 28.97 -10.15 -17.80
CA HIS A 652 28.12 -11.33 -17.63
C HIS A 652 26.77 -11.18 -18.32
N PRO A 653 26.35 -12.22 -19.06
CA PRO A 653 25.07 -12.23 -19.80
C PRO A 653 23.84 -12.06 -18.92
N ASP A 654 23.99 -12.17 -17.60
CA ASP A 654 22.87 -11.94 -16.69
C ASP A 654 22.83 -10.50 -16.19
N PHE A 655 23.68 -9.66 -16.76
CA PHE A 655 23.69 -8.23 -16.44
C PHE A 655 22.31 -7.63 -16.74
N GLN A 656 21.87 -7.80 -17.99
CA GLN A 656 20.60 -7.28 -18.45
C GLN A 656 19.45 -7.73 -17.57
N LYS A 657 19.30 -9.04 -17.41
CA LYS A 657 18.24 -9.63 -16.58
C LYS A 657 18.21 -9.06 -15.16
N ILE A 658 19.38 -8.80 -14.59
CA ILE A 658 19.47 -8.25 -13.24
C ILE A 658 19.14 -6.76 -13.20
N CYS A 659 19.84 -5.96 -13.99
CA CYS A 659 19.61 -4.52 -14.04
C CYS A 659 18.20 -4.16 -14.49
N ASP A 660 17.52 -5.12 -15.12
CA ASP A 660 16.14 -4.91 -15.57
C ASP A 660 15.11 -5.47 -14.59
N GLU A 661 15.47 -6.50 -13.84
CA GLU A 661 14.58 -7.04 -12.82
C GLU A 661 14.49 -6.08 -11.63
N PHE A 662 15.55 -5.29 -11.43
CA PHE A 662 15.63 -4.41 -10.28
C PHE A 662 15.59 -2.93 -10.64
N HIS A 663 15.27 -2.65 -11.89
CA HIS A 663 15.01 -1.28 -12.36
C HIS A 663 16.15 -0.35 -12.01
N ILE A 664 17.37 -0.82 -12.21
CA ILE A 664 18.56 -0.05 -11.91
C ILE A 664 19.33 0.24 -13.19
N GLN A 665 20.30 1.16 -13.11
CA GLN A 665 21.08 1.52 -14.28
C GLN A 665 22.51 1.87 -13.91
N ALA A 666 23.46 1.47 -14.75
CA ALA A 666 24.87 1.70 -14.49
C ALA A 666 25.49 2.66 -15.51
N ARG A 667 26.20 3.66 -15.02
CA ARG A 667 27.01 4.54 -15.86
C ARG A 667 28.38 4.72 -15.23
N GLY A 668 29.38 5.04 -16.05
CA GLY A 668 30.76 5.11 -15.58
C GLY A 668 31.27 6.52 -15.30
N ILE A 669 32.05 6.66 -14.24
CA ILE A 669 32.59 7.96 -13.83
C ILE A 669 34.04 7.87 -13.34
N GLY A 682 37.71 1.23 -13.11
CA GLY A 682 36.42 0.97 -13.73
C GLY A 682 35.27 1.19 -12.76
N VAL A 683 35.16 2.42 -12.27
CA VAL A 683 34.12 2.76 -11.29
C VAL A 683 32.79 3.00 -12.00
N PHE A 684 31.73 2.40 -11.49
CA PHE A 684 30.41 2.60 -12.07
C PHE A 684 29.42 3.23 -11.09
N ASP A 685 28.31 3.73 -11.64
CA ASP A 685 27.30 4.41 -10.85
C ASP A 685 25.95 3.69 -11.01
N ILE A 686 25.65 2.81 -10.07
CA ILE A 686 24.36 2.12 -10.07
C ILE A 686 23.31 3.02 -9.42
N SER A 687 22.28 3.36 -10.19
CA SER A 687 21.19 4.20 -9.69
C SER A 687 19.83 3.60 -10.07
N ASN A 688 18.78 4.07 -9.40
CA ASN A 688 17.43 3.57 -9.65
C ASN A 688 16.81 4.21 -10.89
N ARG A 689 16.01 3.44 -11.63
CA ARG A 689 15.37 3.94 -12.83
C ARG A 689 14.07 4.68 -12.50
N ARG A 690 13.30 4.11 -11.57
CA ARG A 690 11.93 4.55 -11.31
C ARG A 690 11.77 5.41 -10.06
N ARG A 691 10.70 6.20 -10.03
CA ARG A 691 10.38 7.07 -8.91
C ARG A 691 8.89 7.02 -8.56
N LEU A 692 8.07 6.59 -9.52
CA LEU A 692 6.63 6.45 -9.29
C LEU A 692 6.20 4.99 -9.45
N GLY A 693 5.36 4.52 -8.53
CA GLY A 693 4.87 3.16 -8.59
C GLY A 693 5.56 2.24 -7.60
N LEU A 694 6.59 2.74 -6.94
CA LEU A 694 7.29 1.97 -5.91
C LEU A 694 7.63 2.89 -4.74
N SER A 695 7.67 2.32 -3.54
CA SER A 695 7.95 3.11 -2.35
C SER A 695 9.45 3.37 -2.20
N GLU A 696 9.81 4.28 -1.30
CA GLU A 696 11.22 4.53 -1.02
C GLU A 696 11.87 3.25 -0.50
N VAL A 697 11.15 2.52 0.34
CA VAL A 697 11.59 1.23 0.86
C VAL A 697 11.88 0.23 -0.25
N GLN A 698 10.93 0.09 -1.18
CA GLN A 698 11.05 -0.86 -2.28
C GLN A 698 12.21 -0.49 -3.20
N CYS A 699 12.42 0.81 -3.40
CA CYS A 699 13.50 1.30 -4.25
C CYS A 699 14.87 0.96 -3.67
N VAL A 700 14.98 1.12 -2.35
CA VAL A 700 16.22 0.80 -1.64
C VAL A 700 16.49 -0.70 -1.64
N GLN A 701 15.47 -1.49 -1.36
CA GLN A 701 15.59 -2.94 -1.33
C GLN A 701 16.01 -3.48 -2.70
N ASP A 702 15.40 -2.94 -3.76
CA ASP A 702 15.74 -3.32 -5.13
C ASP A 702 17.19 -3.04 -5.46
N MET A 703 17.66 -1.85 -5.08
CA MET A 703 19.05 -1.47 -5.29
C MET A 703 19.97 -2.44 -4.57
N TYR A 704 19.63 -2.76 -3.33
CA TYR A 704 20.38 -3.75 -2.54
C TYR A 704 20.36 -5.10 -3.24
N ASN A 705 19.16 -5.59 -3.51
CA ASN A 705 18.96 -6.89 -4.14
C ASN A 705 19.72 -7.04 -5.47
N GLY A 706 19.82 -5.95 -6.21
CA GLY A 706 20.49 -5.95 -7.50
C GLY A 706 22.01 -5.85 -7.43
N VAL A 707 22.48 -4.85 -6.70
CA VAL A 707 23.92 -4.66 -6.46
C VAL A 707 24.53 -5.90 -5.81
N LYS A 708 23.71 -6.58 -5.01
CA LYS A 708 24.08 -7.86 -4.41
C LYS A 708 24.49 -8.85 -5.49
N LYS A 709 23.59 -9.09 -6.45
CA LYS A 709 23.83 -10.05 -7.52
C LYS A 709 25.02 -9.67 -8.40
N LEU A 710 25.24 -8.38 -8.60
CA LEU A 710 26.39 -7.91 -9.36
C LEU A 710 27.69 -8.23 -8.60
N LEU A 711 27.56 -8.34 -7.28
CA LEU A 711 28.69 -8.73 -6.43
C LEU A 711 28.84 -10.24 -6.34
N GLU A 712 27.72 -10.96 -6.41
CA GLU A 712 27.74 -12.43 -6.40
C GLU A 712 28.23 -13.01 -7.73
N ILE A 713 28.85 -12.14 -8.54
CA ILE A 713 29.52 -12.54 -9.78
C ILE A 713 30.93 -11.98 -9.75
N GLU A 714 31.05 -10.72 -9.31
CA GLU A 714 32.34 -10.06 -9.15
C GLU A 714 33.21 -10.81 -8.14
N LYS A 715 32.56 -11.50 -7.21
CA LYS A 715 33.23 -12.24 -6.15
C LYS A 715 33.58 -13.67 -6.54
N SER A 716 32.77 -14.26 -7.41
CA SER A 716 32.96 -15.66 -7.81
C SER A 716 34.34 -15.94 -8.43
N THR A 717 34.66 -17.22 -8.58
CA THR A 717 35.95 -17.61 -9.14
C THR A 717 35.84 -18.97 -9.83
N MET B 4 -29.04 -72.53 -4.66
CA MET B 4 -28.93 -73.15 -3.34
C MET B 4 -30.32 -73.46 -2.77
N ALA B 5 -31.26 -72.55 -2.99
CA ALA B 5 -32.63 -72.73 -2.53
C ALA B 5 -33.27 -73.97 -3.16
N ASP B 6 -33.95 -74.76 -2.35
CA ASP B 6 -34.66 -75.94 -2.84
C ASP B 6 -36.06 -75.99 -2.25
N PRO B 7 -36.97 -75.17 -2.79
CA PRO B 7 -38.34 -75.05 -2.30
C PRO B 7 -39.12 -76.35 -2.46
N GLU B 8 -38.94 -77.02 -3.60
CA GLU B 8 -39.70 -78.22 -3.93
C GLU B 8 -39.50 -79.36 -2.94
N THR B 9 -38.25 -79.60 -2.55
CA THR B 9 -37.95 -80.65 -1.58
C THR B 9 -38.58 -80.32 -0.24
N ALA B 10 -38.40 -79.07 0.20
CA ALA B 10 -38.95 -78.61 1.46
C ALA B 10 -40.48 -78.70 1.49
N ALA B 11 -41.11 -78.34 0.37
CA ALA B 11 -42.57 -78.30 0.30
C ALA B 11 -43.20 -79.68 0.47
N LYS B 12 -42.50 -80.71 0.01
CA LYS B 12 -42.97 -82.09 0.17
C LYS B 12 -43.14 -82.43 1.64
N PHE B 13 -42.16 -82.05 2.44
CA PHE B 13 -42.19 -82.31 3.87
C PHE B 13 -43.15 -81.38 4.61
N LYS B 14 -43.17 -80.11 4.23
CA LYS B 14 -44.07 -79.15 4.87
C LYS B 14 -45.53 -79.51 4.64
N SER B 15 -45.84 -79.94 3.41
CA SER B 15 -47.20 -80.34 3.06
C SER B 15 -47.72 -81.45 3.97
N LYS B 16 -46.82 -82.34 4.38
CA LYS B 16 -47.20 -83.47 5.22
C LYS B 16 -47.02 -83.15 6.70
N ASN B 17 -46.60 -81.92 7.00
CA ASN B 17 -46.28 -81.52 8.36
C ASN B 17 -45.34 -82.55 8.98
N ALA B 18 -44.34 -82.96 8.20
CA ALA B 18 -43.42 -84.02 8.62
C ALA B 18 -42.06 -83.42 8.97
N PHE B 19 -41.24 -84.19 9.68
CA PHE B 19 -39.90 -83.73 10.03
C PHE B 19 -39.10 -83.40 8.79
N PRO B 20 -38.43 -82.24 8.79
CA PRO B 20 -37.63 -81.81 7.64
C PRO B 20 -36.34 -82.63 7.51
N ASP B 21 -36.45 -83.79 6.88
CA ASP B 21 -35.28 -84.62 6.58
C ASP B 21 -34.12 -83.91 5.87
N PRO B 22 -34.40 -82.88 5.03
CA PRO B 22 -33.27 -82.12 4.46
C PRO B 22 -32.29 -81.54 5.48
N LEU B 23 -32.69 -81.43 6.75
CA LEU B 23 -31.79 -80.95 7.79
C LEU B 23 -30.75 -82.02 8.15
N ASN B 24 -31.07 -83.28 7.83
CA ASN B 24 -30.15 -84.39 8.06
C ASN B 24 -29.27 -84.68 6.84
N ASP B 25 -29.55 -83.98 5.74
CA ASP B 25 -28.68 -84.01 4.56
C ASP B 25 -27.30 -83.55 4.99
N PRO B 26 -26.26 -84.35 4.68
CA PRO B 26 -24.88 -84.01 5.08
C PRO B 26 -24.40 -82.70 4.46
N LYS B 27 -25.07 -82.25 3.41
CA LYS B 27 -24.74 -81.00 2.74
C LYS B 27 -25.31 -79.79 3.49
N CYS B 28 -26.18 -80.04 4.45
CA CYS B 28 -26.71 -78.98 5.30
C CYS B 28 -25.57 -78.37 6.12
N ASN B 29 -25.58 -77.05 6.25
CA ASN B 29 -24.61 -76.35 7.10
C ASN B 29 -24.59 -76.97 8.49
N PRO B 30 -23.43 -77.50 8.92
CA PRO B 30 -23.34 -78.10 10.25
C PRO B 30 -23.49 -77.07 11.36
N LYS B 31 -23.34 -75.79 11.01
CA LYS B 31 -23.50 -74.71 11.98
C LYS B 31 -24.91 -74.14 11.98
N SER B 32 -25.79 -74.72 11.17
CA SER B 32 -27.19 -74.31 11.12
C SER B 32 -27.87 -74.50 12.48
N LEU B 33 -28.32 -73.39 13.06
CA LEU B 33 -28.95 -73.43 14.38
C LEU B 33 -30.26 -74.20 14.38
N VAL B 34 -31.03 -74.10 13.30
CA VAL B 34 -32.28 -74.87 13.20
C VAL B 34 -31.99 -76.36 13.12
N LYS B 35 -30.96 -76.75 12.36
CA LYS B 35 -30.56 -78.16 12.28
C LYS B 35 -30.13 -78.66 13.64
N LYS B 36 -29.33 -77.85 14.33
CA LYS B 36 -28.76 -78.22 15.62
C LYS B 36 -29.84 -78.42 16.68
N TYR B 37 -30.83 -77.54 16.70
CA TYR B 37 -31.82 -77.56 17.77
C TYR B 37 -33.22 -78.10 17.40
N LEU B 38 -33.47 -78.33 16.12
CA LEU B 38 -34.72 -78.99 15.74
C LEU B 38 -34.54 -80.50 15.73
N THR B 39 -34.55 -81.08 16.92
CA THR B 39 -34.52 -82.52 17.09
C THR B 39 -35.91 -83.08 16.78
N PRO B 40 -35.98 -84.36 16.39
CA PRO B 40 -37.27 -85.04 16.19
C PRO B 40 -38.19 -84.86 17.39
N LYS B 41 -37.65 -85.00 18.60
CA LYS B 41 -38.41 -84.74 19.82
C LYS B 41 -39.05 -83.36 19.82
N VAL B 42 -38.24 -82.34 19.55
CA VAL B 42 -38.71 -80.96 19.53
C VAL B 42 -39.75 -80.72 18.42
N PHE B 43 -39.47 -81.22 17.23
CA PHE B 43 -40.42 -81.10 16.12
C PHE B 43 -41.77 -81.71 16.47
N GLU B 44 -41.75 -82.94 16.96
CA GLU B 44 -42.99 -83.68 17.24
C GLU B 44 -43.84 -83.04 18.34
N SER B 45 -43.20 -82.37 19.28
CA SER B 45 -43.93 -81.73 20.38
C SER B 45 -44.59 -80.41 19.96
N LEU B 46 -44.12 -79.83 18.87
CA LEU B 46 -44.57 -78.50 18.45
C LEU B 46 -45.32 -78.48 17.13
N LYS B 47 -45.27 -79.57 16.37
CA LYS B 47 -45.76 -79.58 14.99
C LYS B 47 -47.26 -79.31 14.84
N ASN B 48 -48.02 -79.51 15.91
CA ASN B 48 -49.49 -79.36 15.83
C ASN B 48 -50.00 -78.08 16.49
N LYS B 49 -49.08 -77.23 16.94
CA LYS B 49 -49.46 -75.98 17.59
C LYS B 49 -49.50 -74.81 16.61
N LYS B 50 -50.44 -73.89 16.82
CA LYS B 50 -50.54 -72.68 16.00
C LYS B 50 -50.76 -71.48 16.91
N THR B 51 -50.11 -70.36 16.57
CA THR B 51 -50.37 -69.12 17.27
C THR B 51 -51.74 -68.60 16.87
N LYS B 52 -52.20 -67.55 17.54
CA LYS B 52 -53.51 -66.96 17.26
C LYS B 52 -53.60 -66.40 15.85
N LEU B 53 -52.44 -66.06 15.28
CA LEU B 53 -52.38 -65.55 13.91
C LEU B 53 -52.18 -66.70 12.93
N GLY B 54 -52.17 -67.92 13.45
CA GLY B 54 -52.10 -69.12 12.62
C GLY B 54 -50.70 -69.57 12.25
N ILE B 55 -49.68 -68.95 12.85
CA ILE B 55 -48.29 -69.30 12.56
C ILE B 55 -47.97 -70.71 13.08
N THR B 56 -47.36 -71.53 12.24
CA THR B 56 -46.98 -72.89 12.62
C THR B 56 -45.48 -73.02 12.81
N LEU B 57 -45.03 -74.15 13.37
CA LEU B 57 -43.61 -74.41 13.52
C LEU B 57 -42.95 -74.46 12.15
N TRP B 58 -43.65 -75.06 11.19
CA TRP B 58 -43.14 -75.19 9.83
C TRP B 58 -43.00 -73.84 9.13
N ASP B 59 -43.92 -72.92 9.42
CA ASP B 59 -43.81 -71.56 8.91
C ASP B 59 -42.50 -70.92 9.36
N CYS B 60 -42.12 -71.21 10.60
CA CYS B 60 -40.94 -70.60 11.20
C CYS B 60 -39.62 -71.21 10.70
N ILE B 61 -39.60 -72.53 10.53
CA ILE B 61 -38.38 -73.23 10.16
C ILE B 61 -38.16 -73.34 8.65
N ASN B 62 -39.17 -72.96 7.87
CA ASN B 62 -39.16 -73.23 6.43
C ASN B 62 -37.94 -72.68 5.67
N SER B 63 -37.51 -71.46 6.02
CA SER B 63 -36.38 -70.85 5.34
C SER B 63 -35.08 -71.63 5.57
N GLY B 64 -34.95 -72.22 6.75
CA GLY B 64 -33.78 -73.03 7.07
C GLY B 64 -33.79 -74.38 6.38
N VAL B 65 -34.96 -74.84 5.97
CA VAL B 65 -35.10 -76.11 5.25
C VAL B 65 -34.93 -75.89 3.74
N VAL B 66 -35.54 -74.81 3.24
CA VAL B 66 -35.38 -74.43 1.83
C VAL B 66 -33.91 -74.08 1.56
N ASN B 67 -33.34 -73.26 2.44
CA ASN B 67 -31.94 -72.84 2.32
C ASN B 67 -31.07 -73.53 3.36
N LEU B 68 -30.49 -74.66 2.99
CA LEU B 68 -29.72 -75.49 3.92
C LEU B 68 -28.41 -74.84 4.37
N ASP B 69 -27.96 -73.83 3.62
CA ASP B 69 -26.75 -73.12 3.98
C ASP B 69 -27.00 -72.02 5.02
N SER B 70 -28.24 -71.94 5.50
CA SER B 70 -28.62 -70.97 6.51
C SER B 70 -27.78 -71.12 7.77
N GLY B 71 -27.41 -70.00 8.40
CA GLY B 71 -26.68 -70.04 9.65
C GLY B 71 -27.62 -70.13 10.84
N VAL B 72 -28.78 -69.47 10.72
CA VAL B 72 -29.78 -69.45 11.78
C VAL B 72 -30.97 -70.32 11.38
N GLY B 73 -31.67 -69.94 10.32
CA GLY B 73 -32.65 -70.82 9.69
C GLY B 73 -34.08 -70.78 10.20
N VAL B 74 -34.39 -69.79 11.04
CA VAL B 74 -35.76 -69.60 11.50
C VAL B 74 -36.16 -68.12 11.46
N TYR B 75 -37.45 -67.88 11.28
CA TYR B 75 -38.01 -66.54 11.42
C TYR B 75 -39.29 -66.66 12.26
N ALA B 76 -39.57 -65.65 13.08
CA ALA B 76 -40.79 -65.69 13.89
C ALA B 76 -41.93 -64.96 13.17
N GLY B 77 -43.09 -65.61 13.10
CA GLY B 77 -44.25 -65.03 12.45
C GLY B 77 -44.93 -63.96 13.29
N ASP B 78 -44.85 -64.12 14.61
CA ASP B 78 -45.44 -63.15 15.53
C ASP B 78 -44.77 -63.23 16.89
N GLU B 79 -45.17 -62.35 17.80
CA GLU B 79 -44.65 -62.36 19.16
C GLU B 79 -44.87 -63.72 19.82
N GLU B 80 -46.07 -64.27 19.61
CA GLU B 80 -46.45 -65.53 20.23
C GLU B 80 -45.53 -66.69 19.82
N SER B 81 -45.00 -66.61 18.60
CA SER B 81 -44.11 -67.66 18.09
C SER B 81 -42.91 -67.88 19.02
N TYR B 82 -42.35 -66.80 19.54
CA TYR B 82 -41.20 -66.87 20.43
C TYR B 82 -41.48 -67.61 21.74
N THR B 83 -42.75 -67.66 22.13
CA THR B 83 -43.15 -68.38 23.33
C THR B 83 -43.70 -69.77 22.99
N LEU B 84 -44.62 -69.83 22.04
CA LEU B 84 -45.27 -71.10 21.68
C LEU B 84 -44.25 -72.10 21.13
N PHE B 85 -43.29 -71.60 20.36
CA PHE B 85 -42.24 -72.44 19.81
C PHE B 85 -40.93 -72.16 20.54
N GLY B 86 -41.07 -71.71 21.78
CA GLY B 86 -39.95 -71.53 22.70
C GLY B 86 -38.94 -72.65 22.79
N PRO B 87 -39.40 -73.91 22.90
CA PRO B 87 -38.44 -75.02 22.96
C PRO B 87 -37.45 -75.04 21.80
N LEU B 88 -37.81 -74.46 20.66
CA LEU B 88 -36.87 -74.28 19.56
C LEU B 88 -36.17 -72.93 19.65
N PHE B 89 -36.96 -71.86 19.72
CA PHE B 89 -36.43 -70.50 19.68
C PHE B 89 -35.48 -70.16 20.83
N ASP B 90 -35.82 -70.59 22.05
CA ASP B 90 -34.97 -70.32 23.21
C ASP B 90 -33.54 -70.80 22.98
N ALA B 91 -33.41 -72.04 22.52
CA ALA B 91 -32.10 -72.66 22.30
C ALA B 91 -31.31 -71.96 21.19
N ILE B 92 -31.99 -71.65 20.08
CA ILE B 92 -31.38 -70.95 18.97
C ILE B 92 -30.90 -69.56 19.41
N ILE B 93 -31.73 -68.87 20.18
CA ILE B 93 -31.42 -67.53 20.66
C ILE B 93 -30.20 -67.54 21.57
N GLU B 94 -30.20 -68.42 22.57
CA GLU B 94 -29.14 -68.46 23.57
C GLU B 94 -27.83 -69.01 22.99
N ASP B 95 -27.92 -69.68 21.85
CA ASP B 95 -26.71 -70.09 21.13
C ASP B 95 -26.15 -68.87 20.40
N TYR B 96 -26.96 -68.29 19.52
CA TYR B 96 -26.54 -67.14 18.72
C TYR B 96 -26.11 -65.97 19.60
N HIS B 97 -26.90 -65.69 20.64
CA HIS B 97 -26.64 -64.55 21.50
C HIS B 97 -25.88 -64.93 22.76
N SER B 98 -25.17 -66.06 22.70
CA SER B 98 -24.36 -66.51 23.83
C SER B 98 -23.42 -65.38 24.26
N PRO B 99 -23.24 -65.20 25.57
CA PRO B 99 -23.74 -66.02 26.66
C PRO B 99 -25.06 -65.54 27.29
N TYR B 100 -25.81 -64.70 26.58
CA TYR B 100 -27.09 -64.23 27.13
C TYR B 100 -28.05 -65.39 27.41
N LYS B 101 -28.77 -65.30 28.53
CA LYS B 101 -29.85 -66.24 28.83
C LYS B 101 -31.15 -65.46 28.95
N LEU B 102 -32.22 -65.99 28.34
CA LEU B 102 -33.52 -65.33 28.38
C LEU B 102 -34.01 -65.10 29.82
N ALA B 103 -33.73 -66.04 30.71
CA ALA B 103 -34.14 -65.90 32.11
C ALA B 103 -33.55 -64.66 32.81
N THR B 104 -32.40 -64.20 32.34
CA THR B 104 -31.77 -63.01 32.92
C THR B 104 -32.64 -61.78 32.66
N GLY B 105 -33.20 -61.69 31.46
CA GLY B 105 -33.99 -60.54 31.08
C GLY B 105 -33.13 -59.48 30.43
N HIS B 106 -33.76 -58.65 29.59
CA HIS B 106 -33.04 -57.64 28.83
C HIS B 106 -33.48 -56.24 29.21
N ASN B 107 -32.53 -55.31 29.28
CA ASN B 107 -32.86 -53.92 29.58
C ASN B 107 -32.61 -52.99 28.40
N SER B 108 -33.64 -52.26 28.00
CA SER B 108 -33.56 -51.31 26.90
C SER B 108 -33.20 -49.93 27.47
N ASP B 109 -32.64 -49.06 26.64
CA ASP B 109 -32.34 -47.69 27.03
C ASP B 109 -32.07 -46.84 25.80
N MET B 110 -33.04 -46.00 25.44
CA MET B 110 -32.91 -45.13 24.28
C MET B 110 -32.81 -43.67 24.70
N ASN B 111 -32.09 -43.43 25.79
CA ASN B 111 -31.83 -42.07 26.26
C ASN B 111 -30.38 -41.67 25.96
N PRO B 112 -30.18 -40.82 24.94
CA PRO B 112 -28.87 -40.40 24.46
C PRO B 112 -28.06 -39.69 25.54
N ALA B 113 -28.74 -39.03 26.47
CA ALA B 113 -28.08 -38.32 27.56
C ALA B 113 -27.24 -39.26 28.42
N HIS B 114 -27.65 -40.53 28.47
CA HIS B 114 -26.93 -41.54 29.23
C HIS B 114 -25.63 -41.93 28.54
N VAL B 115 -25.51 -41.58 27.26
CA VAL B 115 -24.28 -41.80 26.53
C VAL B 115 -23.34 -40.61 26.74
N LYS B 116 -22.12 -40.89 27.20
CA LYS B 116 -21.13 -39.86 27.39
C LYS B 116 -20.02 -40.01 26.36
N ALA B 117 -20.15 -39.24 25.28
CA ALA B 117 -19.31 -39.41 24.11
C ALA B 117 -18.85 -38.08 23.51
N PRO B 118 -17.87 -37.42 24.14
CA PRO B 118 -17.29 -36.23 23.50
C PRO B 118 -16.58 -36.65 22.22
N ASP B 119 -16.77 -35.90 21.12
CA ASP B 119 -16.30 -36.31 19.79
C ASP B 119 -14.84 -36.75 19.76
N LEU B 120 -14.61 -37.99 19.38
CA LEU B 120 -13.27 -38.61 19.42
C LEU B 120 -12.26 -38.00 18.44
N ASP B 121 -12.71 -37.74 17.22
CA ASP B 121 -11.80 -37.38 16.13
C ASP B 121 -12.41 -36.34 15.17
N PRO B 122 -12.69 -35.13 15.68
CA PRO B 122 -13.28 -34.10 14.80
C PRO B 122 -12.35 -33.69 13.67
N ALA B 123 -11.05 -33.81 13.89
CA ALA B 123 -10.06 -33.50 12.86
C ALA B 123 -9.97 -34.61 11.81
N ASN B 124 -10.71 -35.70 12.04
CA ASN B 124 -10.79 -36.81 11.09
C ASN B 124 -9.41 -37.39 10.74
N ARG B 125 -8.57 -37.59 11.75
CA ARG B 125 -7.25 -38.16 11.54
C ARG B 125 -7.31 -39.68 11.39
N TYR B 126 -8.37 -40.30 11.93
CA TYR B 126 -8.44 -41.75 11.99
C TYR B 126 -9.82 -42.30 11.62
N ILE B 127 -10.87 -41.70 12.17
CA ILE B 127 -12.23 -42.19 11.93
C ILE B 127 -12.83 -41.54 10.69
N ARG B 128 -13.41 -42.36 9.82
CA ARG B 128 -13.95 -41.88 8.55
C ARG B 128 -15.46 -41.72 8.57
N SER B 129 -16.14 -42.61 9.28
CA SER B 129 -17.60 -42.57 9.30
C SER B 129 -18.21 -43.39 10.44
N THR B 130 -19.46 -43.08 10.77
CA THR B 130 -20.15 -43.70 11.89
C THR B 130 -21.58 -44.04 11.46
N ARG B 131 -22.11 -45.13 12.00
CA ARG B 131 -23.42 -45.63 11.55
C ARG B 131 -24.08 -46.45 12.65
N ILE B 132 -25.35 -46.16 12.94
CA ILE B 132 -26.12 -46.96 13.88
C ILE B 132 -27.48 -47.35 13.31
N ARG B 133 -27.77 -48.64 13.27
CA ARG B 133 -29.05 -49.17 12.80
C ARG B 133 -29.80 -49.83 13.96
N VAL B 134 -31.13 -49.71 13.95
CA VAL B 134 -31.97 -50.51 14.85
C VAL B 134 -33.16 -51.08 14.10
N ALA B 135 -33.54 -52.31 14.47
CA ALA B 135 -34.72 -52.94 13.91
C ALA B 135 -35.87 -52.87 14.92
N ARG B 136 -37.05 -52.48 14.46
CA ARG B 136 -38.21 -52.36 15.35
C ARG B 136 -39.49 -52.87 14.67
N SER B 137 -40.44 -53.33 15.48
CA SER B 137 -41.75 -53.73 14.98
C SER B 137 -42.84 -53.02 15.79
N LEU B 138 -43.95 -52.70 15.13
CA LEU B 138 -45.05 -51.99 15.79
C LEU B 138 -45.97 -52.92 16.58
N LYS B 139 -46.49 -52.41 17.70
CA LYS B 139 -47.46 -53.12 18.52
C LYS B 139 -48.76 -53.41 17.77
N GLY B 140 -49.33 -54.59 18.00
CA GLY B 140 -50.67 -54.89 17.55
C GLY B 140 -50.76 -55.65 16.23
N TYR B 141 -49.61 -56.01 15.68
CA TYR B 141 -49.57 -56.71 14.40
C TYR B 141 -48.66 -57.92 14.45
N GLY B 142 -48.77 -58.77 13.43
CA GLY B 142 -47.83 -59.85 13.26
C GLY B 142 -46.47 -59.28 12.84
N LEU B 143 -45.42 -60.07 13.04
CA LEU B 143 -44.11 -59.69 12.54
C LEU B 143 -44.10 -59.86 11.01
N ALA B 144 -43.04 -59.39 10.36
CA ALA B 144 -42.98 -59.43 8.89
C ALA B 144 -43.36 -60.75 8.21
N PRO B 145 -42.93 -61.91 8.77
CA PRO B 145 -43.29 -63.15 8.11
C PRO B 145 -44.79 -63.50 8.23
N GLY B 146 -45.46 -62.94 9.22
CA GLY B 146 -46.86 -63.28 9.46
C GLY B 146 -47.85 -62.14 9.30
N VAL B 147 -47.35 -60.92 9.15
CA VAL B 147 -48.21 -59.74 9.02
C VAL B 147 -49.22 -59.88 7.87
N THR B 148 -50.47 -59.49 8.10
CA THR B 148 -51.49 -59.55 7.06
C THR B 148 -51.33 -58.42 6.05
N LYS B 149 -52.03 -58.55 4.93
CA LYS B 149 -52.04 -57.56 3.86
C LYS B 149 -52.50 -56.19 4.36
N ALA B 150 -53.64 -56.17 5.06
CA ALA B 150 -54.21 -54.93 5.58
C ALA B 150 -53.30 -54.31 6.64
N HIS B 151 -52.79 -55.15 7.54
CA HIS B 151 -51.93 -54.68 8.62
C HIS B 151 -50.63 -54.05 8.11
N ARG B 152 -50.03 -54.64 7.08
CA ARG B 152 -48.81 -54.08 6.50
C ARG B 152 -49.10 -52.68 5.95
N LEU B 153 -50.27 -52.52 5.33
CA LEU B 153 -50.69 -51.24 4.79
C LEU B 153 -51.00 -50.21 5.88
N GLU B 154 -51.59 -50.69 6.97
CA GLU B 154 -51.90 -49.85 8.12
C GLU B 154 -50.61 -49.40 8.80
N ILE B 155 -49.63 -50.30 8.83
CA ILE B 155 -48.32 -50.01 9.37
C ILE B 155 -47.63 -48.92 8.56
N GLU B 156 -47.69 -49.04 7.23
CA GLU B 156 -47.11 -48.03 6.35
C GLU B 156 -47.75 -46.66 6.61
N LYS B 157 -49.07 -46.64 6.66
CA LYS B 157 -49.83 -45.40 6.87
C LYS B 157 -49.47 -44.71 8.19
N LYS B 158 -49.48 -45.48 9.28
CA LYS B 158 -49.13 -44.98 10.61
C LYS B 158 -47.73 -44.40 10.66
N VAL B 159 -46.75 -45.17 10.17
CA VAL B 159 -45.35 -44.77 10.20
C VAL B 159 -45.09 -43.51 9.37
N VAL B 160 -45.58 -43.50 8.13
CA VAL B 160 -45.42 -42.34 7.26
C VAL B 160 -46.00 -41.08 7.88
N GLY B 161 -47.11 -41.23 8.60
CA GLY B 161 -47.72 -40.12 9.31
C GLY B 161 -46.78 -39.49 10.32
N VAL B 162 -46.09 -40.33 11.09
CA VAL B 162 -45.13 -39.87 12.07
C VAL B 162 -43.89 -39.30 11.39
N LEU B 163 -43.37 -40.02 10.40
CA LEU B 163 -42.14 -39.62 9.71
C LEU B 163 -42.23 -38.26 9.01
N THR B 164 -43.36 -38.00 8.37
CA THR B 164 -43.54 -36.75 7.64
C THR B 164 -43.87 -35.59 8.58
N SER B 165 -44.10 -35.90 9.86
CA SER B 165 -44.36 -34.87 10.86
C SER B 165 -43.07 -34.43 11.52
N LEU B 166 -41.99 -35.16 11.26
CA LEU B 166 -40.67 -34.84 11.81
C LEU B 166 -40.16 -33.49 11.31
N THR B 167 -39.48 -32.76 12.19
CA THR B 167 -38.96 -31.44 11.86
C THR B 167 -37.45 -31.35 12.06
N GLY B 168 -36.86 -30.21 11.68
CA GLY B 168 -35.45 -29.99 11.88
C GLY B 168 -34.54 -30.86 11.03
N ASP B 169 -33.53 -31.45 11.66
CA ASP B 169 -32.57 -32.28 10.94
C ASP B 169 -33.17 -33.64 10.53
N LEU B 170 -34.38 -33.93 11.00
CA LEU B 170 -35.06 -35.17 10.66
C LEU B 170 -36.12 -34.96 9.57
N ALA B 171 -36.28 -33.72 9.14
CA ALA B 171 -37.23 -33.40 8.07
C ALA B 171 -36.81 -34.06 6.77
N GLY B 172 -37.76 -34.69 6.07
CA GLY B 172 -37.45 -35.41 4.85
C GLY B 172 -38.66 -35.88 4.08
N LYS B 173 -38.45 -36.84 3.18
CA LYS B 173 -39.50 -37.29 2.28
C LYS B 173 -39.64 -38.81 2.30
N TYR B 174 -40.87 -39.30 2.11
CA TYR B 174 -41.11 -40.75 2.01
C TYR B 174 -41.28 -41.17 0.55
N TYR B 175 -40.68 -42.32 0.21
CA TYR B 175 -40.79 -42.86 -1.14
C TYR B 175 -41.32 -44.29 -1.10
N PRO B 176 -42.62 -44.48 -1.39
CA PRO B 176 -43.18 -45.84 -1.41
C PRO B 176 -42.62 -46.62 -2.60
N LEU B 177 -42.46 -47.94 -2.46
CA LEU B 177 -41.99 -48.75 -3.57
C LEU B 177 -43.07 -48.91 -4.62
N SER B 178 -44.32 -49.03 -4.16
CA SER B 178 -45.45 -49.19 -5.06
C SER B 178 -45.73 -47.89 -5.80
N GLY B 179 -45.51 -47.90 -7.11
CA GLY B 179 -45.75 -46.72 -7.92
C GLY B 179 -44.50 -45.90 -8.16
N MET B 180 -43.37 -46.34 -7.63
CA MET B 180 -42.11 -45.63 -7.79
C MET B 180 -41.69 -45.56 -9.26
N ASP B 181 -41.43 -44.35 -9.75
CA ASP B 181 -40.94 -44.18 -11.12
C ASP B 181 -39.43 -44.47 -11.21
N GLU B 182 -38.93 -44.64 -12.44
CA GLU B 182 -37.54 -45.04 -12.67
C GLU B 182 -36.51 -44.00 -12.24
N LYS B 183 -36.85 -42.72 -12.36
CA LYS B 183 -35.94 -41.66 -11.90
C LYS B 183 -35.72 -41.74 -10.39
N THR B 184 -36.83 -41.76 -9.65
CA THR B 184 -36.81 -41.85 -8.20
C THR B 184 -36.02 -43.07 -7.74
N ARG B 185 -36.22 -44.18 -8.44
CA ARG B 185 -35.56 -45.44 -8.15
C ARG B 185 -34.03 -45.28 -8.24
N GLN B 186 -33.57 -44.82 -9.40
CA GLN B 186 -32.14 -44.64 -9.65
C GLN B 186 -31.48 -43.70 -8.65
N GLN B 187 -32.19 -42.63 -8.28
CA GLN B 187 -31.67 -41.67 -7.30
C GLN B 187 -31.41 -42.38 -5.97
N LEU B 188 -32.36 -43.20 -5.56
CA LEU B 188 -32.22 -43.97 -4.32
C LEU B 188 -31.10 -45.00 -4.43
N VAL B 189 -30.96 -45.62 -5.59
CA VAL B 189 -29.84 -46.53 -5.87
C VAL B 189 -28.52 -45.78 -5.73
N ASP B 190 -28.46 -44.59 -6.34
CA ASP B 190 -27.27 -43.74 -6.27
C ASP B 190 -26.87 -43.43 -4.83
N ASP B 191 -27.86 -43.24 -3.96
CA ASP B 191 -27.60 -42.91 -2.57
C ASP B 191 -27.42 -44.16 -1.70
N HIS B 192 -27.52 -45.33 -2.32
CA HIS B 192 -27.50 -46.61 -1.61
C HIS B 192 -28.63 -46.69 -0.57
N PHE B 193 -29.82 -46.22 -0.93
CA PHE B 193 -30.96 -46.24 -0.01
C PHE B 193 -32.01 -47.26 -0.40
N LEU B 194 -31.95 -47.76 -1.63
CA LEU B 194 -32.98 -48.65 -2.15
C LEU B 194 -32.83 -50.09 -1.68
N PHE B 195 -33.96 -50.74 -1.39
CA PHE B 195 -33.97 -52.19 -1.22
C PHE B 195 -34.92 -52.82 -2.23
N LYS B 196 -34.63 -54.04 -2.65
CA LYS B 196 -35.46 -54.73 -3.66
C LYS B 196 -36.19 -55.90 -3.04
N LYS B 197 -36.85 -56.70 -3.88
CA LYS B 197 -37.56 -57.88 -3.41
C LYS B 197 -36.60 -58.77 -2.63
N GLY B 198 -37.09 -59.36 -1.53
CA GLY B 198 -36.26 -60.14 -0.65
C GLY B 198 -35.61 -61.34 -1.31
N ASP B 199 -34.41 -61.70 -0.83
CA ASP B 199 -33.68 -62.83 -1.39
C ASP B 199 -34.34 -64.17 -1.05
N ARG B 200 -33.65 -65.26 -1.32
CA ARG B 200 -34.20 -66.60 -1.13
C ARG B 200 -34.53 -66.90 0.34
N PHE B 201 -33.81 -66.24 1.25
CA PHE B 201 -34.04 -66.45 2.68
C PHE B 201 -35.35 -65.79 3.12
N LEU B 202 -35.58 -64.57 2.66
CA LEU B 202 -36.81 -63.84 2.96
C LEU B 202 -38.00 -64.43 2.23
N GLU B 203 -37.76 -64.89 1.00
CA GLU B 203 -38.80 -65.53 0.19
C GLU B 203 -39.36 -66.76 0.89
N ALA B 204 -38.47 -67.63 1.35
CA ALA B 204 -38.87 -68.86 2.03
C ALA B 204 -39.48 -68.57 3.39
N ALA B 205 -39.20 -67.37 3.92
CA ALA B 205 -39.72 -66.97 5.22
C ALA B 205 -41.18 -66.53 5.12
N GLY B 206 -41.62 -66.24 3.90
CA GLY B 206 -42.97 -65.72 3.69
C GLY B 206 -42.99 -64.21 3.77
N ILE B 207 -41.80 -63.60 3.81
CA ILE B 207 -41.67 -62.16 4.03
C ILE B 207 -41.96 -61.36 2.75
N ASN B 208 -41.80 -61.99 1.59
CA ASN B 208 -42.07 -61.33 0.30
C ASN B 208 -43.55 -61.22 -0.09
N LYS B 209 -44.44 -61.68 0.78
CA LYS B 209 -45.88 -61.62 0.48
C LYS B 209 -46.34 -60.22 0.12
N GLU B 210 -47.19 -60.15 -0.90
CA GLU B 210 -47.76 -58.90 -1.40
C GLU B 210 -46.75 -57.88 -1.91
N TRP B 211 -45.56 -58.35 -2.32
CA TRP B 211 -44.53 -57.43 -2.83
C TRP B 211 -45.05 -56.62 -4.02
N PRO B 212 -44.75 -55.31 -4.05
CA PRO B 212 -44.03 -54.51 -3.06
C PRO B 212 -44.95 -53.65 -2.20
N GLU B 213 -46.20 -54.08 -2.04
CA GLU B 213 -47.22 -53.30 -1.32
C GLU B 213 -46.80 -52.97 0.12
N GLY B 214 -46.95 -51.70 0.51
CA GLY B 214 -46.65 -51.27 1.86
C GLY B 214 -45.16 -51.05 2.14
N ARG B 215 -44.31 -51.33 1.15
CA ARG B 215 -42.88 -51.12 1.31
C ARG B 215 -42.51 -49.71 0.91
N GLY B 216 -41.50 -49.14 1.58
CA GLY B 216 -41.14 -47.76 1.32
C GLY B 216 -39.84 -47.32 1.98
N ILE B 217 -39.38 -46.14 1.60
CA ILE B 217 -38.13 -45.59 2.08
C ILE B 217 -38.30 -44.15 2.51
N TYR B 218 -37.81 -43.81 3.70
CA TYR B 218 -37.76 -42.43 4.15
C TYR B 218 -36.31 -42.05 4.39
N HIS B 219 -35.97 -40.80 4.06
CA HIS B 219 -34.68 -40.26 4.45
C HIS B 219 -34.81 -38.76 4.67
N ASN B 220 -34.00 -38.23 5.58
CA ASN B 220 -34.00 -36.79 5.83
C ASN B 220 -33.26 -36.07 4.72
N ASN B 221 -33.43 -34.75 4.66
CA ASN B 221 -32.79 -33.94 3.63
C ASN B 221 -31.27 -34.03 3.67
N ASP B 222 -30.72 -34.11 4.87
CA ASP B 222 -29.27 -34.21 5.05
C ASP B 222 -28.74 -35.59 4.66
N LYS B 223 -29.65 -36.54 4.46
CA LYS B 223 -29.29 -37.93 4.15
C LYS B 223 -28.34 -38.50 5.22
N THR B 224 -28.67 -38.21 6.47
CA THR B 224 -27.94 -38.74 7.62
C THR B 224 -28.90 -39.60 8.44
N PHE B 225 -30.08 -39.82 7.88
CA PHE B 225 -31.13 -40.60 8.52
C PHE B 225 -31.92 -41.35 7.46
N LEU B 226 -32.04 -42.66 7.63
CA LEU B 226 -32.67 -43.53 6.62
C LEU B 226 -33.61 -44.53 7.27
N VAL B 227 -34.81 -44.68 6.70
CA VAL B 227 -35.76 -45.67 7.20
C VAL B 227 -36.24 -46.60 6.08
N TRP B 228 -36.10 -47.90 6.30
CA TRP B 228 -36.74 -48.89 5.42
C TRP B 228 -38.02 -49.35 6.08
N LEU B 229 -39.12 -49.27 5.34
CA LEU B 229 -40.43 -49.58 5.89
C LEU B 229 -40.91 -50.93 5.36
N ASN B 230 -41.13 -51.88 6.26
CA ASN B 230 -41.67 -53.20 5.92
C ASN B 230 -40.81 -54.06 4.99
N GLU B 231 -39.50 -54.08 5.24
CA GLU B 231 -38.59 -54.99 4.56
C GLU B 231 -38.57 -56.33 5.30
N GLU B 232 -37.51 -56.57 6.08
CA GLU B 232 -37.41 -57.80 6.87
C GLU B 232 -38.12 -57.62 8.21
N ASP B 233 -38.22 -56.38 8.66
CA ASP B 233 -39.03 -56.02 9.82
C ASP B 233 -39.88 -54.83 9.44
N HIS B 234 -40.84 -54.47 10.28
CA HIS B 234 -41.68 -53.30 10.03
C HIS B 234 -40.79 -52.09 9.81
N LEU B 235 -39.75 -51.97 10.61
CA LEU B 235 -38.87 -50.82 10.58
C LEU B 235 -37.38 -51.16 10.69
N ARG B 236 -36.61 -50.61 9.75
N ARG B 236 -36.60 -50.63 9.75
CA ARG B 236 -35.16 -50.62 9.82
CA ARG B 236 -35.14 -50.64 9.88
C ARG B 236 -34.73 -49.16 9.88
C ARG B 236 -34.72 -49.18 9.89
N ILE B 237 -34.32 -48.70 11.06
CA ILE B 237 -34.01 -47.28 11.24
C ILE B 237 -32.50 -47.03 11.38
N ILE B 238 -31.98 -46.16 10.52
CA ILE B 238 -30.53 -45.94 10.44
C ILE B 238 -30.13 -44.47 10.52
N SER B 239 -29.14 -44.18 11.37
CA SER B 239 -28.57 -42.85 11.45
C SER B 239 -27.08 -42.98 11.14
N MET B 240 -26.58 -42.16 10.23
CA MET B 240 -25.21 -42.31 9.75
C MET B 240 -24.66 -41.00 9.23
N GLU B 241 -23.35 -40.81 9.35
CA GLU B 241 -22.69 -39.63 8.80
C GLU B 241 -21.19 -39.86 8.72
N LYS B 242 -20.51 -39.06 7.92
CA LYS B 242 -19.05 -39.09 7.90
C LYS B 242 -18.54 -38.57 9.24
N GLY B 243 -17.31 -38.90 9.58
CA GLY B 243 -16.75 -38.44 10.84
C GLY B 243 -16.98 -39.39 12.00
N SER B 244 -16.76 -38.87 13.21
CA SER B 244 -16.65 -39.70 14.40
C SER B 244 -17.71 -39.43 15.46
N ASP B 245 -18.63 -38.50 15.20
CA ASP B 245 -19.54 -38.05 16.25
C ASP B 245 -20.69 -39.04 16.50
N ILE B 246 -20.36 -40.18 17.12
CA ILE B 246 -21.34 -41.23 17.38
C ILE B 246 -22.41 -40.78 18.38
N GLY B 247 -22.06 -39.83 19.24
CA GLY B 247 -23.02 -39.28 20.17
C GLY B 247 -24.12 -38.53 19.43
N SER B 248 -23.72 -37.73 18.46
CA SER B 248 -24.67 -36.99 17.62
C SER B 248 -25.51 -37.94 16.77
N VAL B 249 -24.86 -38.96 16.22
CA VAL B 249 -25.56 -39.96 15.41
C VAL B 249 -26.67 -40.64 16.23
N PHE B 250 -26.31 -41.07 17.43
CA PHE B 250 -27.24 -41.78 18.31
C PHE B 250 -28.36 -40.89 18.80
N SER B 251 -28.01 -39.65 19.16
CA SER B 251 -29.02 -38.68 19.58
C SER B 251 -30.08 -38.48 18.50
N ARG B 252 -29.64 -38.30 17.26
CA ARG B 252 -30.56 -38.13 16.13
C ARG B 252 -31.41 -39.38 15.94
N LEU B 253 -30.79 -40.55 16.06
CA LEU B 253 -31.50 -41.82 15.94
C LEU B 253 -32.59 -41.92 17.00
N CYS B 254 -32.20 -41.69 18.25
CA CYS B 254 -33.13 -41.76 19.39
C CYS B 254 -34.29 -40.79 19.29
N ARG B 255 -34.02 -39.57 18.82
CA ARG B 255 -35.07 -38.57 18.73
C ARG B 255 -36.15 -38.99 17.75
N ALA B 256 -35.74 -39.65 16.67
CA ALA B 256 -36.70 -40.17 15.69
C ALA B 256 -37.43 -41.40 16.23
N VAL B 257 -36.66 -42.38 16.71
CA VAL B 257 -37.22 -43.64 17.19
C VAL B 257 -38.19 -43.45 18.36
N ASN B 258 -37.81 -42.61 19.33
CA ASN B 258 -38.65 -42.39 20.51
C ASN B 258 -39.99 -41.71 20.20
N GLU B 259 -40.00 -40.88 19.17
CA GLU B 259 -41.25 -40.25 18.71
C GLU B 259 -42.17 -41.30 18.07
N ILE B 260 -41.57 -42.16 17.24
CA ILE B 260 -42.30 -43.27 16.63
C ILE B 260 -42.86 -44.16 17.73
N ASP B 261 -42.01 -44.50 18.69
CA ASP B 261 -42.40 -45.27 19.86
C ASP B 261 -43.58 -44.61 20.59
N LYS B 262 -43.47 -43.32 20.85
CA LYS B 262 -44.50 -42.60 21.61
C LYS B 262 -45.84 -42.58 20.90
N LYS B 263 -45.81 -42.48 19.57
CA LYS B 263 -47.02 -42.40 18.77
C LYS B 263 -47.64 -43.77 18.49
N LEU B 264 -46.78 -44.76 18.23
CA LEU B 264 -47.23 -46.04 17.72
C LEU B 264 -46.98 -47.23 18.66
N GLY B 265 -45.83 -47.25 19.32
CA GLY B 265 -45.50 -48.33 20.24
C GLY B 265 -44.79 -49.52 19.58
N PHE B 266 -43.82 -50.09 20.29
CA PHE B 266 -43.02 -51.19 19.75
C PHE B 266 -43.34 -52.53 20.42
N GLN B 267 -43.15 -53.61 19.67
CA GLN B 267 -43.25 -54.95 20.25
C GLN B 267 -42.00 -55.22 21.08
N HIS B 268 -42.19 -55.57 22.35
CA HIS B 268 -41.10 -55.59 23.32
C HIS B 268 -41.47 -56.50 24.50
N THR B 269 -40.55 -57.39 24.88
CA THR B 269 -40.75 -58.23 26.06
C THR B 269 -39.54 -58.13 27.00
N LYS B 270 -39.71 -58.60 28.23
CA LYS B 270 -38.64 -58.55 29.22
C LYS B 270 -37.39 -59.34 28.79
N LYS B 271 -37.59 -60.56 28.30
CA LYS B 271 -36.45 -61.42 27.98
C LYS B 271 -35.93 -61.34 26.55
N HIS B 272 -36.77 -60.87 25.62
CA HIS B 272 -36.36 -60.80 24.23
C HIS B 272 -35.93 -59.38 23.82
N GLY B 273 -36.30 -58.40 24.63
CA GLY B 273 -36.11 -57.01 24.25
C GLY B 273 -37.04 -56.71 23.09
N TYR B 274 -36.56 -55.97 22.11
CA TYR B 274 -37.38 -55.64 20.95
C TYR B 274 -37.52 -56.85 20.01
N LEU B 275 -38.75 -57.12 19.59
CA LEU B 275 -39.04 -58.31 18.78
C LEU B 275 -38.79 -58.07 17.29
N THR B 276 -38.10 -59.01 16.66
CA THR B 276 -37.78 -58.94 15.24
C THR B 276 -38.08 -60.28 14.57
N SER B 277 -38.13 -60.26 13.24
CA SER B 277 -38.45 -61.45 12.46
C SER B 277 -37.39 -62.53 12.62
N CYS B 278 -36.12 -62.13 12.49
CA CYS B 278 -35.01 -63.03 12.71
C CYS B 278 -34.52 -62.90 14.13
N PRO B 279 -34.34 -64.03 14.83
CA PRO B 279 -33.88 -64.04 16.23
C PRO B 279 -32.53 -63.34 16.40
N SER B 280 -31.78 -63.18 15.31
CA SER B 280 -30.48 -62.51 15.36
C SER B 280 -30.60 -61.04 15.71
N ASN B 281 -31.76 -60.45 15.39
CA ASN B 281 -31.95 -59.02 15.58
C ASN B 281 -32.70 -58.64 16.87
N LEU B 282 -32.77 -59.56 17.82
CA LEU B 282 -33.49 -59.31 19.06
C LEU B 282 -32.76 -58.34 19.99
N GLY B 283 -33.38 -58.00 21.11
CA GLY B 283 -32.74 -57.15 22.11
C GLY B 283 -32.72 -55.67 21.77
N THR B 284 -31.55 -55.20 21.36
CA THR B 284 -31.40 -53.81 20.93
C THR B 284 -31.84 -53.69 19.48
N GLY B 285 -31.75 -54.79 18.75
CA GLY B 285 -31.97 -54.79 17.32
C GLY B 285 -30.92 -53.94 16.62
N MET B 286 -29.80 -53.74 17.30
CA MET B 286 -28.82 -52.73 16.90
C MET B 286 -27.56 -53.28 16.22
N ARG B 287 -27.16 -52.63 15.14
CA ARG B 287 -25.80 -52.72 14.62
C ARG B 287 -25.19 -51.33 14.70
N ALA B 288 -24.20 -51.15 15.59
CA ALA B 288 -23.47 -49.89 15.67
C ALA B 288 -22.09 -50.07 15.06
N SER B 289 -21.69 -49.17 14.16
CA SER B 289 -20.42 -49.36 13.46
C SER B 289 -19.61 -48.08 13.22
N VAL B 290 -18.31 -48.25 13.11
CA VAL B 290 -17.39 -47.16 12.85
C VAL B 290 -16.34 -47.63 11.85
N HIS B 291 -16.08 -46.83 10.82
CA HIS B 291 -14.94 -47.07 9.94
C HIS B 291 -13.76 -46.27 10.47
N VAL B 292 -12.63 -46.94 10.68
CA VAL B 292 -11.46 -46.29 11.26
C VAL B 292 -10.18 -46.88 10.67
N LYS B 293 -9.17 -46.02 10.47
CA LYS B 293 -7.89 -46.46 9.94
C LYS B 293 -6.89 -46.68 11.07
N ILE B 294 -6.67 -47.94 11.41
CA ILE B 294 -5.77 -48.30 12.49
C ILE B 294 -4.80 -49.43 12.13
N PRO B 295 -3.97 -49.23 11.08
CA PRO B 295 -3.09 -50.32 10.63
C PRO B 295 -2.01 -50.67 11.64
N HIS B 296 -1.66 -49.73 12.52
CA HIS B 296 -0.65 -49.98 13.55
C HIS B 296 -1.22 -50.71 14.78
N ALA B 297 -2.46 -50.39 15.14
CA ALA B 297 -3.11 -51.02 16.29
C ALA B 297 -3.33 -52.51 16.09
N LYS B 298 -3.51 -52.93 14.85
CA LYS B 298 -3.81 -54.33 14.52
C LYS B 298 -2.61 -55.23 14.81
N GLU B 299 -1.41 -54.63 14.80
CA GLU B 299 -0.19 -55.38 15.09
C GLU B 299 0.16 -55.31 16.57
N HIS B 300 -0.62 -54.53 17.33
CA HIS B 300 -0.38 -54.37 18.76
C HIS B 300 -0.99 -55.53 19.55
N PRO B 301 -0.25 -56.06 20.54
CA PRO B 301 -0.65 -57.21 21.36
C PRO B 301 -1.95 -57.03 22.16
N ASP B 302 -2.37 -55.79 22.39
CA ASP B 302 -3.59 -55.52 23.13
C ASP B 302 -4.82 -55.40 22.22
N PHE B 303 -4.60 -55.51 20.92
CA PHE B 303 -5.65 -55.36 19.92
C PHE B 303 -6.86 -56.26 20.21
N GLU B 304 -6.64 -57.57 20.09
CA GLU B 304 -7.71 -58.55 20.25
C GLU B 304 -8.33 -58.52 21.65
N ASN B 305 -7.54 -58.11 22.64
CA ASN B 305 -8.04 -57.97 24.00
C ASN B 305 -9.03 -56.82 24.16
N ILE B 306 -8.78 -55.73 23.43
CA ILE B 306 -9.67 -54.58 23.45
C ILE B 306 -11.01 -54.92 22.78
N LEU B 307 -10.95 -55.65 21.67
CA LEU B 307 -12.16 -56.11 20.99
C LEU B 307 -12.99 -57.01 21.92
N THR B 308 -12.31 -57.98 22.53
CA THR B 308 -12.93 -58.90 23.48
C THR B 308 -13.52 -58.14 24.67
N LYS B 309 -12.77 -57.17 25.19
CA LYS B 309 -13.21 -56.39 26.34
C LYS B 309 -14.53 -55.66 26.09
N TYR B 310 -14.67 -55.06 24.91
CA TYR B 310 -15.87 -54.28 24.60
C TYR B 310 -16.89 -55.03 23.74
N HIS B 311 -16.70 -56.35 23.60
CA HIS B 311 -17.61 -57.22 22.85
C HIS B 311 -17.84 -56.71 21.43
N ILE B 312 -16.79 -56.19 20.81
CA ILE B 312 -16.86 -55.69 19.44
C ILE B 312 -15.97 -56.50 18.53
N GLN B 313 -16.06 -56.25 17.23
CA GLN B 313 -15.31 -57.02 16.24
C GLN B 313 -14.72 -56.10 15.18
N ALA B 314 -13.63 -56.52 14.56
CA ALA B 314 -12.97 -55.74 13.53
C ALA B 314 -12.87 -56.53 12.23
N ARG B 315 -13.35 -55.93 11.14
CA ARG B 315 -13.17 -56.51 9.82
C ARG B 315 -12.71 -55.40 8.89
N GLY B 316 -12.05 -55.78 7.80
CA GLY B 316 -11.77 -54.80 6.77
C GLY B 316 -13.08 -54.39 6.12
N ILE B 317 -13.06 -53.34 5.32
CA ILE B 317 -14.22 -53.04 4.51
C ILE B 317 -13.98 -53.74 3.18
N HIS B 318 -15.07 -54.10 2.50
CA HIS B 318 -15.05 -54.96 1.31
C HIS B 318 -14.86 -56.45 1.66
N GLY B 319 -14.51 -56.74 2.91
CA GLY B 319 -14.28 -58.12 3.32
C GLY B 319 -13.70 -58.35 4.70
N GLU B 320 -13.40 -59.61 5.00
CA GLU B 320 -12.91 -60.04 6.32
C GLU B 320 -11.65 -59.30 6.78
N HIS B 321 -10.73 -59.03 5.85
CA HIS B 321 -9.49 -58.35 6.19
C HIS B 321 -9.36 -57.00 5.50
N SER B 322 -8.37 -56.21 5.92
CA SER B 322 -8.18 -54.86 5.40
C SER B 322 -7.25 -54.85 4.18
N GLU B 323 -7.50 -53.91 3.27
CA GLU B 323 -6.73 -53.79 2.03
C GLU B 323 -5.25 -53.53 2.30
N SER B 324 -4.39 -54.17 1.50
CA SER B 324 -2.95 -53.98 1.61
C SER B 324 -2.53 -52.62 1.07
N THR B 325 -3.15 -52.24 -0.05
CA THR B 325 -3.00 -50.90 -0.61
C THR B 325 -4.26 -50.55 -1.40
N GLY B 326 -4.69 -49.31 -1.30
CA GLY B 326 -5.93 -48.83 -1.88
C GLY B 326 -6.35 -47.66 -1.04
N GLU B 327 -7.46 -47.01 -1.40
CA GLU B 327 -7.92 -45.87 -0.61
C GLU B 327 -8.54 -46.31 0.71
N ASP B 328 -8.66 -47.63 0.88
CA ASP B 328 -9.22 -48.19 2.11
C ASP B 328 -8.20 -49.08 2.83
N ALA B 329 -6.93 -48.86 2.56
CA ALA B 329 -5.86 -49.63 3.20
C ALA B 329 -5.76 -49.32 4.69
N GLY B 330 -5.75 -50.38 5.51
CA GLY B 330 -5.66 -50.22 6.95
C GLY B 330 -6.95 -49.77 7.60
N VAL B 331 -8.02 -49.65 6.80
CA VAL B 331 -9.31 -49.25 7.32
C VAL B 331 -10.09 -50.45 7.85
N TYR B 332 -10.66 -50.33 9.04
CA TYR B 332 -11.45 -51.41 9.62
C TYR B 332 -12.88 -51.00 9.91
N ASP B 333 -13.80 -51.93 9.67
CA ASP B 333 -15.19 -51.76 10.07
C ASP B 333 -15.35 -52.35 11.47
N ILE B 334 -15.47 -51.49 12.48
CA ILE B 334 -15.65 -51.96 13.84
C ILE B 334 -17.15 -52.00 14.15
N SER B 335 -17.64 -53.14 14.66
CA SER B 335 -19.07 -53.28 14.95
C SER B 335 -19.31 -54.08 16.23
N ASN B 336 -20.51 -53.92 16.80
CA ASN B 336 -20.88 -54.67 18.00
C ASN B 336 -21.16 -56.13 17.69
N ARG B 337 -20.82 -57.01 18.64
CA ARG B 337 -21.13 -58.43 18.49
C ARG B 337 -22.46 -58.78 19.16
N ARG B 338 -22.85 -57.97 20.15
CA ARG B 338 -23.96 -58.34 21.03
C ARG B 338 -25.19 -57.43 20.90
N ARG B 339 -26.36 -58.03 21.14
CA ARG B 339 -27.63 -57.30 21.06
C ARG B 339 -28.55 -57.60 22.24
N LEU B 340 -28.38 -58.77 22.85
CA LEU B 340 -29.15 -59.15 24.03
C LEU B 340 -28.29 -59.12 25.28
N GLY B 341 -28.75 -58.41 26.31
CA GLY B 341 -28.03 -58.40 27.59
C GLY B 341 -27.33 -57.08 27.86
N LEU B 342 -27.36 -56.18 26.89
CA LEU B 342 -26.84 -54.83 27.06
C LEU B 342 -27.82 -53.87 26.41
N SER B 343 -27.86 -52.63 26.89
CA SER B 343 -28.81 -51.66 26.34
C SER B 343 -28.23 -50.96 25.12
N GLU B 344 -29.09 -50.27 24.38
CA GLU B 344 -28.64 -49.48 23.23
C GLU B 344 -27.58 -48.46 23.68
N VAL B 345 -27.79 -47.86 24.84
CA VAL B 345 -26.82 -46.92 25.41
C VAL B 345 -25.47 -47.59 25.69
N GLN B 346 -25.52 -48.77 26.31
CA GLN B 346 -24.31 -49.51 26.64
C GLN B 346 -23.57 -49.98 25.40
N CYS B 347 -24.33 -50.40 24.39
CA CYS B 347 -23.75 -50.78 23.10
C CYS B 347 -22.97 -49.61 22.47
N VAL B 348 -23.59 -48.44 22.44
CA VAL B 348 -22.95 -47.24 21.92
C VAL B 348 -21.74 -46.82 22.75
N GLN B 349 -21.85 -46.94 24.07
CA GLN B 349 -20.75 -46.57 24.95
C GLN B 349 -19.55 -47.50 24.78
N ASP B 350 -19.81 -48.81 24.78
CA ASP B 350 -18.78 -49.81 24.51
C ASP B 350 -18.12 -49.52 23.18
N MET B 351 -18.95 -49.18 22.20
CA MET B 351 -18.48 -48.84 20.87
C MET B 351 -17.54 -47.64 20.94
N TYR B 352 -17.98 -46.59 21.64
CA TYR B 352 -17.20 -45.38 21.84
C TYR B 352 -15.87 -45.70 22.53
N ASP B 353 -15.95 -46.37 23.67
CA ASP B 353 -14.76 -46.70 24.46
C ASP B 353 -13.80 -47.61 23.69
N GLY B 354 -14.36 -48.61 23.00
CA GLY B 354 -13.57 -49.54 22.22
C GLY B 354 -12.77 -48.85 21.13
N VAL B 355 -13.47 -48.07 20.30
CA VAL B 355 -12.82 -47.33 19.23
C VAL B 355 -11.78 -46.36 19.77
N LYS B 356 -12.08 -45.72 20.90
CA LYS B 356 -11.13 -44.79 21.53
C LYS B 356 -9.84 -45.51 21.92
N ALA B 357 -9.97 -46.67 22.54
CA ALA B 357 -8.81 -47.45 22.96
C ALA B 357 -8.01 -47.90 21.74
N LEU B 358 -8.71 -48.32 20.70
CA LEU B 358 -8.07 -48.70 19.44
C LEU B 358 -7.35 -47.50 18.82
N MET B 359 -7.98 -46.33 18.87
CA MET B 359 -7.39 -45.13 18.30
C MET B 359 -6.16 -44.68 19.08
N GLU B 360 -6.19 -44.84 20.41
CA GLU B 360 -5.04 -44.47 21.24
C GLU B 360 -3.82 -45.33 20.91
N LEU B 361 -4.06 -46.62 20.63
CA LEU B 361 -2.99 -47.52 20.20
C LEU B 361 -2.35 -47.00 18.93
N GLU B 362 -3.19 -46.66 17.96
CA GLU B 362 -2.73 -46.11 16.69
C GLU B 362 -1.96 -44.81 16.90
N LYS B 363 -2.50 -43.96 17.76
CA LYS B 363 -1.86 -42.68 18.07
C LYS B 363 -0.46 -42.87 18.66
N GLU B 364 -0.32 -43.83 19.58
CA GLU B 364 0.97 -44.12 20.20
C GLU B 364 2.02 -44.49 19.16
N ALA B 365 1.65 -45.39 18.25
CA ALA B 365 2.55 -45.83 17.20
C ALA B 365 2.95 -44.69 16.27
N ILE B 366 1.99 -43.83 15.95
CA ILE B 366 2.23 -42.67 15.09
C ILE B 366 3.20 -41.69 15.76
N ALA B 367 2.95 -41.35 17.02
CA ALA B 367 3.83 -40.45 17.75
C ALA B 367 5.25 -40.99 17.85
N LYS B 368 5.36 -42.31 18.04
CA LYS B 368 6.66 -42.97 18.11
C LYS B 368 7.43 -42.80 16.80
N LYS B 369 6.74 -43.03 15.69
CA LYS B 369 7.33 -42.86 14.37
C LYS B 369 7.70 -41.39 14.10
N ARG B 370 6.93 -40.47 14.69
CA ARG B 370 7.14 -39.05 14.45
C ARG B 370 8.06 -38.39 15.49
N SER B 371 8.54 -39.19 16.44
CA SER B 371 9.37 -38.66 17.52
C SER B 371 10.82 -38.38 17.08
N VAL B 372 11.26 -39.02 16.00
CA VAL B 372 12.62 -38.85 15.53
C VAL B 372 12.67 -38.16 14.15
N PHE B 373 13.84 -37.66 13.80
CA PHE B 373 14.03 -37.02 12.50
C PHE B 373 13.75 -37.99 11.37
N PRO B 374 12.94 -37.54 10.39
CA PRO B 374 12.58 -38.38 9.24
C PRO B 374 13.82 -38.88 8.49
N GLU B 375 14.15 -40.17 8.68
CA GLU B 375 15.31 -40.81 8.08
C GLU B 375 15.42 -40.57 6.57
N VAL B 376 14.25 -40.53 5.91
CA VAL B 376 14.20 -40.32 4.47
C VAL B 376 14.69 -38.92 4.06
N LEU B 377 14.73 -37.99 5.02
CA LEU B 377 15.19 -36.64 4.74
C LEU B 377 16.72 -36.53 4.73
N LYS B 378 17.39 -37.59 5.16
CA LYS B 378 18.85 -37.60 5.21
C LYS B 378 19.50 -37.67 3.83
N ASN B 379 18.72 -38.14 2.85
CA ASN B 379 19.18 -38.26 1.47
C ASN B 379 19.53 -36.91 0.86
N PRO B 380 20.79 -36.74 0.42
CA PRO B 380 21.24 -35.50 -0.22
C PRO B 380 20.60 -35.28 -1.59
N GLU B 381 20.00 -36.32 -2.15
CA GLU B 381 19.35 -36.23 -3.46
C GLU B 381 17.95 -35.61 -3.38
N VAL B 382 17.39 -35.56 -2.17
CA VAL B 382 16.10 -34.91 -1.94
C VAL B 382 16.25 -33.40 -2.10
N LYS B 383 15.55 -32.83 -3.08
CA LYS B 383 15.75 -31.44 -3.49
C LYS B 383 14.65 -30.50 -2.98
N SER B 384 13.78 -31.00 -2.11
CA SER B 384 12.70 -30.18 -1.56
C SER B 384 13.23 -29.05 -0.68
N LEU B 385 12.47 -27.96 -0.60
CA LEU B 385 12.82 -26.86 0.30
C LEU B 385 12.69 -27.35 1.74
N LEU B 386 11.83 -28.36 1.93
CA LEU B 386 11.69 -29.02 3.22
C LEU B 386 13.04 -29.54 3.72
N ARG B 387 13.69 -30.36 2.91
CA ARG B 387 14.98 -30.93 3.31
C ARG B 387 16.07 -29.86 3.37
N LYS B 388 15.94 -28.84 2.53
CA LYS B 388 16.92 -27.77 2.46
C LYS B 388 17.01 -27.00 3.79
N TYR B 389 15.87 -26.79 4.42
CA TYR B 389 15.80 -25.96 5.62
C TYR B 389 15.51 -26.71 6.93
N LEU B 390 14.95 -27.92 6.84
CA LEU B 390 14.69 -28.70 8.05
C LEU B 390 15.88 -29.56 8.47
N THR B 391 16.81 -28.94 9.19
CA THR B 391 17.93 -29.66 9.79
C THR B 391 17.39 -30.47 10.97
N PRO B 392 18.10 -31.54 11.36
CA PRO B 392 17.69 -32.31 12.55
C PRO B 392 17.62 -31.41 13.77
N GLU B 393 18.57 -30.48 13.87
CA GLU B 393 18.59 -29.50 14.94
C GLU B 393 17.29 -28.71 14.98
N LEU B 394 16.89 -28.17 13.83
CA LEU B 394 15.66 -27.39 13.73
C LEU B 394 14.45 -28.26 14.02
N PHE B 395 14.47 -29.50 13.53
CA PHE B 395 13.40 -30.45 13.77
C PHE B 395 13.20 -30.69 15.26
N ASP B 396 14.28 -31.09 15.95
CA ASP B 396 14.24 -31.31 17.39
C ASP B 396 13.74 -30.08 18.15
N SER B 397 14.06 -28.91 17.62
CA SER B 397 13.69 -27.64 18.25
C SER B 397 12.17 -27.38 18.26
N LEU B 398 11.45 -28.00 17.34
CA LEU B 398 10.04 -27.68 17.12
C LEU B 398 9.07 -28.87 17.19
N LYS B 399 9.62 -30.09 17.19
CA LYS B 399 8.82 -31.30 17.01
C LYS B 399 7.76 -31.55 18.09
N ASP B 400 7.94 -30.96 19.27
CA ASP B 400 7.03 -31.21 20.38
C ASP B 400 6.06 -30.07 20.62
N LYS B 401 6.00 -29.14 19.67
CA LYS B 401 5.08 -28.02 19.74
C LYS B 401 3.82 -28.29 18.93
N LYS B 402 2.68 -27.78 19.40
CA LYS B 402 1.44 -27.88 18.66
C LYS B 402 0.71 -26.53 18.70
N THR B 403 0.07 -26.17 17.60
CA THR B 403 -0.75 -24.96 17.57
C THR B 403 -1.97 -25.17 18.44
N ALA B 404 -2.77 -24.12 18.61
CA ALA B 404 -4.00 -24.21 19.39
C ALA B 404 -5.03 -25.15 18.76
N LYS B 405 -4.84 -25.48 17.48
CA LYS B 405 -5.79 -26.32 16.77
C LYS B 405 -5.25 -27.75 16.58
N GLY B 406 -4.15 -28.06 17.25
CA GLY B 406 -3.61 -29.40 17.28
C GLY B 406 -2.63 -29.72 16.16
N ILE B 407 -2.20 -28.70 15.43
CA ILE B 407 -1.27 -28.91 14.32
C ILE B 407 0.17 -28.98 14.83
N SER B 408 0.86 -30.07 14.48
CA SER B 408 2.26 -30.24 14.84
C SER B 408 3.13 -29.87 13.64
N LEU B 409 4.44 -29.84 13.85
CA LEU B 409 5.38 -29.61 12.75
C LEU B 409 5.32 -30.78 11.79
N TYR B 410 5.21 -32.00 12.33
CA TYR B 410 5.18 -33.19 11.50
C TYR B 410 3.93 -33.17 10.61
N ASP B 411 2.82 -32.65 11.14
CA ASP B 411 1.62 -32.45 10.32
C ASP B 411 1.96 -31.58 9.11
N CYS B 412 2.73 -30.54 9.36
CA CYS B 412 3.08 -29.55 8.35
C CYS B 412 4.03 -30.08 7.27
N ILE B 413 4.94 -30.95 7.66
CA ILE B 413 5.96 -31.46 6.75
C ILE B 413 5.62 -32.83 6.18
N ASN B 414 4.47 -33.38 6.59
CA ASN B 414 4.12 -34.77 6.24
C ASN B 414 4.11 -35.06 4.74
N SER B 415 3.61 -34.12 3.93
CA SER B 415 3.55 -34.33 2.48
C SER B 415 4.94 -34.38 1.86
N GLY B 416 5.88 -33.62 2.42
CA GLY B 416 7.25 -33.62 1.93
C GLY B 416 8.01 -34.86 2.34
N VAL B 417 7.59 -35.48 3.44
CA VAL B 417 8.19 -36.72 3.91
C VAL B 417 7.66 -37.90 3.10
N GLU B 418 6.35 -37.93 2.88
CA GLU B 418 5.72 -39.00 2.12
C GLU B 418 6.04 -38.89 0.63
N ASN B 419 6.05 -37.66 0.12
CA ASN B 419 6.39 -37.40 -1.28
C ASN B 419 7.76 -36.73 -1.37
N LEU B 420 8.79 -37.53 -1.62
CA LEU B 420 10.18 -37.06 -1.61
C LEU B 420 10.56 -36.19 -2.81
N ASP B 421 9.77 -36.28 -3.88
CA ASP B 421 10.01 -35.49 -5.09
C ASP B 421 9.32 -34.11 -5.02
N SER B 422 8.81 -33.75 -3.84
CA SER B 422 8.18 -32.46 -3.65
C SER B 422 9.17 -31.33 -3.91
N SER B 423 8.68 -30.23 -4.47
CA SER B 423 9.50 -29.06 -4.69
C SER B 423 9.59 -28.28 -3.39
N CYS B 424 8.49 -28.28 -2.65
CA CYS B 424 8.40 -27.58 -1.37
C CYS B 424 8.21 -28.58 -0.23
N GLY B 425 7.04 -29.21 -0.21
CA GLY B 425 6.78 -30.28 0.73
C GLY B 425 6.28 -29.82 2.09
N VAL B 426 5.85 -28.56 2.17
CA VAL B 426 5.41 -28.00 3.44
C VAL B 426 4.04 -27.30 3.32
N TYR B 427 3.13 -27.67 4.23
CA TYR B 427 1.79 -27.09 4.24
C TYR B 427 1.45 -26.57 5.64
N ALA B 428 0.70 -25.48 5.73
CA ALA B 428 0.28 -24.94 7.02
C ALA B 428 -1.14 -25.37 7.36
N GLY B 429 -1.30 -25.96 8.55
CA GLY B 429 -2.61 -26.42 9.00
C GLY B 429 -3.51 -25.29 9.44
N ASP B 430 -2.92 -24.24 10.01
CA ASP B 430 -3.66 -23.04 10.39
C ASP B 430 -2.79 -21.78 10.30
N GLU B 431 -3.37 -20.63 10.61
CA GLU B 431 -2.63 -19.37 10.61
C GLU B 431 -1.44 -19.42 11.56
N GLU B 432 -1.66 -20.02 12.73
CA GLU B 432 -0.65 -20.05 13.79
C GLU B 432 0.63 -20.76 13.33
N CYS B 433 0.49 -21.71 12.41
CA CYS B 433 1.65 -22.45 11.90
C CYS B 433 2.73 -21.52 11.37
N TYR B 434 2.33 -20.44 10.70
CA TYR B 434 3.27 -19.51 10.11
C TYR B 434 4.09 -18.74 11.16
N THR B 435 3.59 -18.74 12.40
CA THR B 435 4.27 -18.09 13.51
C THR B 435 4.99 -19.11 14.39
N LEU B 436 4.27 -20.13 14.83
CA LEU B 436 4.85 -21.14 15.72
C LEU B 436 5.96 -21.92 15.04
N PHE B 437 5.83 -22.12 13.73
CA PHE B 437 6.86 -22.81 12.97
C PHE B 437 7.53 -21.87 11.96
N ALA B 438 7.52 -20.58 12.29
CA ALA B 438 8.22 -19.56 11.49
C ALA B 438 9.68 -19.89 11.14
N PRO B 439 10.47 -20.46 12.08
CA PRO B 439 11.85 -20.79 11.71
C PRO B 439 11.97 -21.69 10.48
N LEU B 440 10.96 -22.52 10.23
CA LEU B 440 10.93 -23.30 8.99
C LEU B 440 10.22 -22.49 7.90
N PHE B 441 9.02 -22.03 8.20
CA PHE B 441 8.18 -21.33 7.23
C PHE B 441 8.79 -20.05 6.66
N ASP B 442 9.43 -19.23 7.49
CA ASP B 442 10.07 -18.00 7.01
C ASP B 442 11.04 -18.29 5.87
N LYS B 443 11.90 -19.28 6.08
CA LYS B 443 12.93 -19.64 5.10
C LYS B 443 12.30 -20.17 3.80
N ILE B 444 11.27 -20.99 3.94
CA ILE B 444 10.57 -21.53 2.77
C ILE B 444 9.89 -20.43 1.97
N VAL B 445 9.23 -19.50 2.67
CA VAL B 445 8.54 -18.40 2.02
C VAL B 445 9.51 -17.51 1.26
N GLU B 446 10.57 -17.08 1.95
CA GLU B 446 11.58 -16.21 1.34
C GLU B 446 12.35 -16.89 0.20
N ASP B 447 12.53 -18.20 0.31
CA ASP B 447 13.19 -18.96 -0.75
C ASP B 447 12.31 -18.99 -1.99
N TYR B 448 11.08 -19.47 -1.83
CA TYR B 448 10.18 -19.62 -2.98
C TYR B 448 9.75 -18.29 -3.57
N HIS B 449 9.45 -17.32 -2.71
CA HIS B 449 8.96 -16.03 -3.19
C HIS B 449 10.07 -15.00 -3.36
N SER B 450 11.31 -15.48 -3.46
CA SER B 450 12.46 -14.63 -3.74
C SER B 450 12.16 -13.76 -4.94
N PRO B 451 12.55 -12.47 -4.90
CA PRO B 451 13.39 -11.84 -3.87
C PRO B 451 12.63 -11.24 -2.69
N TYR B 452 11.38 -11.64 -2.46
CA TYR B 452 10.60 -11.10 -1.34
C TYR B 452 11.26 -11.38 0.02
N LYS B 453 11.29 -10.36 0.87
CA LYS B 453 11.71 -10.52 2.26
C LYS B 453 10.52 -10.18 3.16
N LEU B 454 10.35 -10.95 4.23
CA LEU B 454 9.22 -10.76 5.14
C LEU B 454 9.20 -9.37 5.79
N ALA B 455 10.38 -8.76 5.92
CA ALA B 455 10.49 -7.42 6.48
C ALA B 455 9.84 -6.37 5.58
N ASN B 456 9.84 -6.62 4.27
CA ASN B 456 9.24 -5.69 3.31
C ASN B 456 7.74 -5.56 3.53
N LYS B 457 7.13 -6.65 3.99
CA LYS B 457 5.69 -6.75 4.15
C LYS B 457 4.94 -6.65 2.82
N HIS B 458 3.63 -6.90 2.89
CA HIS B 458 2.83 -7.05 1.68
C HIS B 458 1.60 -6.16 1.75
N THR B 459 1.22 -5.59 0.61
CA THR B 459 0.04 -4.73 0.52
C THR B 459 -0.99 -5.36 -0.42
N SER B 460 -2.19 -5.61 0.09
CA SER B 460 -3.28 -6.12 -0.73
C SER B 460 -4.06 -4.96 -1.32
N ASP B 461 -4.64 -5.17 -2.51
CA ASP B 461 -5.41 -4.12 -3.15
C ASP B 461 -6.40 -4.72 -4.14
N MET B 462 -7.68 -4.72 -3.77
CA MET B 462 -8.74 -5.24 -4.64
C MET B 462 -9.67 -4.13 -5.12
N ASN B 463 -9.10 -2.99 -5.47
CA ASN B 463 -9.86 -1.89 -6.07
C ASN B 463 -9.61 -1.84 -7.58
N PRO B 464 -10.56 -2.34 -8.37
CA PRO B 464 -10.42 -2.43 -9.83
C PRO B 464 -10.28 -1.09 -10.53
N GLU B 465 -10.75 -0.01 -9.90
CA GLU B 465 -10.63 1.33 -10.47
C GLU B 465 -9.18 1.79 -10.59
N LYS B 466 -8.30 1.17 -9.81
CA LYS B 466 -6.89 1.55 -9.78
C LYS B 466 -6.09 0.90 -10.91
N VAL B 467 -6.75 0.03 -11.67
CA VAL B 467 -6.14 -0.55 -12.88
C VAL B 467 -6.58 0.22 -14.11
N ASP B 468 -5.61 0.72 -14.88
CA ASP B 468 -5.89 1.43 -16.12
C ASP B 468 -5.66 0.48 -17.29
N ALA B 469 -6.73 -0.11 -17.78
CA ALA B 469 -6.60 -1.14 -18.83
C ALA B 469 -7.62 -0.99 -19.95
N PRO B 470 -7.44 0.03 -20.81
CA PRO B 470 -8.29 0.13 -22.01
C PRO B 470 -8.19 -1.16 -22.80
N ASN B 471 -9.32 -1.74 -23.22
CA ASN B 471 -9.32 -3.05 -23.88
C ASN B 471 -8.33 -3.10 -25.05
N LEU B 472 -7.41 -4.06 -24.98
CA LEU B 472 -6.33 -4.18 -25.95
C LEU B 472 -6.80 -4.71 -27.31
N ASP B 473 -7.56 -5.80 -27.28
CA ASP B 473 -7.93 -6.51 -28.49
C ASP B 473 -9.43 -6.80 -28.52
N PRO B 474 -10.24 -5.77 -28.82
CA PRO B 474 -11.70 -5.86 -28.81
C PRO B 474 -12.20 -6.87 -29.84
N GLU B 475 -11.50 -6.94 -30.97
CA GLU B 475 -11.85 -7.86 -32.04
C GLU B 475 -11.58 -9.31 -31.65
N GLY B 476 -10.53 -9.52 -30.85
CA GLY B 476 -10.17 -10.86 -30.40
C GLY B 476 -9.17 -11.53 -31.30
N THR B 477 -8.45 -10.73 -32.09
CA THR B 477 -7.48 -11.23 -33.07
C THR B 477 -6.38 -12.07 -32.42
N TYR B 478 -5.73 -11.51 -31.39
CA TYR B 478 -4.57 -12.13 -30.78
C TYR B 478 -4.90 -12.80 -29.45
N ILE B 479 -5.57 -12.07 -28.57
CA ILE B 479 -5.92 -12.57 -27.24
C ILE B 479 -7.28 -13.29 -27.28
N ARG B 480 -7.27 -14.58 -26.99
CA ARG B 480 -8.47 -15.41 -27.02
C ARG B 480 -9.27 -15.28 -25.73
N SER B 481 -8.60 -15.53 -24.61
CA SER B 481 -9.27 -15.58 -23.32
C SER B 481 -8.46 -14.82 -22.26
N THR B 482 -9.13 -14.45 -21.18
CA THR B 482 -8.50 -13.76 -20.06
C THR B 482 -9.02 -14.37 -18.78
N ARG B 483 -8.10 -14.73 -17.89
CA ARG B 483 -8.49 -15.41 -16.66
C ARG B 483 -7.70 -14.86 -15.46
N ILE B 484 -8.40 -14.59 -14.36
CA ILE B 484 -7.75 -14.18 -13.13
C ILE B 484 -8.34 -14.97 -11.97
N ARG B 485 -7.50 -15.75 -11.29
CA ARG B 485 -7.93 -16.51 -10.13
C ARG B 485 -7.30 -15.92 -8.87
N VAL B 486 -8.05 -15.89 -7.77
CA VAL B 486 -7.45 -15.67 -6.45
C VAL B 486 -7.86 -16.79 -5.50
N ALA B 487 -6.93 -17.20 -4.64
CA ALA B 487 -7.23 -18.14 -3.58
C ALA B 487 -7.43 -17.37 -2.29
N ARG B 488 -8.47 -17.72 -1.54
CA ARG B 488 -8.77 -17.07 -0.27
C ARG B 488 -9.15 -18.11 0.78
N ASN B 489 -8.90 -17.80 2.04
CA ASN B 489 -9.39 -18.65 3.13
C ASN B 489 -10.18 -17.85 4.14
N VAL B 490 -11.20 -18.48 4.72
CA VAL B 490 -12.20 -17.77 5.51
C VAL B 490 -11.76 -17.48 6.95
N LYS B 491 -11.93 -16.23 7.36
CA LYS B 491 -11.60 -15.78 8.70
C LYS B 491 -12.35 -16.58 9.76
N GLY B 492 -11.64 -17.02 10.79
CA GLY B 492 -12.26 -17.72 11.91
C GLY B 492 -12.10 -19.23 11.87
N TYR B 493 -11.37 -19.73 10.88
CA TYR B 493 -11.17 -21.17 10.75
C TYR B 493 -9.70 -21.54 10.61
N ALA B 494 -9.41 -22.83 10.67
CA ALA B 494 -8.08 -23.33 10.35
C ALA B 494 -7.84 -23.15 8.86
N LEU B 495 -6.70 -23.64 8.37
CA LEU B 495 -6.49 -23.68 6.94
C LEU B 495 -6.96 -25.04 6.43
N THR B 496 -7.04 -25.19 5.10
CA THR B 496 -7.55 -26.43 4.51
C THR B 496 -6.95 -27.73 5.07
N PRO B 497 -5.60 -27.79 5.24
CA PRO B 497 -5.08 -29.05 5.79
C PRO B 497 -5.50 -29.32 7.24
N GLY B 498 -5.84 -28.29 8.01
CA GLY B 498 -6.11 -28.47 9.43
C GLY B 498 -7.57 -28.50 9.84
N LEU B 499 -8.47 -28.40 8.86
CA LEU B 499 -9.91 -28.29 9.12
C LEU B 499 -10.51 -29.53 9.83
N THR B 500 -11.36 -29.28 10.83
CA THR B 500 -12.20 -30.34 11.39
C THR B 500 -13.35 -30.56 10.42
N ARG B 501 -14.09 -31.65 10.61
CA ARG B 501 -15.26 -31.93 9.76
C ARG B 501 -16.27 -30.79 9.78
N ASN B 502 -16.65 -30.36 10.98
CA ASN B 502 -17.68 -29.32 11.13
C ASN B 502 -17.25 -27.95 10.63
N GLU B 503 -15.94 -27.67 10.70
CA GLU B 503 -15.41 -26.43 10.14
C GLU B 503 -15.63 -26.37 8.63
N ARG B 504 -15.29 -27.46 7.96
CA ARG B 504 -15.43 -27.57 6.51
C ARG B 504 -16.88 -27.42 6.06
N LEU B 505 -17.79 -28.07 6.80
CA LEU B 505 -19.22 -27.99 6.52
C LEU B 505 -19.76 -26.60 6.81
N ASP B 506 -19.24 -25.97 7.86
CA ASP B 506 -19.65 -24.63 8.24
C ASP B 506 -19.21 -23.62 7.19
N ILE B 507 -18.00 -23.83 6.65
CA ILE B 507 -17.47 -22.98 5.59
C ILE B 507 -18.29 -23.09 4.30
N GLU B 508 -18.60 -24.32 3.89
CA GLU B 508 -19.41 -24.53 2.71
C GLU B 508 -20.77 -23.83 2.83
N ARG B 509 -21.43 -24.05 3.97
CA ARG B 509 -22.72 -23.44 4.26
C ARG B 509 -22.67 -21.92 4.16
N LYS B 510 -21.68 -21.31 4.81
CA LYS B 510 -21.55 -19.86 4.85
C LYS B 510 -21.21 -19.25 3.48
N VAL B 511 -20.28 -19.89 2.77
CA VAL B 511 -19.89 -19.41 1.44
C VAL B 511 -21.06 -19.48 0.46
N VAL B 512 -21.77 -20.61 0.46
CA VAL B 512 -22.94 -20.77 -0.40
C VAL B 512 -24.03 -19.75 -0.06
N GLY B 513 -24.16 -19.42 1.22
CA GLY B 513 -25.06 -18.37 1.65
C GLY B 513 -24.76 -17.05 0.95
N VAL B 514 -23.48 -16.70 0.91
CA VAL B 514 -23.03 -15.48 0.22
C VAL B 514 -23.21 -15.58 -1.29
N LEU B 515 -22.75 -16.68 -1.88
CA LEU B 515 -22.83 -16.86 -3.32
C LEU B 515 -24.27 -16.81 -3.85
N SER B 516 -25.22 -17.24 -3.03
CA SER B 516 -26.62 -17.24 -3.41
C SER B 516 -27.25 -15.87 -3.28
N SER B 517 -26.59 -14.97 -2.56
CA SER B 517 -27.09 -13.61 -2.37
C SER B 517 -26.54 -12.68 -3.45
N LEU B 518 -25.65 -13.22 -4.27
CA LEU B 518 -25.04 -12.45 -5.36
C LEU B 518 -26.08 -12.08 -6.42
N THR B 519 -25.88 -10.93 -7.06
CA THR B 519 -26.85 -10.37 -7.99
C THR B 519 -26.20 -9.95 -9.30
N GLY B 520 -27.03 -9.45 -10.22
CA GLY B 520 -26.55 -9.03 -11.52
C GLY B 520 -25.83 -10.13 -12.27
N ASP B 521 -24.61 -9.83 -12.71
CA ASP B 521 -23.82 -10.77 -13.51
C ASP B 521 -23.15 -11.85 -12.66
N LEU B 522 -23.25 -11.74 -11.34
CA LEU B 522 -22.61 -12.70 -10.43
C LEU B 522 -23.57 -13.79 -9.96
N ALA B 523 -24.86 -13.60 -10.19
CA ALA B 523 -25.88 -14.60 -9.81
C ALA B 523 -25.63 -15.92 -10.54
N GLY B 524 -25.82 -17.04 -9.83
CA GLY B 524 -25.61 -18.34 -10.41
C GLY B 524 -26.14 -19.47 -9.56
N GLN B 525 -25.64 -20.68 -9.80
CA GLN B 525 -26.10 -21.86 -9.09
C GLN B 525 -24.94 -22.57 -8.42
N TYR B 526 -25.22 -23.28 -7.34
CA TYR B 526 -24.20 -24.04 -6.65
C TYR B 526 -24.40 -25.55 -6.89
N TYR B 527 -23.32 -26.24 -7.23
CA TYR B 527 -23.39 -27.68 -7.46
C TYR B 527 -22.49 -28.44 -6.49
N PRO B 528 -23.10 -29.01 -5.43
CA PRO B 528 -22.32 -29.81 -4.48
C PRO B 528 -21.75 -31.06 -5.15
N LEU B 529 -20.52 -31.43 -4.78
CA LEU B 529 -19.90 -32.66 -5.28
C LEU B 529 -20.59 -33.88 -4.67
N THR B 530 -20.97 -33.76 -3.41
CA THR B 530 -21.69 -34.81 -2.70
C THR B 530 -23.08 -34.98 -3.30
N GLY B 531 -23.34 -36.17 -3.86
CA GLY B 531 -24.64 -36.47 -4.45
C GLY B 531 -24.77 -36.03 -5.89
N MET B 532 -23.66 -35.59 -6.49
CA MET B 532 -23.69 -35.15 -7.89
C MET B 532 -23.85 -36.33 -8.85
N ASP B 533 -24.75 -36.21 -9.82
CA ASP B 533 -24.94 -37.26 -10.82
C ASP B 533 -24.00 -37.10 -12.01
N GLU B 534 -23.95 -38.10 -12.88
CA GLU B 534 -23.04 -38.11 -14.02
C GLU B 534 -23.44 -37.10 -15.10
N ALA B 535 -24.73 -36.79 -15.19
CA ALA B 535 -25.20 -35.76 -16.12
C ALA B 535 -24.65 -34.40 -15.73
N THR B 536 -24.85 -34.02 -14.46
CA THR B 536 -24.34 -32.76 -13.92
C THR B 536 -22.81 -32.70 -14.02
N ARG B 537 -22.15 -33.81 -13.68
CA ARG B 537 -20.71 -33.93 -13.78
C ARG B 537 -20.23 -33.60 -15.20
N GLN B 538 -20.72 -34.36 -16.18
CA GLN B 538 -20.29 -34.23 -17.57
C GLN B 538 -20.35 -32.80 -18.12
N LYS B 539 -21.46 -32.10 -17.89
CA LYS B 539 -21.60 -30.74 -18.39
C LYS B 539 -20.67 -29.76 -17.68
N LEU B 540 -20.31 -30.08 -16.43
CA LEU B 540 -19.32 -29.31 -15.69
C LEU B 540 -17.92 -29.58 -16.27
N VAL B 541 -17.66 -30.84 -16.63
CA VAL B 541 -16.43 -31.22 -17.30
C VAL B 541 -16.30 -30.48 -18.63
N ASN B 542 -17.39 -30.45 -19.39
CA ASN B 542 -17.42 -29.77 -20.69
C ASN B 542 -17.06 -28.28 -20.58
N ASP B 543 -17.49 -27.65 -19.48
CA ASP B 543 -17.19 -26.25 -19.23
C ASP B 543 -15.82 -26.09 -18.57
N HIS B 544 -15.14 -27.21 -18.31
CA HIS B 544 -13.88 -27.23 -17.57
C HIS B 544 -14.05 -26.66 -16.16
N PHE B 545 -15.22 -26.85 -15.57
CA PHE B 545 -15.52 -26.29 -14.25
C PHE B 545 -15.33 -27.30 -13.12
N LEU B 546 -14.89 -28.51 -13.47
CA LEU B 546 -14.84 -29.60 -12.51
C LEU B 546 -13.46 -29.83 -11.90
N PHE B 547 -13.44 -30.04 -10.59
CA PHE B 547 -12.23 -30.49 -9.91
C PHE B 547 -12.45 -31.85 -9.26
N LYS B 548 -11.36 -32.56 -8.98
CA LYS B 548 -11.44 -33.89 -8.38
C LYS B 548 -10.63 -33.93 -7.10
N LYS B 549 -10.59 -35.12 -6.50
CA LYS B 549 -9.79 -35.38 -5.30
C LYS B 549 -8.34 -34.96 -5.55
N GLY B 550 -7.71 -34.35 -4.55
CA GLY B 550 -6.35 -33.87 -4.68
C GLY B 550 -5.34 -34.98 -4.91
N ASP B 551 -4.21 -34.65 -5.51
CA ASP B 551 -3.15 -35.64 -5.77
C ASP B 551 -2.49 -36.13 -4.47
N ARG B 552 -1.44 -36.94 -4.60
CA ARG B 552 -0.75 -37.50 -3.44
C ARG B 552 -0.11 -36.43 -2.56
N PHE B 553 0.28 -35.31 -3.15
CA PHE B 553 0.85 -34.21 -2.40
C PHE B 553 -0.19 -33.62 -1.43
N LEU B 554 -1.39 -33.38 -1.95
CA LEU B 554 -2.48 -32.88 -1.15
C LEU B 554 -3.02 -33.95 -0.19
N GLU B 555 -3.04 -35.19 -0.65
CA GLU B 555 -3.49 -36.32 0.17
C GLU B 555 -2.67 -36.45 1.45
N ALA B 556 -1.35 -36.44 1.30
CA ALA B 556 -0.46 -36.57 2.45
C ALA B 556 -0.51 -35.33 3.36
N ALA B 557 -0.99 -34.21 2.84
CA ALA B 557 -1.06 -32.97 3.61
C ALA B 557 -2.35 -32.90 4.44
N GLY B 558 -3.27 -33.83 4.19
CA GLY B 558 -4.53 -33.86 4.91
C GLY B 558 -5.62 -33.05 4.23
N VAL B 559 -5.40 -32.73 2.95
CA VAL B 559 -6.32 -31.90 2.20
C VAL B 559 -7.58 -32.66 1.77
N ASN B 560 -7.44 -33.97 1.58
CA ASN B 560 -8.52 -34.80 1.02
C ASN B 560 -9.46 -35.47 2.02
N LYS B 561 -9.40 -35.06 3.29
CA LYS B 561 -10.22 -35.67 4.34
C LYS B 561 -11.71 -35.63 4.03
N LEU B 562 -12.38 -36.77 4.20
CA LEU B 562 -13.83 -36.87 4.07
C LEU B 562 -14.33 -36.47 2.68
N TRP B 563 -13.48 -36.62 1.68
CA TRP B 563 -13.85 -36.29 0.30
C TRP B 563 -15.09 -37.07 -0.12
N PRO B 564 -16.03 -36.41 -0.80
CA PRO B 564 -16.04 -35.00 -1.22
C PRO B 564 -16.93 -34.13 -0.35
N GLU B 565 -17.14 -34.53 0.90
CA GLU B 565 -18.02 -33.77 1.80
C GLU B 565 -17.58 -32.32 1.94
N GLY B 566 -18.50 -31.39 1.70
CA GLY B 566 -18.23 -29.97 1.87
C GLY B 566 -17.60 -29.33 0.64
N ARG B 567 -17.36 -30.12 -0.38
CA ARG B 567 -16.78 -29.61 -1.63
C ARG B 567 -17.88 -29.32 -2.64
N GLY B 568 -17.73 -28.23 -3.39
CA GLY B 568 -18.73 -27.84 -4.36
C GLY B 568 -18.24 -26.86 -5.41
N ILE B 569 -19.10 -26.58 -6.37
CA ILE B 569 -18.78 -25.69 -7.47
C ILE B 569 -19.90 -24.68 -7.70
N PHE B 570 -19.55 -23.39 -7.71
CA PHE B 570 -20.50 -22.35 -8.05
C PHE B 570 -20.05 -21.67 -9.33
N HIS B 571 -20.97 -21.42 -10.25
CA HIS B 571 -20.69 -20.57 -11.40
C HIS B 571 -21.90 -19.73 -11.76
N ASN B 572 -21.65 -18.60 -12.43
CA ASN B 572 -22.73 -17.72 -12.87
C ASN B 572 -23.33 -18.15 -14.21
N ASN B 573 -24.47 -17.56 -14.56
CA ASN B 573 -25.17 -17.91 -15.79
C ASN B 573 -24.34 -17.65 -17.05
N ASP B 574 -23.51 -16.60 -17.02
CA ASP B 574 -22.69 -16.23 -18.16
C ASP B 574 -21.42 -17.07 -18.29
N LYS B 575 -21.16 -17.89 -17.28
CA LYS B 575 -19.95 -18.72 -17.22
C LYS B 575 -18.68 -17.86 -17.32
N THR B 576 -18.73 -16.71 -16.66
CA THR B 576 -17.61 -15.78 -16.61
C THR B 576 -17.09 -15.70 -15.18
N PHE B 577 -17.77 -16.41 -14.28
CA PHE B 577 -17.42 -16.39 -12.86
C PHE B 577 -17.56 -17.80 -12.28
N LEU B 578 -16.51 -18.24 -11.58
CA LEU B 578 -16.44 -19.62 -11.10
C LEU B 578 -15.85 -19.67 -9.69
N VAL B 579 -16.53 -20.36 -8.77
CA VAL B 579 -15.98 -20.55 -7.43
C VAL B 579 -15.89 -22.02 -7.07
N TRP B 580 -14.70 -22.44 -6.65
CA TRP B 580 -14.50 -23.77 -6.10
C TRP B 580 -14.49 -23.65 -4.59
N ILE B 581 -15.27 -24.49 -3.92
CA ILE B 581 -15.34 -24.47 -2.46
C ILE B 581 -14.60 -25.67 -1.87
N ASN B 582 -13.65 -25.40 -1.00
CA ASN B 582 -12.94 -26.41 -0.24
C ASN B 582 -12.16 -27.44 -1.07
N GLU B 583 -11.54 -26.96 -2.14
CA GLU B 583 -10.62 -27.78 -2.93
C GLU B 583 -9.23 -27.71 -2.27
N GLU B 584 -8.27 -27.05 -2.92
CA GLU B 584 -6.94 -26.88 -2.33
C GLU B 584 -7.00 -25.80 -1.26
N ASP B 585 -7.75 -24.74 -1.55
CA ASP B 585 -8.05 -23.72 -0.54
C ASP B 585 -9.55 -23.71 -0.30
N GLN B 586 -9.98 -23.00 0.75
CA GLN B 586 -11.40 -22.96 1.08
C GLN B 586 -12.18 -22.25 -0.01
N LEU B 587 -11.58 -21.20 -0.57
CA LEU B 587 -12.14 -20.51 -1.71
C LEU B 587 -11.13 -20.42 -2.85
N ARG B 588 -11.53 -20.87 -4.03
CA ARG B 588 -10.79 -20.60 -5.26
C ARG B 588 -11.70 -19.77 -6.15
N ILE B 589 -11.40 -18.48 -6.27
CA ILE B 589 -12.32 -17.58 -6.96
C ILE B 589 -11.78 -17.15 -8.32
N ILE B 590 -12.54 -17.45 -9.37
CA ILE B 590 -12.07 -17.28 -10.74
C ILE B 590 -13.01 -16.41 -11.58
N SER B 591 -12.43 -15.45 -12.30
CA SER B 591 -13.18 -14.63 -13.24
C SER B 591 -12.54 -14.79 -14.61
N MET B 592 -13.35 -15.03 -15.65
CA MET B 592 -12.80 -15.21 -17.00
C MET B 592 -13.73 -14.76 -18.12
N GLU B 593 -13.14 -14.27 -19.21
CA GLU B 593 -13.89 -13.86 -20.39
C GLU B 593 -13.24 -14.38 -21.65
N LYS B 594 -14.04 -14.59 -22.69
CA LYS B 594 -13.51 -14.67 -24.03
C LYS B 594 -12.94 -13.29 -24.34
N GLY B 595 -11.81 -13.24 -25.03
CA GLY B 595 -11.25 -11.96 -25.42
C GLY B 595 -10.14 -11.46 -24.53
N SER B 596 -10.00 -10.13 -24.50
CA SER B 596 -8.82 -9.50 -23.92
C SER B 596 -9.14 -8.51 -22.79
N ASP B 597 -10.40 -8.40 -22.40
CA ASP B 597 -10.78 -7.39 -21.42
C ASP B 597 -10.39 -7.75 -19.98
N ILE B 598 -9.09 -7.66 -19.69
CA ILE B 598 -8.57 -7.96 -18.35
C ILE B 598 -9.15 -7.01 -17.30
N GLY B 599 -9.41 -5.77 -17.70
CA GLY B 599 -10.00 -4.79 -16.81
C GLY B 599 -11.40 -5.18 -16.36
N SER B 600 -12.21 -5.62 -17.32
CA SER B 600 -13.57 -6.08 -17.00
C SER B 600 -13.56 -7.36 -16.18
N VAL B 601 -12.56 -8.22 -16.43
CA VAL B 601 -12.43 -9.48 -15.70
C VAL B 601 -12.05 -9.23 -14.25
N PHE B 602 -11.10 -8.32 -14.04
CA PHE B 602 -10.66 -7.97 -12.71
C PHE B 602 -11.77 -7.24 -11.96
N GLY B 603 -12.52 -6.42 -12.68
CA GLY B 603 -13.65 -5.72 -12.10
C GLY B 603 -14.68 -6.68 -11.54
N ARG B 604 -15.06 -7.67 -12.35
CA ARG B 604 -16.03 -8.67 -11.93
C ARG B 604 -15.50 -9.51 -10.77
N LEU B 605 -14.21 -9.86 -10.83
CA LEU B 605 -13.61 -10.64 -9.74
C LEU B 605 -13.63 -9.85 -8.44
N CYS B 606 -13.25 -8.58 -8.52
CA CYS B 606 -13.22 -7.71 -7.35
C CYS B 606 -14.60 -7.51 -6.72
N ARG B 607 -15.61 -7.32 -7.57
CA ARG B 607 -16.98 -7.17 -7.09
C ARG B 607 -17.41 -8.38 -6.26
N ALA B 608 -17.04 -9.57 -6.71
CA ALA B 608 -17.37 -10.80 -6.00
C ALA B 608 -16.54 -10.97 -4.72
N VAL B 609 -15.22 -10.94 -4.88
CA VAL B 609 -14.29 -11.15 -3.76
C VAL B 609 -14.55 -10.17 -2.61
N ASN B 610 -14.74 -8.89 -2.93
CA ASN B 610 -14.98 -7.87 -1.92
C ASN B 610 -16.30 -8.07 -1.16
N GLU B 611 -17.33 -8.56 -1.84
CA GLU B 611 -18.60 -8.85 -1.20
C GLU B 611 -18.43 -9.99 -0.19
N ILE B 612 -17.75 -11.05 -0.64
CA ILE B 612 -17.45 -12.20 0.22
C ILE B 612 -16.59 -11.78 1.40
N ASP B 613 -15.65 -10.87 1.15
CA ASP B 613 -14.80 -10.32 2.19
C ASP B 613 -15.66 -9.58 3.21
N LYS B 614 -16.58 -8.76 2.70
CA LYS B 614 -17.46 -7.96 3.54
C LYS B 614 -18.31 -8.82 4.47
N GLN B 615 -18.85 -9.92 3.95
CA GLN B 615 -19.74 -10.77 4.74
C GLN B 615 -19.01 -11.75 5.65
N LEU B 616 -17.84 -12.20 5.22
CA LEU B 616 -17.14 -13.29 5.93
C LEU B 616 -15.76 -12.91 6.46
N GLY B 617 -15.00 -12.16 5.68
CA GLY B 617 -13.63 -11.82 6.04
C GLY B 617 -12.65 -12.91 5.60
N PHE B 618 -11.39 -12.53 5.43
CA PHE B 618 -10.37 -13.47 4.96
C PHE B 618 -9.21 -13.57 5.95
N GLN B 619 -8.54 -14.73 5.97
CA GLN B 619 -7.33 -14.89 6.79
C GLN B 619 -6.18 -14.15 6.12
N HIS B 620 -5.47 -13.33 6.89
CA HIS B 620 -4.56 -12.34 6.31
C HIS B 620 -3.56 -11.82 7.34
N THR B 621 -2.30 -11.65 6.92
CA THR B 621 -1.31 -10.96 7.76
C THR B 621 -0.58 -9.89 6.94
N ASP B 622 0.17 -9.03 7.63
CA ASP B 622 0.94 -7.99 6.95
C ASP B 622 2.13 -8.56 6.20
N ALA B 623 2.75 -9.59 6.77
CA ALA B 623 3.94 -10.21 6.19
C ALA B 623 3.64 -11.26 5.11
N HIS B 624 2.51 -11.94 5.23
CA HIS B 624 2.19 -13.05 4.33
C HIS B 624 1.05 -12.74 3.34
N GLY B 625 0.41 -11.59 3.50
CA GLY B 625 -0.76 -11.27 2.70
C GLY B 625 -1.87 -12.24 3.04
N TYR B 626 -2.62 -12.69 2.05
CA TYR B 626 -3.68 -13.66 2.28
C TYR B 626 -3.12 -15.04 2.59
N LEU B 627 -3.57 -15.63 3.69
CA LEU B 627 -3.05 -16.91 4.15
C LEU B 627 -3.64 -18.07 3.37
N SER B 628 -2.81 -19.09 3.13
CA SER B 628 -3.24 -20.32 2.50
C SER B 628 -2.50 -21.49 3.14
N GLY B 629 -3.05 -22.69 3.03
CA GLY B 629 -2.36 -23.88 3.50
C GLY B 629 -1.11 -24.10 2.66
N CYS B 630 -1.15 -23.56 1.44
CA CYS B 630 -0.04 -23.67 0.50
C CYS B 630 0.74 -22.36 0.47
N PRO B 631 1.99 -22.39 0.97
CA PRO B 631 2.86 -21.20 1.02
C PRO B 631 3.18 -20.59 -0.34
N THR B 632 3.02 -21.37 -1.42
CA THR B 632 3.18 -20.84 -2.77
C THR B 632 2.01 -19.93 -3.13
N ASN B 633 0.90 -20.08 -2.39
CA ASN B 633 -0.32 -19.32 -2.64
C ASN B 633 -0.54 -18.13 -1.72
N LEU B 634 0.52 -17.68 -1.05
CA LEU B 634 0.40 -16.53 -0.15
C LEU B 634 0.32 -15.21 -0.90
N GLY B 635 0.36 -14.10 -0.18
CA GLY B 635 0.31 -12.77 -0.77
C GLY B 635 -1.01 -12.48 -1.47
N THR B 636 -0.95 -12.34 -2.80
CA THR B 636 -2.14 -12.10 -3.61
C THR B 636 -2.98 -13.36 -3.74
N GLY B 637 -2.31 -14.52 -3.65
CA GLY B 637 -2.95 -15.79 -3.90
C GLY B 637 -3.48 -15.85 -5.32
N MET B 638 -2.86 -15.07 -6.20
CA MET B 638 -3.41 -14.82 -7.53
C MET B 638 -2.68 -15.53 -8.67
N ARG B 639 -3.46 -15.99 -9.65
CA ARG B 639 -2.94 -16.30 -10.96
C ARG B 639 -3.75 -15.55 -12.01
N ALA B 640 -3.12 -14.59 -12.67
CA ALA B 640 -3.72 -13.87 -13.78
C ALA B 640 -3.11 -14.40 -15.07
N SER B 641 -3.95 -14.72 -16.05
CA SER B 641 -3.46 -15.33 -17.29
C SER B 641 -4.27 -14.94 -18.53
N VAL B 642 -3.59 -14.92 -19.67
CA VAL B 642 -4.25 -14.69 -20.95
C VAL B 642 -3.71 -15.67 -22.00
N HIS B 643 -4.59 -16.14 -22.87
CA HIS B 643 -4.15 -16.90 -24.03
C HIS B 643 -3.96 -15.91 -25.18
N VAL B 644 -2.72 -15.70 -25.60
CA VAL B 644 -2.44 -14.78 -26.69
C VAL B 644 -1.69 -15.49 -27.82
N LYS B 645 -2.05 -15.15 -29.05
CA LYS B 645 -1.41 -15.71 -30.24
C LYS B 645 -0.14 -14.93 -30.56
N ILE B 646 0.99 -15.39 -30.04
CA ILE B 646 2.27 -14.75 -30.31
C ILE B 646 3.22 -15.60 -31.17
N PRO B 647 3.42 -15.17 -32.43
CA PRO B 647 4.41 -15.64 -33.41
C PRO B 647 5.63 -14.72 -33.50
N LYS B 648 5.43 -13.48 -33.97
CA LYS B 648 6.52 -12.51 -34.11
C LYS B 648 7.13 -12.14 -32.75
N ALA B 649 6.29 -11.63 -31.85
CA ALA B 649 6.74 -11.20 -30.52
C ALA B 649 7.40 -12.34 -29.75
N SER B 650 6.85 -13.54 -29.88
CA SER B 650 7.39 -14.73 -29.25
C SER B 650 8.75 -15.10 -29.83
N ALA B 651 9.07 -14.53 -31.00
CA ALA B 651 10.37 -14.74 -31.64
C ALA B 651 11.24 -13.49 -31.56
N HIS B 652 10.64 -12.37 -31.16
CA HIS B 652 11.36 -11.12 -30.99
C HIS B 652 12.40 -11.24 -29.88
N PRO B 653 13.55 -10.56 -30.04
CA PRO B 653 14.62 -10.63 -29.04
C PRO B 653 14.21 -10.09 -27.67
N ASP B 654 13.50 -8.97 -27.66
CA ASP B 654 13.09 -8.31 -26.42
C ASP B 654 11.98 -9.06 -25.68
N PHE B 655 11.69 -10.28 -26.12
CA PHE B 655 10.66 -11.10 -25.51
C PHE B 655 10.94 -11.36 -24.03
N GLN B 656 12.18 -11.72 -23.74
CA GLN B 656 12.59 -11.99 -22.36
C GLN B 656 12.76 -10.68 -21.58
N LYS B 657 13.18 -9.62 -22.27
CA LYS B 657 13.31 -8.30 -21.65
C LYS B 657 11.96 -7.82 -21.11
N ILE B 658 10.90 -8.13 -21.86
CA ILE B 658 9.55 -7.74 -21.51
C ILE B 658 8.96 -8.63 -20.41
N CYS B 659 9.14 -9.95 -20.55
CA CYS B 659 8.62 -10.89 -19.56
C CYS B 659 9.24 -10.74 -18.17
N ASP B 660 10.53 -10.38 -18.14
CA ASP B 660 11.25 -10.23 -16.89
C ASP B 660 10.92 -8.91 -16.17
N GLU B 661 10.79 -7.83 -16.92
CA GLU B 661 10.50 -6.52 -16.34
C GLU B 661 9.12 -6.49 -15.70
N PHE B 662 8.16 -7.18 -16.31
CA PHE B 662 6.79 -7.19 -15.82
C PHE B 662 6.50 -8.45 -15.00
N HIS B 663 7.52 -9.30 -14.83
CA HIS B 663 7.43 -10.48 -14.00
C HIS B 663 6.33 -11.44 -14.43
N ILE B 664 6.30 -11.77 -15.71
CA ILE B 664 5.32 -12.71 -16.24
C ILE B 664 6.00 -13.86 -16.97
N GLN B 665 5.30 -15.00 -17.08
CA GLN B 665 5.85 -16.15 -17.79
C GLN B 665 4.93 -16.60 -18.92
N ALA B 666 5.48 -16.63 -20.14
CA ALA B 666 4.74 -17.07 -21.32
C ALA B 666 5.16 -18.48 -21.71
N ARG B 667 4.37 -19.47 -21.29
CA ARG B 667 4.65 -20.87 -21.62
C ARG B 667 3.43 -21.76 -21.36
N GLY B 668 3.50 -23.00 -21.83
CA GLY B 668 2.49 -24.00 -21.52
C GLY B 668 1.46 -24.23 -22.61
N ILE B 669 0.25 -24.59 -22.19
CA ILE B 669 -0.83 -24.88 -23.12
C ILE B 669 -1.37 -23.61 -23.78
N VAL B 683 0.50 -20.46 -29.42
CA VAL B 683 -0.10 -19.51 -28.48
C VAL B 683 -0.02 -20.06 -27.06
N PHE B 684 0.28 -19.19 -26.10
CA PHE B 684 0.61 -19.64 -24.74
C PHE B 684 -0.33 -19.16 -23.65
N ASP B 685 -0.05 -19.64 -22.45
CA ASP B 685 -0.56 -19.04 -21.23
C ASP B 685 0.51 -18.08 -20.78
N ILE B 686 0.21 -16.78 -20.83
CA ILE B 686 1.08 -15.79 -20.19
C ILE B 686 0.51 -15.53 -18.80
N SER B 687 1.31 -15.78 -17.77
CA SER B 687 0.83 -15.68 -16.40
C SER B 687 1.83 -14.97 -15.50
N ASN B 688 1.38 -14.57 -14.31
CA ASN B 688 2.22 -13.88 -13.35
C ASN B 688 3.19 -14.82 -12.65
N ARG B 689 4.38 -14.33 -12.32
CA ARG B 689 5.40 -15.13 -11.66
C ARG B 689 5.39 -14.90 -10.15
N ARG B 690 4.93 -13.72 -9.74
CA ARG B 690 5.01 -13.31 -8.34
C ARG B 690 3.66 -13.23 -7.63
N ARG B 691 3.69 -13.42 -6.31
CA ARG B 691 2.47 -13.32 -5.50
C ARG B 691 2.67 -12.50 -4.23
N LEU B 692 3.91 -12.42 -3.76
CA LEU B 692 4.23 -11.62 -2.57
C LEU B 692 5.06 -10.40 -2.94
N GLY B 693 4.79 -9.27 -2.30
CA GLY B 693 5.54 -8.06 -2.56
C GLY B 693 4.90 -7.14 -3.57
N LEU B 694 3.78 -7.58 -4.15
CA LEU B 694 3.02 -6.77 -5.09
C LEU B 694 1.53 -6.97 -4.84
N SER B 695 0.74 -5.93 -5.10
CA SER B 695 -0.71 -6.02 -4.88
C SER B 695 -1.41 -6.70 -6.04
N GLU B 696 -2.66 -7.11 -5.82
CA GLU B 696 -3.46 -7.70 -6.88
C GLU B 696 -3.61 -6.70 -8.04
N VAL B 697 -3.77 -5.43 -7.67
CA VAL B 697 -3.87 -4.35 -8.66
C VAL B 697 -2.58 -4.24 -9.48
N GLN B 698 -1.44 -4.26 -8.79
CA GLN B 698 -0.14 -4.16 -9.46
C GLN B 698 0.11 -5.36 -10.35
N CYS B 699 -0.35 -6.52 -9.92
CA CYS B 699 -0.22 -7.74 -10.71
C CYS B 699 -0.98 -7.65 -12.02
N VAL B 700 -2.27 -7.31 -11.93
CA VAL B 700 -3.13 -7.17 -13.10
C VAL B 700 -2.59 -6.10 -14.06
N GLN B 701 -2.15 -4.98 -13.52
CA GLN B 701 -1.57 -3.91 -14.34
C GLN B 701 -0.29 -4.37 -15.03
N ASP B 702 0.55 -5.11 -14.32
CA ASP B 702 1.78 -5.65 -14.89
C ASP B 702 1.48 -6.55 -16.10
N MET B 703 0.45 -7.39 -15.95
CA MET B 703 0.04 -8.28 -17.02
C MET B 703 -0.45 -7.48 -18.22
N TYR B 704 -1.25 -6.45 -17.95
CA TYR B 704 -1.76 -5.59 -19.02
C TYR B 704 -0.61 -4.91 -19.75
N ASN B 705 0.34 -4.34 -19.00
CA ASN B 705 1.46 -3.64 -19.59
C ASN B 705 2.39 -4.55 -20.39
N GLY B 706 2.60 -5.77 -19.90
CA GLY B 706 3.44 -6.73 -20.59
C GLY B 706 2.82 -7.22 -21.89
N VAL B 707 1.57 -7.65 -21.82
CA VAL B 707 0.81 -8.08 -22.99
C VAL B 707 0.70 -6.95 -24.01
N LYS B 708 0.54 -5.72 -23.50
CA LYS B 708 0.46 -4.53 -24.35
C LYS B 708 1.72 -4.37 -25.20
N LYS B 709 2.89 -4.51 -24.56
CA LYS B 709 4.16 -4.44 -25.27
C LYS B 709 4.30 -5.52 -26.33
N LEU B 710 3.90 -6.73 -25.99
CA LEU B 710 3.99 -7.86 -26.92
C LEU B 710 3.16 -7.62 -28.18
N LEU B 711 1.98 -7.04 -28.02
CA LEU B 711 1.11 -6.73 -29.14
C LEU B 711 1.69 -5.64 -30.04
N GLU B 712 2.30 -4.64 -29.42
CA GLU B 712 2.99 -3.57 -30.15
C GLU B 712 4.11 -4.12 -31.03
N ILE B 713 4.86 -5.09 -30.49
CA ILE B 713 5.87 -5.81 -31.27
C ILE B 713 5.21 -6.60 -32.41
N GLU B 714 4.04 -7.18 -32.11
CA GLU B 714 3.33 -8.03 -33.06
C GLU B 714 2.94 -7.29 -34.35
N LYS B 715 2.58 -6.02 -34.21
CA LYS B 715 2.06 -5.25 -35.33
C LYS B 715 2.94 -4.06 -35.71
N SER B 716 4.25 -4.22 -35.56
CA SER B 716 5.22 -3.20 -36.00
C SER B 716 6.59 -3.82 -36.27
#